data_6MJZ
#
_entry.id   6MJZ
#
_cell.length_a   1.0
_cell.length_b   1.0
_cell.length_c   1.0
_cell.angle_alpha   90.00
_cell.angle_beta   90.00
_cell.angle_gamma   90.00
#
_symmetry.space_group_name_H-M   'P 1'
#
loop_
_entity.id
_entity.type
_entity.pdbx_description
1 polymer 'Fusion glycoprotein F0'
2 polymer 'PIA174 Fab Heavy chain'
3 polymer 'PIA174 Fab Light chain'
#
loop_
_entity_poly.entity_id
_entity_poly.type
_entity_poly.pdbx_seq_one_letter_code
_entity_poly.pdbx_strand_id
1 'polypeptide(L)'
;QIDITKLQHVGVLVNSPKGMKISQNFETRYLILSLIPKIEDSNSCGDQQIKQYKRLLDRLIIPLYDGLKLQKDVIVTNQE
SNENTDPRTERFFGGVIGTIALGVATSAQITAAVALVEAKQAKSDIEKLKEAIRDTNKAVQSVCSSVGNCIVAIKSVQDY
VNKEIVPSIARLGCEAAGLQLGIALTQHYSELTNCFGDNIGSLQEKGIKLQCIASLYRTNITEIFTTSTVDKYDIYDLLF
TESIKVRVIDVDLNDYSITLQVRLPLLTRLLNTQIYKVDSISYNIQNREWYIPLPSHIMTKGAFLGGADVKECIEAFSSY
ICPSDPGFVLNHEMESCLSGNISQCPRTTVTSDIVPRYAFVNGGVVANCITTTCTCNGIGNRINQPPDQGVKIITHKECN
TIGINGMLFNTNKEGTLAFYTPDDITLNNSVALDPIDISIELNKVKSDLEESKEWYRRSNQKLSAIEDKIEEILSKIYHI
ENEIARIKKLIGEAP
;
A,B,C
2 'polypeptide(L)'
;VQLQESGPGLVKPSETLSLTCTVSGGSVSSYYWSWIRQPPGKGLEWIGNIYYSGTTKYNPSLKSRVTISVDVSKNQFSLN
LISVTAADTAVYFCARQVKSGWFVQPFDYWGQGALVTVSSASTKGPSVFPLAPSSKSTSGGTAALGCLVKDYFPEPVTVS
WNSGALTSGVHTFPAVLQSSGLYSLSSVVTVPSSSLGTQTYICNVNHKPSNTKVDKKVEPK
;
H
3 'polypeptide(L)'
;QMTQSPPSLSAYVGDRVTITCRASQAIANYLAWFQQKPGKAPKSLIYAASTLQSGVPSRFSGSGSGTDFTLTISSLQPED
FATYYCHQYNTYPITFGQGTRLEIKRRTVAAPSVFIFPPSDEQLKSGTASVVCLLNNFYPREAKVQWKVDNALQSGNSQE
SVTEQDSKDSTYSLSSTLTLSKADYEKHKVYACEVTHQGLSSPVTKS
;
L
#
# COMPACT_ATOMS: atom_id res chain seq x y z
N ILE A 2 -24.29 15.41 33.84
CA ILE A 2 -23.53 16.06 32.78
C ILE A 2 -24.35 17.22 32.23
N ASP A 3 -23.78 18.43 32.31
CA ASP A 3 -24.48 19.65 31.90
C ASP A 3 -24.44 19.72 30.37
N ILE A 4 -25.33 18.94 29.76
CA ILE A 4 -25.35 18.82 28.31
C ILE A 4 -25.83 20.11 27.67
N THR A 5 -26.70 20.85 28.34
CA THR A 5 -27.43 21.92 27.69
C THR A 5 -26.71 23.25 27.73
N LYS A 6 -26.25 23.66 28.92
CA LYS A 6 -25.70 24.99 29.09
C LYS A 6 -24.45 25.22 28.25
N LEU A 7 -23.76 24.16 27.85
CA LEU A 7 -22.61 24.31 26.97
C LEU A 7 -23.00 24.85 25.61
N GLN A 8 -24.25 24.69 25.21
CA GLN A 8 -24.67 25.01 23.85
C GLN A 8 -24.89 26.49 23.62
N HIS A 9 -24.42 27.34 24.54
CA HIS A 9 -24.17 28.75 24.27
C HIS A 9 -22.70 29.11 24.35
N VAL A 10 -21.83 28.11 24.46
CA VAL A 10 -20.39 28.32 24.32
C VAL A 10 -19.82 27.30 23.34
N GLY A 11 -20.65 26.75 22.47
CA GLY A 11 -20.15 26.07 21.30
C GLY A 11 -19.82 24.60 21.44
N VAL A 12 -20.83 23.79 21.76
CA VAL A 12 -20.64 22.35 21.91
C VAL A 12 -21.83 21.60 21.34
N LEU A 13 -21.55 20.46 20.69
CA LEU A 13 -22.52 19.41 20.44
C LEU A 13 -22.08 18.17 21.20
N VAL A 14 -22.83 17.81 22.22
CA VAL A 14 -22.70 16.52 22.88
C VAL A 14 -23.80 15.63 22.32
N ASN A 15 -23.42 14.64 21.50
CA ASN A 15 -24.38 13.88 20.73
C ASN A 15 -25.36 13.11 21.61
N SER A 16 -24.88 12.11 22.32
CA SER A 16 -25.77 11.20 23.00
C SER A 16 -25.02 10.17 23.84
N PRO A 17 -25.63 9.60 24.88
CA PRO A 17 -25.03 8.44 25.53
C PRO A 17 -25.03 7.22 24.63
N LYS A 18 -23.97 6.42 24.75
CA LYS A 18 -23.88 5.12 24.13
C LYS A 18 -23.17 4.17 25.07
N GLY A 19 -23.53 2.90 24.98
CA GLY A 19 -23.04 1.90 25.90
C GLY A 19 -21.59 1.55 25.66
N MET A 20 -21.20 0.32 25.98
CA MET A 20 -19.82 -0.11 25.77
C MET A 20 -19.75 -1.62 25.90
N LYS A 21 -18.71 -2.18 25.30
CA LYS A 21 -18.39 -3.59 25.42
C LYS A 21 -16.88 -3.70 25.60
N ILE A 22 -16.45 -4.86 26.11
CA ILE A 22 -15.03 -5.19 26.17
C ILE A 22 -14.86 -6.68 25.95
N SER A 23 -13.77 -7.05 25.27
CA SER A 23 -13.39 -8.44 25.09
C SER A 23 -12.79 -8.92 26.41
N GLN A 24 -13.64 -9.47 27.27
CA GLN A 24 -13.19 -9.91 28.58
C GLN A 24 -12.16 -11.02 28.46
N ASN A 25 -12.48 -12.05 27.69
CA ASN A 25 -11.75 -13.30 27.70
C ASN A 25 -10.80 -13.39 26.52
N PHE A 26 -10.17 -14.57 26.39
CA PHE A 26 -9.36 -14.95 25.24
C PHE A 26 -9.91 -16.28 24.74
N GLU A 27 -10.93 -16.23 23.90
CA GLU A 27 -11.31 -17.41 23.13
C GLU A 27 -10.34 -17.54 21.97
N THR A 28 -9.76 -18.73 21.81
CA THR A 28 -8.60 -18.91 20.95
C THR A 28 -8.67 -20.19 20.16
N ARG A 29 -8.61 -20.07 18.83
CA ARG A 29 -8.30 -21.13 17.89
C ARG A 29 -7.01 -20.77 17.19
N TYR A 30 -6.46 -21.75 16.46
CA TYR A 30 -5.21 -21.58 15.74
C TYR A 30 -5.41 -21.84 14.26
N LEU A 31 -4.61 -21.16 13.45
CA LEU A 31 -4.55 -21.35 12.01
C LEU A 31 -3.14 -21.67 11.61
N ILE A 32 -3.00 -22.36 10.48
CA ILE A 32 -1.71 -22.53 9.85
C ILE A 32 -1.90 -22.41 8.35
N LEU A 33 -0.79 -22.13 7.66
CA LEU A 33 -0.79 -21.87 6.24
C LEU A 33 0.20 -22.78 5.54
N SER A 34 -0.05 -23.02 4.27
CA SER A 34 0.90 -23.67 3.38
C SER A 34 0.95 -22.84 2.11
N LEU A 35 2.04 -22.10 1.95
CA LEU A 35 2.11 -21.04 0.96
C LEU A 35 2.35 -21.53 -0.45
N ILE A 36 2.42 -22.83 -0.66
CA ILE A 36 2.60 -23.41 -1.99
C ILE A 36 1.26 -23.97 -2.43
N PRO A 37 0.90 -23.90 -3.71
CA PRO A 37 -0.19 -24.72 -4.22
C PRO A 37 0.32 -26.05 -4.75
N LYS A 38 -0.55 -27.05 -4.67
CA LYS A 38 -0.24 -28.40 -5.10
C LYS A 38 -0.93 -28.70 -6.43
N ILE A 39 -0.23 -29.41 -7.29
CA ILE A 39 -0.75 -29.90 -8.55
C ILE A 39 -0.85 -31.42 -8.47
N GLU A 40 -1.86 -31.97 -9.14
CA GLU A 40 -2.08 -33.41 -9.09
C GLU A 40 -1.09 -34.16 -9.96
N ASP A 41 -0.76 -33.61 -11.13
CA ASP A 41 0.25 -34.19 -12.00
C ASP A 41 1.00 -33.05 -12.67
N SER A 42 2.33 -33.05 -12.51
CA SER A 42 3.21 -32.15 -13.24
C SER A 42 4.03 -33.02 -14.20
N ASN A 43 3.43 -33.30 -15.36
CA ASN A 43 4.14 -33.99 -16.43
C ASN A 43 4.98 -32.95 -17.17
N SER A 44 6.06 -32.54 -16.50
CA SER A 44 6.88 -31.41 -16.93
C SER A 44 6.04 -30.15 -17.03
N CYS A 45 5.25 -29.90 -15.99
CA CYS A 45 4.37 -28.74 -15.92
C CYS A 45 5.00 -27.66 -15.05
N GLY A 46 4.22 -26.65 -14.71
CA GLY A 46 4.72 -25.46 -14.04
C GLY A 46 5.43 -25.73 -12.73
N ASP A 47 6.75 -25.60 -12.75
CA ASP A 47 7.56 -25.64 -11.55
C ASP A 47 8.63 -24.55 -11.49
N GLN A 48 8.95 -23.89 -12.59
CA GLN A 48 9.85 -22.75 -12.52
C GLN A 48 9.23 -21.61 -11.74
N GLN A 49 7.96 -21.30 -12.02
CA GLN A 49 7.29 -20.21 -11.33
C GLN A 49 7.25 -20.45 -9.83
N ILE A 50 7.05 -21.69 -9.43
CA ILE A 50 7.03 -22.02 -8.02
C ILE A 50 8.40 -21.79 -7.42
N LYS A 51 9.45 -22.09 -8.18
CA LYS A 51 10.80 -21.84 -7.70
C LYS A 51 11.07 -20.36 -7.56
N GLN A 52 10.59 -19.55 -8.51
CA GLN A 52 10.76 -18.12 -8.43
C GLN A 52 10.08 -17.57 -7.18
N TYR A 53 8.81 -17.95 -6.99
CA TYR A 53 8.08 -17.54 -5.79
C TYR A 53 8.78 -17.98 -4.53
N LYS A 54 9.28 -19.22 -4.53
CA LYS A 54 10.00 -19.77 -3.38
C LYS A 54 11.22 -18.91 -3.06
N ARG A 55 12.02 -18.61 -4.08
CA ARG A 55 13.22 -17.80 -3.89
C ARG A 55 12.85 -16.42 -3.40
N LEU A 56 11.74 -15.86 -3.90
CA LEU A 56 11.33 -14.53 -3.49
C LEU A 56 10.90 -14.52 -2.05
N LEU A 57 10.26 -15.60 -1.61
CA LEU A 57 9.63 -15.60 -0.31
C LEU A 57 10.62 -15.66 0.84
N ASP A 58 11.87 -16.04 0.55
CA ASP A 58 12.91 -16.05 1.57
C ASP A 58 13.04 -14.69 2.25
N ARG A 59 12.97 -13.61 1.45
CA ARG A 59 13.17 -12.26 1.96
C ARG A 59 12.15 -11.94 3.04
N LEU A 60 10.91 -12.37 2.83
CA LEU A 60 9.87 -12.09 3.81
C LEU A 60 9.90 -13.06 4.97
N ILE A 61 10.28 -14.31 4.72
CA ILE A 61 10.07 -15.36 5.71
C ILE A 61 11.22 -15.46 6.70
N ILE A 62 12.43 -15.08 6.32
CA ILE A 62 13.59 -15.29 7.18
C ILE A 62 13.61 -14.30 8.34
N PRO A 63 13.36 -13.00 8.15
CA PRO A 63 13.27 -12.12 9.32
C PRO A 63 12.23 -12.56 10.33
N LEU A 64 11.15 -13.17 9.86
CA LEU A 64 10.13 -13.69 10.76
C LEU A 64 10.70 -14.79 11.63
N TYR A 65 11.48 -15.70 11.04
CA TYR A 65 12.07 -16.77 11.84
C TYR A 65 13.09 -16.21 12.81
N ASP A 66 13.87 -15.22 12.38
CA ASP A 66 14.85 -14.62 13.28
C ASP A 66 14.17 -13.98 14.48
N GLY A 67 13.09 -13.25 14.22
CA GLY A 67 12.37 -12.62 15.32
C GLY A 67 11.71 -13.63 16.23
N LEU A 68 11.04 -14.63 15.64
CA LEU A 68 10.40 -15.69 16.42
C LEU A 68 11.41 -16.39 17.29
N LYS A 69 12.61 -16.61 16.77
CA LYS A 69 13.69 -17.18 17.57
C LYS A 69 14.09 -16.24 18.70
N LEU A 70 14.08 -14.94 18.43
CA LEU A 70 14.38 -13.97 19.48
C LEU A 70 13.29 -13.89 20.55
N GLN A 71 12.06 -14.33 20.23
CA GLN A 71 10.93 -14.14 21.14
C GLN A 71 11.17 -14.75 22.52
N LYS A 72 12.00 -15.78 22.60
CA LYS A 72 12.14 -16.53 23.84
C LYS A 72 12.71 -15.70 24.98
N ASP A 73 12.15 -15.91 26.17
CA ASP A 73 12.69 -15.37 27.41
C ASP A 73 13.65 -16.39 28.02
N VAL A 74 14.00 -16.20 29.29
CA VAL A 74 14.72 -17.24 30.03
C VAL A 74 13.84 -18.47 30.01
N ILE A 75 14.32 -19.52 29.35
CA ILE A 75 13.42 -20.54 28.82
C ILE A 75 13.06 -21.54 29.90
N VAL A 76 11.91 -22.18 29.71
CA VAL A 76 11.33 -23.09 30.70
C VAL A 76 10.98 -24.43 30.05
N THR A 77 11.70 -24.78 28.99
CA THR A 77 11.39 -25.98 28.23
C THR A 77 11.71 -27.24 29.02
N ALA A 105 12.44 -10.09 26.59
CA ALA A 105 13.14 -8.96 27.17
C ALA A 105 12.19 -7.81 27.43
N THR A 106 11.39 -7.48 26.43
CA THR A 106 10.54 -6.31 26.46
C THR A 106 9.14 -6.70 26.90
N SER A 107 8.26 -5.70 26.95
CA SER A 107 6.97 -5.84 27.61
C SER A 107 6.08 -6.89 26.98
N ALA A 108 5.56 -6.65 25.78
CA ALA A 108 4.58 -7.57 25.22
C ALA A 108 5.22 -8.87 24.77
N GLN A 109 6.56 -8.91 24.64
CA GLN A 109 7.26 -10.17 24.45
C GLN A 109 6.93 -11.15 25.57
N ILE A 110 6.72 -10.63 26.78
CA ILE A 110 6.35 -11.45 27.93
C ILE A 110 5.10 -12.26 27.60
N THR A 111 4.00 -11.55 27.36
CA THR A 111 2.72 -12.20 27.14
C THR A 111 2.73 -13.02 25.87
N ALA A 112 3.42 -12.53 24.83
CA ALA A 112 3.52 -13.27 23.59
C ALA A 112 4.18 -14.62 23.82
N ALA A 113 5.35 -14.62 24.44
CA ALA A 113 6.08 -15.86 24.66
C ALA A 113 5.33 -16.79 25.60
N VAL A 114 4.62 -16.24 26.58
CA VAL A 114 3.82 -17.09 27.45
C VAL A 114 2.71 -17.76 26.65
N ALA A 115 2.11 -17.03 25.72
CA ALA A 115 1.10 -17.63 24.86
C ALA A 115 1.71 -18.67 23.93
N LEU A 116 2.95 -18.46 23.50
CA LEU A 116 3.63 -19.46 22.69
C LEU A 116 3.87 -20.75 23.50
N VAL A 117 4.21 -20.60 24.78
CA VAL A 117 4.40 -21.78 25.60
C VAL A 117 3.07 -22.48 25.84
N GLU A 118 2.00 -21.72 26.00
CA GLU A 118 0.69 -22.33 26.11
C GLU A 118 0.27 -22.99 24.80
N ALA A 119 0.79 -22.52 23.67
CA ALA A 119 0.61 -23.19 22.39
C ALA A 119 1.48 -24.42 22.26
N LYS A 120 2.55 -24.51 23.04
CA LYS A 120 3.35 -25.73 23.07
C LYS A 120 2.51 -26.93 23.49
N GLN A 121 1.46 -26.71 24.26
CA GLN A 121 0.60 -27.81 24.69
C GLN A 121 -0.18 -28.40 23.52
N ALA A 122 -0.58 -27.59 22.55
CA ALA A 122 -1.27 -28.04 21.35
C ALA A 122 -0.32 -28.26 20.18
N LYS A 123 0.96 -27.93 20.36
CA LYS A 123 2.01 -28.33 19.42
C LYS A 123 1.88 -29.81 19.03
N SER A 124 1.47 -30.65 19.97
CA SER A 124 1.26 -32.06 19.68
C SER A 124 0.30 -32.24 18.51
N ASP A 125 -0.93 -31.71 18.64
CA ASP A 125 -1.90 -31.82 17.55
C ASP A 125 -1.40 -31.14 16.30
N ILE A 126 -0.78 -29.98 16.45
CA ILE A 126 -0.33 -29.21 15.30
C ILE A 126 0.68 -30.03 14.49
N GLU A 127 1.66 -30.61 15.17
CA GLU A 127 2.73 -31.32 14.51
C GLU A 127 2.29 -32.69 14.03
N LYS A 128 1.28 -33.29 14.67
CA LYS A 128 0.67 -34.46 14.07
C LYS A 128 -0.02 -34.10 12.77
N LEU A 129 -0.76 -32.99 12.76
CA LEU A 129 -1.72 -32.73 11.72
C LEU A 129 -1.21 -31.86 10.58
N LYS A 130 0.02 -31.36 10.66
CA LYS A 130 0.49 -30.49 9.58
C LYS A 130 0.61 -31.27 8.27
N GLU A 131 0.88 -32.56 8.35
CA GLU A 131 1.25 -33.30 7.13
C GLU A 131 0.06 -33.58 6.24
N ALA A 132 -1.15 -33.59 6.78
CA ALA A 132 -2.32 -33.98 5.99
C ALA A 132 -2.56 -33.03 4.83
N ILE A 133 -2.03 -31.80 4.92
CA ILE A 133 -2.19 -30.84 3.83
C ILE A 133 -1.27 -31.22 2.68
N ARG A 134 0.02 -31.37 2.97
CA ARG A 134 0.96 -31.77 1.93
C ARG A 134 0.59 -33.13 1.36
N ASP A 135 0.02 -34.00 2.18
CA ASP A 135 -0.36 -35.32 1.73
C ASP A 135 -1.46 -35.25 0.67
N THR A 136 -2.40 -34.32 0.83
CA THR A 136 -3.59 -34.27 -0.02
C THR A 136 -3.94 -32.84 -0.38
N ASN A 137 -4.16 -32.61 -1.67
CA ASN A 137 -4.66 -31.33 -2.14
C ASN A 137 -6.08 -31.09 -1.65
N LYS A 138 -6.32 -29.88 -1.15
CA LYS A 138 -7.63 -29.47 -0.68
C LYS A 138 -7.55 -27.99 -0.35
N ALA A 139 -8.67 -27.30 -0.48
CA ALA A 139 -8.68 -25.86 -0.27
C ALA A 139 -8.54 -25.52 1.21
N VAL A 140 -9.46 -26.03 2.03
CA VAL A 140 -9.51 -25.75 3.45
C VAL A 140 -9.56 -27.07 4.19
N GLN A 141 -8.72 -27.20 5.20
CA GLN A 141 -8.61 -28.43 5.99
C GLN A 141 -9.32 -28.21 7.32
N SER A 142 -10.26 -29.09 7.62
CA SER A 142 -11.12 -28.95 8.80
C SER A 142 -10.88 -30.05 9.84
N VAL A 143 -9.70 -30.68 9.80
CA VAL A 143 -9.38 -31.69 10.80
C VAL A 143 -9.30 -31.03 12.17
N CYS A 144 -10.01 -31.60 13.14
CA CYS A 144 -10.07 -31.01 14.47
C CYS A 144 -10.27 -32.10 15.51
N SER A 145 -9.66 -31.87 16.69
CA SER A 145 -9.75 -32.83 17.78
C SER A 145 -11.14 -32.85 18.39
N SER A 146 -11.69 -31.68 18.70
CA SER A 146 -13.00 -31.54 19.31
C SER A 146 -13.88 -30.68 18.39
N VAL A 147 -15.18 -30.69 18.69
CA VAL A 147 -16.11 -29.88 17.90
C VAL A 147 -15.88 -28.40 18.15
N GLY A 148 -15.74 -28.01 19.42
CA GLY A 148 -15.59 -26.60 19.74
C GLY A 148 -14.27 -26.03 19.28
N ASN A 149 -13.17 -26.65 19.69
CA ASN A 149 -11.83 -26.19 19.34
C ASN A 149 -11.40 -26.92 18.08
N CYS A 150 -11.14 -26.16 17.02
CA CYS A 150 -10.66 -26.72 15.76
C CYS A 150 -9.54 -25.86 15.20
N ILE A 151 -8.65 -26.53 14.48
CA ILE A 151 -7.50 -25.90 13.84
C ILE A 151 -7.54 -26.25 12.37
N VAL A 152 -7.37 -25.25 11.52
CA VAL A 152 -7.64 -25.38 10.09
C VAL A 152 -6.56 -24.67 9.32
N ALA A 153 -6.61 -24.82 8.00
CA ALA A 153 -5.56 -24.32 7.15
C ALA A 153 -6.09 -23.94 5.79
N ILE A 154 -5.25 -23.26 5.02
CA ILE A 154 -5.59 -22.76 3.71
C ILE A 154 -4.33 -22.74 2.85
N LYS A 155 -4.39 -23.45 1.72
CA LYS A 155 -3.34 -23.31 0.72
C LYS A 155 -3.51 -22.01 -0.03
N SER A 156 -2.40 -21.29 -0.21
CA SER A 156 -2.42 -19.87 -0.52
C SER A 156 -3.29 -19.53 -1.72
N VAL A 157 -3.33 -20.40 -2.72
CA VAL A 157 -3.95 -20.11 -4.01
C VAL A 157 -4.83 -21.25 -4.50
N GLN A 158 -4.97 -22.32 -3.72
CA GLN A 158 -5.54 -23.55 -4.26
C GLN A 158 -6.98 -23.37 -4.71
N ASP A 159 -7.72 -22.45 -4.09
CA ASP A 159 -9.08 -22.16 -4.50
C ASP A 159 -9.13 -21.72 -5.95
N TYR A 160 -8.11 -20.99 -6.41
CA TYR A 160 -7.98 -20.60 -7.80
C TYR A 160 -7.21 -21.61 -8.63
N VAL A 161 -6.34 -22.41 -7.99
CA VAL A 161 -5.61 -23.40 -8.75
C VAL A 161 -6.51 -24.52 -9.19
N ASN A 162 -7.63 -24.75 -8.49
CA ASN A 162 -8.57 -25.75 -8.97
C ASN A 162 -9.21 -25.38 -10.29
N LYS A 163 -9.05 -24.12 -10.76
CA LYS A 163 -9.42 -23.70 -12.09
C LYS A 163 -8.23 -23.24 -12.93
N GLU A 164 -7.06 -23.11 -12.33
CA GLU A 164 -5.81 -23.08 -13.09
C GLU A 164 -5.44 -24.47 -13.59
N ILE A 165 -6.01 -25.52 -13.02
CA ILE A 165 -5.72 -26.87 -13.48
C ILE A 165 -6.26 -27.08 -14.89
N VAL A 166 -7.42 -26.52 -15.18
CA VAL A 166 -8.11 -26.86 -16.42
C VAL A 166 -7.44 -26.20 -17.63
N PRO A 167 -6.89 -24.97 -17.58
CA PRO A 167 -6.03 -24.55 -18.70
C PRO A 167 -4.83 -25.45 -18.90
N SER A 168 -4.36 -26.12 -17.85
CA SER A 168 -3.19 -26.96 -17.99
C SER A 168 -3.55 -28.32 -18.60
N ILE A 169 -4.76 -28.81 -18.35
CA ILE A 169 -5.18 -30.12 -18.83
C ILE A 169 -6.59 -29.98 -19.40
N ALA A 170 -6.76 -30.44 -20.64
CA ALA A 170 -8.06 -30.56 -21.27
C ALA A 170 -8.75 -29.22 -21.51
N ARG A 171 -8.01 -28.12 -21.44
CA ARG A 171 -8.45 -26.89 -22.06
C ARG A 171 -7.34 -26.39 -22.96
N LEU A 172 -6.12 -26.34 -22.43
CA LEU A 172 -4.93 -25.95 -23.16
C LEU A 172 -3.76 -26.77 -22.63
N GLY A 173 -2.56 -26.47 -23.14
CA GLY A 173 -1.32 -27.02 -22.62
C GLY A 173 -0.78 -26.13 -21.50
N CYS A 174 0.41 -26.49 -20.98
CA CYS A 174 0.95 -25.86 -19.77
C CYS A 174 1.81 -24.64 -20.05
N GLU A 175 2.28 -24.46 -21.30
CA GLU A 175 3.25 -23.40 -21.59
C GLU A 175 2.76 -22.02 -21.16
N ALA A 176 1.45 -21.80 -21.20
CA ALA A 176 0.84 -20.54 -20.78
C ALA A 176 0.11 -20.63 -19.46
N ALA A 177 -0.33 -21.83 -19.05
CA ALA A 177 -0.88 -21.99 -17.72
C ALA A 177 0.18 -21.69 -16.67
N GLY A 178 1.42 -22.10 -16.94
CA GLY A 178 2.50 -21.75 -16.04
C GLY A 178 2.67 -20.25 -15.92
N LEU A 179 2.45 -19.54 -17.02
CA LEU A 179 2.55 -18.08 -17.00
C LEU A 179 1.44 -17.48 -16.16
N GLN A 180 0.22 -17.97 -16.35
CA GLN A 180 -0.90 -17.53 -15.52
C GLN A 180 -0.59 -17.77 -14.05
N LEU A 181 0.03 -18.90 -13.75
CA LEU A 181 0.39 -19.21 -12.39
C LEU A 181 1.43 -18.22 -11.88
N GLY A 182 2.40 -17.88 -12.73
CA GLY A 182 3.43 -16.94 -12.33
C GLY A 182 2.85 -15.59 -11.94
N ILE A 183 1.97 -15.07 -12.79
CA ILE A 183 1.37 -13.77 -12.49
C ILE A 183 0.52 -13.86 -11.23
N ALA A 184 -0.19 -14.97 -11.05
CA ALA A 184 -1.01 -15.14 -9.87
C ALA A 184 -0.17 -15.10 -8.60
N LEU A 185 0.94 -15.84 -8.62
CA LEU A 185 1.79 -15.89 -7.44
C LEU A 185 2.45 -14.56 -7.18
N THR A 186 2.77 -13.80 -8.23
CA THR A 186 3.39 -12.50 -8.01
C THR A 186 2.41 -11.53 -7.37
N GLN A 187 1.18 -11.48 -7.89
CA GLN A 187 0.15 -10.67 -7.24
C GLN A 187 0.00 -11.07 -5.79
N HIS A 188 -0.03 -12.37 -5.51
CA HIS A 188 -0.21 -12.82 -4.14
C HIS A 188 0.98 -12.45 -3.28
N TYR A 189 2.19 -12.50 -3.84
CA TYR A 189 3.37 -12.18 -3.06
C TYR A 189 3.40 -10.72 -2.68
N SER A 190 3.06 -9.84 -3.62
CA SER A 190 2.95 -8.43 -3.26
C SER A 190 1.85 -8.22 -2.24
N GLU A 191 0.74 -8.96 -2.39
CA GLU A 191 -0.40 -8.81 -1.50
C GLU A 191 -0.09 -9.27 -0.09
N LEU A 192 0.89 -10.15 0.08
CA LEU A 192 1.34 -10.52 1.42
C LEU A 192 2.43 -9.60 1.91
N THR A 193 3.34 -9.20 1.03
CA THR A 193 4.44 -8.36 1.44
C THR A 193 3.96 -6.96 1.85
N ASN A 194 2.77 -6.56 1.40
CA ASN A 194 2.23 -5.28 1.85
C ASN A 194 1.98 -5.26 3.35
N CYS A 195 1.44 -6.36 3.89
CA CYS A 195 0.97 -6.42 5.27
C CYS A 195 1.99 -7.01 6.23
N PHE A 196 2.79 -7.97 5.78
CA PHE A 196 4.01 -8.34 6.50
C PHE A 196 5.16 -7.44 6.07
N GLY A 197 4.93 -6.13 6.07
CA GLY A 197 5.84 -5.22 5.42
C GLY A 197 7.17 -5.09 6.12
N ASP A 198 8.22 -5.67 5.53
CA ASP A 198 9.50 -5.82 6.23
C ASP A 198 10.22 -4.48 6.34
N ASN A 199 9.64 -3.58 7.13
CA ASN A 199 10.26 -2.30 7.38
C ASN A 199 11.54 -2.45 8.19
N ILE A 200 11.64 -3.51 9.00
CA ILE A 200 12.76 -3.70 9.91
C ILE A 200 12.95 -5.20 10.12
N GLY A 201 14.18 -5.58 10.45
CA GLY A 201 14.46 -6.98 10.76
C GLY A 201 13.66 -7.46 11.95
N SER A 202 13.57 -6.63 12.99
CA SER A 202 12.80 -6.96 14.20
C SER A 202 11.41 -6.32 14.13
N LEU A 203 10.63 -6.75 13.13
CA LEU A 203 9.28 -6.24 12.91
C LEU A 203 8.22 -7.01 13.68
N GLN A 204 8.54 -8.22 14.16
CA GLN A 204 7.54 -9.14 14.72
C GLN A 204 6.76 -8.52 15.86
N GLU A 205 7.31 -7.55 16.57
CA GLU A 205 6.56 -6.89 17.63
C GLU A 205 5.36 -6.11 17.10
N LYS A 206 5.37 -5.74 15.82
CA LYS A 206 4.22 -5.08 15.22
C LYS A 206 3.17 -6.13 14.84
N GLY A 207 1.91 -5.73 14.89
CA GLY A 207 0.80 -6.66 14.73
C GLY A 207 0.33 -6.76 13.30
N ILE A 208 0.28 -7.99 12.80
CA ILE A 208 -0.39 -8.27 11.53
C ILE A 208 -1.88 -8.36 11.78
N LYS A 209 -2.66 -7.69 10.94
CA LYS A 209 -4.08 -7.61 11.15
C LYS A 209 -4.77 -8.83 10.57
N LEU A 210 -5.96 -9.11 11.10
CA LEU A 210 -6.78 -10.21 10.60
C LEU A 210 -7.26 -9.98 9.18
N GLN A 211 -7.18 -8.76 8.67
CA GLN A 211 -7.82 -8.44 7.40
C GLN A 211 -6.91 -8.68 6.21
N CYS A 212 -5.59 -8.55 6.34
CA CYS A 212 -4.73 -9.03 5.27
C CYS A 212 -4.89 -10.52 5.07
N ILE A 213 -4.90 -11.28 6.16
CA ILE A 213 -5.09 -12.72 6.03
C ILE A 213 -6.52 -13.04 5.66
N ALA A 214 -7.45 -12.13 5.96
CA ALA A 214 -8.80 -12.26 5.43
C ALA A 214 -8.79 -12.18 3.92
N SER A 215 -8.05 -11.23 3.38
CA SER A 215 -7.92 -11.05 1.94
C SER A 215 -6.96 -12.04 1.29
N LEU A 216 -6.21 -12.80 2.09
CA LEU A 216 -5.35 -13.86 1.54
C LEU A 216 -6.13 -14.76 0.61
N TYR A 217 -7.30 -15.20 1.03
CA TYR A 217 -8.35 -15.66 0.15
C TYR A 217 -9.32 -14.51 -0.04
N ARG A 218 -10.02 -14.53 -1.17
CA ARG A 218 -10.88 -13.41 -1.50
C ARG A 218 -12.28 -13.61 -0.94
N THR A 219 -12.86 -14.80 -1.16
CA THR A 219 -14.27 -15.05 -0.88
C THR A 219 -14.48 -16.23 0.04
N ASN A 220 -13.64 -16.38 1.07
CA ASN A 220 -13.83 -17.37 2.11
C ASN A 220 -13.94 -16.75 3.51
N ILE A 221 -13.91 -15.42 3.61
CA ILE A 221 -13.95 -14.79 4.92
C ILE A 221 -15.34 -14.91 5.54
N THR A 222 -16.39 -14.58 4.79
CA THR A 222 -17.74 -14.64 5.33
C THR A 222 -18.14 -16.07 5.71
N GLU A 223 -17.39 -17.07 5.25
CA GLU A 223 -17.57 -18.45 5.67
C GLU A 223 -16.75 -18.76 6.92
N ILE A 224 -15.42 -18.59 6.86
CA ILE A 224 -14.59 -19.09 7.95
C ILE A 224 -14.60 -18.15 9.14
N PHE A 225 -14.64 -16.85 8.93
CA PHE A 225 -14.66 -15.90 10.03
C PHE A 225 -16.01 -15.90 10.74
N THR A 226 -17.02 -16.58 10.18
CA THR A 226 -18.28 -16.84 10.87
C THR A 226 -18.43 -18.28 11.34
N THR A 227 -17.65 -19.21 10.79
CA THR A 227 -17.82 -20.65 11.04
C THR A 227 -16.70 -21.27 11.87
N SER A 228 -15.58 -20.55 12.07
CA SER A 228 -14.39 -21.12 12.70
C SER A 228 -14.72 -21.77 14.05
N THR A 229 -15.67 -21.19 14.76
CA THR A 229 -16.33 -21.85 15.88
C THR A 229 -17.72 -21.23 15.97
N VAL A 230 -18.38 -21.41 17.10
CA VAL A 230 -19.62 -20.70 17.36
C VAL A 230 -19.32 -19.20 17.35
N ASP A 231 -19.81 -18.52 16.33
CA ASP A 231 -19.74 -17.06 16.23
C ASP A 231 -21.14 -16.58 15.85
N LYS A 232 -21.87 -16.10 16.83
CA LYS A 232 -23.30 -15.89 16.70
C LYS A 232 -23.68 -14.46 16.33
N TYR A 233 -23.04 -13.48 16.95
CA TYR A 233 -23.44 -12.08 16.78
C TYR A 233 -23.25 -11.65 15.33
N ASP A 234 -24.04 -10.66 14.92
CA ASP A 234 -24.23 -10.40 13.51
C ASP A 234 -22.99 -9.78 12.87
N ILE A 235 -23.15 -9.41 11.60
CA ILE A 235 -22.07 -8.85 10.80
C ILE A 235 -21.48 -7.58 11.40
N TYR A 236 -22.24 -6.90 12.26
CA TYR A 236 -21.97 -5.50 12.52
C TYR A 236 -20.69 -5.29 13.32
N ASP A 237 -20.55 -5.95 14.47
CA ASP A 237 -19.43 -5.68 15.37
C ASP A 237 -18.53 -6.88 15.65
N LEU A 238 -19.12 -7.97 16.17
CA LEU A 238 -18.31 -9.13 16.55
C LEU A 238 -17.69 -9.77 15.33
N LEU A 239 -18.39 -9.72 14.20
CA LEU A 239 -17.85 -10.10 12.91
C LEU A 239 -17.22 -8.91 12.20
N PHE A 240 -16.77 -7.92 12.96
CA PHE A 240 -16.15 -6.72 12.43
C PHE A 240 -14.90 -6.43 13.25
N THR A 241 -14.05 -7.44 13.43
CA THR A 241 -12.86 -7.33 14.25
C THR A 241 -11.77 -6.60 13.47
N GLU A 242 -11.90 -5.27 13.42
CA GLU A 242 -10.86 -4.45 12.80
C GLU A 242 -9.58 -4.48 13.64
N SER A 243 -9.67 -4.01 14.88
CA SER A 243 -8.49 -3.70 15.67
C SER A 243 -7.62 -4.92 15.95
N ILE A 244 -8.19 -6.13 15.83
CA ILE A 244 -7.51 -7.31 16.33
C ILE A 244 -6.25 -7.58 15.51
N LYS A 245 -5.21 -8.02 16.21
CA LYS A 245 -3.94 -8.39 15.61
C LYS A 245 -3.65 -9.85 15.92
N VAL A 246 -2.59 -10.36 15.31
CA VAL A 246 -2.33 -11.79 15.23
C VAL A 246 -0.84 -12.05 15.46
N ARG A 247 -0.54 -13.15 16.16
CA ARG A 247 0.83 -13.54 16.43
C ARG A 247 1.39 -14.38 15.28
N VAL A 248 2.66 -14.75 15.42
CA VAL A 248 3.26 -15.83 14.64
C VAL A 248 4.04 -16.69 15.61
N ILE A 249 3.78 -18.00 15.59
CA ILE A 249 4.34 -18.90 16.57
C ILE A 249 5.07 -20.09 15.95
N ASP A 250 4.79 -20.44 14.70
CA ASP A 250 5.56 -21.45 13.99
C ASP A 250 5.74 -20.99 12.55
N VAL A 251 6.98 -20.84 12.15
CA VAL A 251 7.35 -20.60 10.77
C VAL A 251 8.36 -21.66 10.37
N ASP A 252 8.20 -22.21 9.17
CA ASP A 252 9.04 -23.28 8.68
C ASP A 252 9.70 -22.85 7.38
N LEU A 253 10.80 -23.52 7.07
CA LEU A 253 11.69 -23.13 5.98
C LEU A 253 11.96 -24.28 5.01
N ASN A 254 11.19 -25.35 5.08
CA ASN A 254 11.33 -26.51 4.22
C ASN A 254 10.03 -26.89 3.54
N ASP A 255 8.89 -26.75 4.24
CA ASP A 255 7.58 -26.75 3.62
C ASP A 255 6.95 -25.36 3.59
N TYR A 256 7.55 -24.37 4.25
CA TYR A 256 7.20 -22.96 4.10
C TYR A 256 5.76 -22.71 4.54
N SER A 257 5.54 -22.99 5.82
CA SER A 257 4.26 -22.80 6.49
C SER A 257 4.36 -21.69 7.52
N ILE A 258 3.20 -21.14 7.86
CA ILE A 258 3.06 -20.14 8.90
C ILE A 258 1.96 -20.61 9.84
N THR A 259 2.08 -20.26 11.11
CA THR A 259 1.07 -20.54 12.13
C THR A 259 0.71 -19.26 12.85
N LEU A 260 -0.56 -19.15 13.25
CA LEU A 260 -1.10 -17.90 13.74
C LEU A 260 -1.99 -18.14 14.95
N GLN A 261 -1.65 -17.49 16.07
CA GLN A 261 -2.50 -17.49 17.25
C GLN A 261 -3.67 -16.58 16.97
N VAL A 262 -4.81 -17.16 16.63
CA VAL A 262 -6.01 -16.41 16.31
C VAL A 262 -6.83 -16.26 17.58
N ARG A 263 -6.71 -15.11 18.23
CA ARG A 263 -7.59 -14.80 19.34
C ARG A 263 -9.01 -14.66 18.84
N LEU A 264 -9.95 -14.53 19.78
CA LEU A 264 -11.33 -14.37 19.41
C LEU A 264 -12.06 -13.82 20.62
N PRO A 265 -12.97 -12.83 20.46
CA PRO A 265 -13.54 -12.19 21.65
C PRO A 265 -14.82 -12.85 22.11
N LEU A 266 -15.37 -12.36 23.22
CA LEU A 266 -16.66 -12.82 23.71
C LEU A 266 -17.22 -11.70 24.57
N LEU A 267 -18.28 -11.04 24.08
CA LEU A 267 -18.63 -9.70 24.52
C LEU A 267 -19.94 -9.68 25.29
N THR A 268 -20.03 -8.73 26.21
CA THR A 268 -21.27 -8.38 26.89
C THR A 268 -21.24 -6.89 27.24
N ARG A 269 -22.40 -6.37 27.62
CA ARG A 269 -22.52 -4.99 28.06
C ARG A 269 -21.63 -4.73 29.27
N LEU A 270 -21.32 -3.45 29.49
CA LEU A 270 -20.61 -2.98 30.66
C LEU A 270 -21.45 -1.88 31.32
N LEU A 271 -21.37 -1.81 32.64
CA LEU A 271 -22.42 -1.20 33.45
C LEU A 271 -22.29 0.31 33.58
N ASN A 272 -23.45 0.99 33.57
CA ASN A 272 -23.55 2.43 33.79
C ASN A 272 -22.73 3.24 32.80
N THR A 273 -22.39 2.64 31.66
CA THR A 273 -21.38 3.18 30.77
C THR A 273 -22.04 4.05 29.71
N GLN A 274 -21.69 5.33 29.71
CA GLN A 274 -22.27 6.31 28.80
C GLN A 274 -21.12 6.99 28.08
N ILE A 275 -20.98 6.70 26.80
CA ILE A 275 -19.95 7.32 25.96
C ILE A 275 -20.62 8.38 25.11
N TYR A 276 -20.22 9.62 25.29
CA TYR A 276 -20.66 10.75 24.50
C TYR A 276 -19.64 11.06 23.40
N LYS A 277 -20.04 11.89 22.45
CA LYS A 277 -19.14 12.55 21.52
C LYS A 277 -19.02 14.02 21.87
N VAL A 278 -18.04 14.67 21.26
CA VAL A 278 -17.74 16.06 21.57
C VAL A 278 -17.27 16.76 20.30
N ASP A 279 -18.00 17.80 19.91
CA ASP A 279 -17.56 18.77 18.92
C ASP A 279 -17.32 20.10 19.62
N SER A 280 -16.76 21.05 18.88
CA SER A 280 -16.46 22.37 19.42
C SER A 280 -16.59 23.36 18.28
N ILE A 281 -17.74 24.02 18.20
CA ILE A 281 -18.00 25.05 17.20
C ILE A 281 -17.79 26.41 17.82
N SER A 282 -17.17 27.31 17.06
CA SER A 282 -16.68 28.56 17.59
C SER A 282 -17.81 29.44 18.10
N TYR A 283 -17.50 30.23 19.13
CA TYR A 283 -18.23 31.46 19.42
C TYR A 283 -17.23 32.60 19.32
N ASN A 284 -17.49 33.50 18.39
CA ASN A 284 -16.59 34.60 18.08
C ASN A 284 -16.93 35.79 18.96
N ILE A 285 -15.90 36.38 19.56
CA ILE A 285 -16.03 37.56 20.40
C ILE A 285 -15.13 38.64 19.81
N GLN A 286 -15.74 39.74 19.38
CA GLN A 286 -15.01 40.89 18.86
C GLN A 286 -14.18 40.49 17.65
N ASN A 287 -14.82 39.72 16.76
CA ASN A 287 -14.20 39.28 15.52
C ASN A 287 -12.96 38.44 15.77
N ARG A 288 -13.03 37.59 16.80
CA ARG A 288 -11.97 36.63 17.13
C ARG A 288 -12.58 35.25 17.24
N GLU A 289 -12.60 34.53 16.12
CA GLU A 289 -13.23 33.21 16.05
C GLU A 289 -12.39 32.21 16.86
N TRP A 290 -12.80 31.95 18.09
CA TRP A 290 -12.11 31.05 18.99
C TRP A 290 -13.01 29.86 19.31
N TYR A 291 -12.43 28.81 19.88
CA TYR A 291 -13.18 27.64 20.28
C TYR A 291 -12.53 26.95 21.46
N ILE A 292 -13.37 26.49 22.38
CA ILE A 292 -12.93 25.55 23.41
C ILE A 292 -12.32 24.32 22.74
N PRO A 293 -11.10 23.90 23.10
CA PRO A 293 -10.63 22.58 22.69
C PRO A 293 -11.21 21.50 23.59
N LEU A 294 -11.52 20.37 22.99
CA LEU A 294 -11.96 19.21 23.74
C LEU A 294 -11.57 17.96 22.97
N PRO A 295 -11.60 16.79 23.61
CA PRO A 295 -11.32 15.55 22.88
C PRO A 295 -12.35 15.23 21.82
N SER A 296 -12.12 14.13 21.11
CA SER A 296 -13.13 13.60 20.21
C SER A 296 -14.32 13.09 21.00
N HIS A 297 -14.06 12.10 21.85
CA HIS A 297 -15.10 11.39 22.59
C HIS A 297 -14.92 11.63 24.09
N ILE A 298 -16.05 11.74 24.78
CA ILE A 298 -16.09 11.85 26.23
C ILE A 298 -17.09 10.83 26.73
N MET A 299 -16.78 10.20 27.86
CA MET A 299 -17.65 9.20 28.45
C MET A 299 -17.85 9.51 29.92
N THR A 300 -18.78 8.79 30.51
CA THR A 300 -19.10 8.96 31.92
C THR A 300 -19.70 7.66 32.42
N LYS A 301 -19.25 7.23 33.59
CA LYS A 301 -19.62 5.92 34.12
C LYS A 301 -19.63 6.08 35.64
N GLY A 302 -20.80 6.36 36.18
CA GLY A 302 -20.89 6.70 37.59
C GLY A 302 -20.08 7.95 37.89
N ALA A 303 -18.95 7.77 38.57
CA ALA A 303 -18.06 8.86 38.88
C ALA A 303 -16.96 9.06 37.83
N PHE A 304 -16.71 8.06 36.99
CA PHE A 304 -15.67 8.19 35.98
C PHE A 304 -16.04 9.29 34.99
N LEU A 305 -15.02 10.04 34.56
CA LEU A 305 -15.24 11.17 33.66
C LEU A 305 -13.91 11.43 32.95
N GLY A 306 -13.83 11.00 31.70
CA GLY A 306 -12.59 11.14 30.95
C GLY A 306 -12.81 10.92 29.47
N GLY A 307 -11.96 11.52 28.66
CA GLY A 307 -12.12 11.48 27.22
C GLY A 307 -11.31 10.41 26.55
N ALA A 308 -11.96 9.28 26.25
CA ALA A 308 -11.25 8.11 25.75
C ALA A 308 -10.59 8.37 24.41
N ASP A 309 -9.65 7.49 24.08
CA ASP A 309 -8.99 7.46 22.77
C ASP A 309 -9.52 6.23 22.03
N VAL A 310 -10.55 6.45 21.23
CA VAL A 310 -11.39 5.41 20.66
C VAL A 310 -11.21 5.32 19.13
N LYS A 311 -10.17 5.96 18.61
CA LYS A 311 -9.86 5.85 17.19
C LYS A 311 -9.58 4.41 16.79
N GLU A 312 -9.00 3.63 17.70
CA GLU A 312 -8.68 2.25 17.43
C GLU A 312 -9.89 1.33 17.47
N CYS A 313 -11.02 1.80 17.99
CA CYS A 313 -12.12 0.95 18.38
C CYS A 313 -13.42 1.47 17.75
N ILE A 314 -14.38 0.57 17.61
CA ILE A 314 -15.44 0.74 16.63
C ILE A 314 -16.54 1.64 17.18
N GLU A 315 -17.18 2.38 16.27
CA GLU A 315 -18.45 3.04 16.53
C GLU A 315 -19.58 2.11 16.11
N ALA A 316 -20.39 1.70 17.08
CA ALA A 316 -21.55 0.87 16.84
C ALA A 316 -22.82 1.71 16.87
N PHE A 317 -23.97 1.06 16.88
CA PHE A 317 -25.24 1.74 16.83
C PHE A 317 -25.51 2.50 18.13
N SER A 318 -25.27 1.86 19.27
CA SER A 318 -25.56 2.46 20.57
C SER A 318 -24.53 2.13 21.64
N SER A 319 -23.42 1.48 21.30
CA SER A 319 -22.46 1.06 22.31
C SER A 319 -21.13 0.73 21.67
N TYR A 320 -20.07 1.36 22.17
CA TYR A 320 -18.76 1.29 21.53
C TYR A 320 -18.04 0.01 21.94
N ILE A 321 -17.59 -0.74 20.94
CA ILE A 321 -16.79 -1.94 21.14
C ILE A 321 -15.33 -1.54 21.16
N CYS A 322 -14.76 -1.49 22.35
CA CYS A 322 -13.32 -1.36 22.52
C CYS A 322 -12.85 -2.47 23.45
N PRO A 323 -11.73 -3.14 23.14
CA PRO A 323 -11.30 -4.24 24.02
C PRO A 323 -10.94 -3.79 25.42
N SER A 324 -10.17 -2.71 25.49
CA SER A 324 -9.67 -2.23 26.77
C SER A 324 -10.76 -1.43 27.47
N ASP A 325 -10.38 -0.72 28.54
CA ASP A 325 -11.20 0.29 29.19
C ASP A 325 -10.53 1.64 28.97
N PRO A 326 -10.71 2.28 27.81
CA PRO A 326 -9.85 3.42 27.46
C PRO A 326 -10.01 4.66 28.31
N GLY A 327 -10.94 4.68 29.27
CA GLY A 327 -11.12 5.88 30.07
C GLY A 327 -9.88 6.21 30.89
N PHE A 328 -9.58 7.50 30.96
CA PHE A 328 -8.42 7.99 31.71
C PHE A 328 -8.75 9.36 32.28
N VAL A 329 -7.71 10.09 32.70
CA VAL A 329 -7.86 11.31 33.49
C VAL A 329 -7.38 12.50 32.67
N LEU A 330 -7.97 13.67 32.95
CA LEU A 330 -7.69 14.90 32.22
C LEU A 330 -7.47 16.05 33.19
N ASN A 331 -7.32 17.27 32.65
CA ASN A 331 -7.20 18.44 33.49
C ASN A 331 -8.47 18.67 34.29
N HIS A 332 -8.30 19.12 35.53
CA HIS A 332 -9.45 19.40 36.38
C HIS A 332 -10.33 20.48 35.79
N GLU A 333 -9.70 21.46 35.12
CA GLU A 333 -10.48 22.55 34.53
C GLU A 333 -11.43 22.04 33.47
N MET A 334 -11.03 21.00 32.73
CA MET A 334 -11.90 20.45 31.71
C MET A 334 -13.14 19.80 32.33
N GLU A 335 -12.95 19.06 33.42
CA GLU A 335 -14.09 18.48 34.11
C GLU A 335 -15.00 19.56 34.66
N SER A 336 -14.41 20.61 35.23
CA SER A 336 -15.20 21.72 35.74
C SER A 336 -16.00 22.37 34.61
N CYS A 337 -15.40 22.45 33.43
CA CYS A 337 -16.12 22.96 32.26
C CYS A 337 -17.29 22.06 31.92
N LEU A 338 -17.08 20.75 31.97
CA LEU A 338 -18.16 19.81 31.67
C LEU A 338 -19.16 19.72 32.82
N SER A 339 -18.67 19.78 34.06
CA SER A 339 -19.56 19.59 35.20
C SER A 339 -20.56 20.73 35.32
N GLY A 340 -20.18 21.93 34.87
CA GLY A 340 -21.08 23.07 34.89
C GLY A 340 -20.44 24.38 35.30
N ASN A 341 -19.27 24.32 35.91
CA ASN A 341 -18.56 25.53 36.33
C ASN A 341 -17.87 26.14 35.10
N ILE A 342 -18.71 26.67 34.21
CA ILE A 342 -18.27 26.97 32.85
C ILE A 342 -17.38 28.19 32.76
N SER A 343 -17.36 29.05 33.79
CA SER A 343 -16.50 30.22 33.75
C SER A 343 -15.01 29.87 33.74
N GLN A 344 -14.65 28.60 33.99
CA GLN A 344 -13.30 28.11 33.84
C GLN A 344 -13.06 27.41 32.50
N CYS A 345 -14.04 27.42 31.61
CA CYS A 345 -13.83 26.85 30.29
C CYS A 345 -12.74 27.64 29.56
N PRO A 346 -11.68 27.00 29.05
CA PRO A 346 -10.62 27.77 28.39
C PRO A 346 -10.96 28.15 26.97
N ARG A 347 -10.98 29.46 26.71
CA ARG A 347 -11.00 29.97 25.35
C ARG A 347 -9.67 29.61 24.68
N THR A 348 -9.57 29.89 23.38
CA THR A 348 -8.34 29.54 22.67
C THR A 348 -8.20 30.36 21.39
N THR A 349 -7.08 31.06 21.27
CA THR A 349 -6.83 31.91 20.11
C THR A 349 -6.38 31.05 18.94
N VAL A 350 -7.07 31.17 17.81
CA VAL A 350 -6.89 30.26 16.68
C VAL A 350 -7.16 30.99 15.37
N THR A 351 -6.68 30.39 14.30
CA THR A 351 -7.36 30.39 13.02
C THR A 351 -8.02 29.01 12.92
N SER A 352 -9.31 28.96 13.27
CA SER A 352 -10.02 27.71 13.41
C SER A 352 -9.98 26.89 12.12
N ASP A 353 -10.39 25.62 12.24
CA ASP A 353 -10.50 24.74 11.09
C ASP A 353 -11.71 25.18 10.26
N ILE A 354 -11.95 24.46 9.16
CA ILE A 354 -13.17 24.67 8.40
C ILE A 354 -14.41 24.23 9.19
N VAL A 355 -14.25 23.40 10.22
CA VAL A 355 -15.34 22.75 10.94
C VAL A 355 -16.11 23.66 11.89
N PRO A 356 -15.47 24.44 12.78
CA PRO A 356 -16.19 24.91 13.96
C PRO A 356 -17.26 25.98 13.78
N ARG A 357 -17.77 26.21 12.57
CA ARG A 357 -18.54 27.42 12.31
C ARG A 357 -20.04 27.25 12.46
N TYR A 358 -20.66 26.17 11.98
CA TYR A 358 -22.09 26.02 12.17
C TYR A 358 -22.56 24.61 11.84
N ALA A 359 -23.44 24.09 12.69
CA ALA A 359 -24.15 22.84 12.42
C ALA A 359 -25.41 22.84 13.29
N PHE A 360 -26.14 21.73 13.26
CA PHE A 360 -27.45 21.64 13.88
C PHE A 360 -27.43 20.74 15.12
N VAL A 361 -28.15 21.17 16.15
CA VAL A 361 -28.33 20.39 17.37
C VAL A 361 -29.77 19.95 17.50
N ASN A 362 -30.11 18.80 16.90
CA ASN A 362 -31.37 18.08 17.09
C ASN A 362 -32.58 19.02 17.06
N GLY A 363 -32.60 19.90 16.07
CA GLY A 363 -33.64 20.88 15.90
C GLY A 363 -33.14 22.28 16.18
N GLY A 364 -32.36 22.42 17.25
CA GLY A 364 -31.75 23.68 17.57
C GLY A 364 -30.50 23.92 16.76
N VAL A 365 -30.55 24.86 15.82
CA VAL A 365 -29.45 25.08 14.90
C VAL A 365 -28.62 26.25 15.38
N VAL A 366 -27.32 26.02 15.52
CA VAL A 366 -26.38 27.01 16.04
C VAL A 366 -25.32 27.29 15.00
N ALA A 367 -24.85 28.54 15.01
CA ALA A 367 -23.78 28.98 14.14
C ALA A 367 -22.95 29.98 14.92
N ASN A 368 -22.08 30.68 14.22
CA ASN A 368 -21.45 31.89 14.70
C ASN A 368 -21.96 33.02 13.82
N CYS A 369 -22.96 33.73 14.32
CA CYS A 369 -23.77 34.66 13.54
C CYS A 369 -23.18 36.06 13.45
N ILE A 370 -21.86 36.19 13.61
CA ILE A 370 -21.16 37.41 13.26
C ILE A 370 -20.31 37.24 12.00
N THR A 371 -19.87 36.02 11.69
CA THR A 371 -19.08 35.77 10.49
C THR A 371 -19.97 35.34 9.34
N THR A 372 -20.67 34.22 9.49
CA THR A 372 -21.63 33.80 8.50
C THR A 372 -22.95 34.50 8.78
N THR A 373 -23.49 35.16 7.76
CA THR A 373 -24.65 36.03 7.95
C THR A 373 -25.90 35.16 7.84
N CYS A 374 -26.18 34.45 8.93
CA CYS A 374 -27.43 33.74 9.09
C CYS A 374 -28.60 34.68 8.86
N THR A 375 -29.40 34.39 7.83
CA THR A 375 -30.34 35.37 7.28
C THR A 375 -31.69 34.68 7.06
N CYS A 376 -32.53 34.71 8.09
CA CYS A 376 -33.90 34.25 7.96
C CYS A 376 -34.61 35.05 6.88
N ASN A 377 -34.93 34.40 5.75
CA ASN A 377 -35.80 35.04 4.78
C ASN A 377 -37.25 35.07 5.25
N GLY A 378 -37.60 34.28 6.26
CA GLY A 378 -38.90 34.34 6.89
C GLY A 378 -38.81 34.57 8.39
N ILE A 379 -39.16 35.75 8.92
CA ILE A 379 -39.39 36.99 8.17
C ILE A 379 -38.05 37.48 7.61
N GLY A 380 -38.10 38.17 6.47
CA GLY A 380 -36.88 38.56 5.78
C GLY A 380 -36.08 39.56 6.58
N ASN A 381 -34.88 39.16 7.01
CA ASN A 381 -33.99 40.03 7.76
C ASN A 381 -32.65 39.35 7.92
N ARG A 382 -31.61 40.17 8.07
CA ARG A 382 -30.38 39.66 8.66
C ARG A 382 -30.62 39.47 10.15
N ILE A 383 -30.03 38.42 10.70
CA ILE A 383 -30.31 38.01 12.07
C ILE A 383 -29.37 38.74 13.02
N ASN A 384 -29.93 39.39 14.02
CA ASN A 384 -29.17 40.29 14.88
C ASN A 384 -28.45 39.52 15.97
N GLN A 385 -27.19 39.88 16.20
CA GLN A 385 -26.38 39.37 17.29
C GLN A 385 -25.55 40.53 17.84
N PRO A 386 -25.47 40.70 19.16
CA PRO A 386 -24.54 41.69 19.70
C PRO A 386 -23.14 41.11 19.81
N PRO A 387 -22.09 41.95 19.83
CA PRO A 387 -20.74 41.40 20.08
C PRO A 387 -20.62 40.78 21.45
N ASP A 388 -21.43 41.22 22.41
CA ASP A 388 -21.41 40.65 23.74
C ASP A 388 -21.75 39.16 23.71
N GLN A 389 -22.96 38.85 23.25
CA GLN A 389 -23.40 37.46 23.14
C GLN A 389 -22.52 36.71 22.15
N GLY A 390 -21.83 35.69 22.62
CA GLY A 390 -20.96 34.87 21.79
C GLY A 390 -21.69 34.30 20.59
N VAL A 391 -22.65 33.42 20.83
CA VAL A 391 -23.58 32.98 19.80
C VAL A 391 -24.95 32.84 20.44
N LYS A 392 -25.94 32.54 19.60
CA LYS A 392 -27.33 32.54 20.05
C LYS A 392 -28.10 31.48 19.28
N ILE A 393 -29.00 30.80 19.98
CA ILE A 393 -29.79 29.71 19.44
C ILE A 393 -31.06 30.28 18.82
N ILE A 394 -31.51 29.67 17.73
CA ILE A 394 -32.82 29.95 17.15
C ILE A 394 -33.45 28.59 16.86
N THR A 395 -34.63 28.36 17.44
CA THR A 395 -35.21 27.04 17.51
C THR A 395 -36.31 26.87 16.46
N HIS A 396 -37.05 25.76 16.57
CA HIS A 396 -38.21 25.49 15.73
C HIS A 396 -39.16 26.68 15.70
N LYS A 397 -39.39 27.30 16.85
CA LYS A 397 -40.49 28.24 17.00
C LYS A 397 -40.10 29.66 16.61
N GLU A 398 -38.95 30.13 17.08
CA GLU A 398 -38.58 31.53 16.87
C GLU A 398 -38.32 31.82 15.40
N CYS A 399 -37.93 30.81 14.63
CA CYS A 399 -37.85 30.95 13.18
C CYS A 399 -37.93 29.56 12.58
N ASN A 400 -39.04 29.25 11.91
CA ASN A 400 -39.14 27.98 11.20
C ASN A 400 -38.11 27.88 10.11
N THR A 401 -37.90 28.97 9.38
CA THR A 401 -36.98 29.01 8.24
C THR A 401 -35.68 29.67 8.68
N ILE A 402 -34.88 28.93 9.43
CA ILE A 402 -33.56 29.44 9.82
C ILE A 402 -32.71 29.52 8.57
N GLY A 403 -32.23 30.73 8.27
CA GLY A 403 -31.76 31.06 6.95
C GLY A 403 -30.24 31.17 6.84
N ILE A 404 -29.68 30.41 5.90
CA ILE A 404 -28.28 30.45 5.54
C ILE A 404 -28.27 30.07 4.06
N ASN A 405 -27.08 29.91 3.48
CA ASN A 405 -26.86 29.83 2.03
C ASN A 405 -27.90 29.04 1.25
N GLY A 406 -28.16 27.80 1.68
CA GLY A 406 -28.86 26.81 0.85
C GLY A 406 -30.12 26.24 1.46
N MET A 407 -30.97 27.09 2.04
CA MET A 407 -32.06 26.64 2.91
C MET A 407 -33.36 26.42 2.17
N LEU A 408 -33.59 25.17 1.75
CA LEU A 408 -34.92 24.62 1.54
C LEU A 408 -34.92 23.30 2.29
N PHE A 409 -35.38 23.30 3.53
CA PHE A 409 -35.02 22.27 4.49
C PHE A 409 -36.19 21.99 5.43
N ASN A 410 -35.93 21.19 6.47
CA ASN A 410 -36.93 20.72 7.42
C ASN A 410 -36.62 21.23 8.83
N THR A 411 -37.68 21.38 9.63
CA THR A 411 -37.55 21.95 10.98
C THR A 411 -38.63 21.33 11.86
N ASN A 412 -38.25 20.39 12.72
CA ASN A 412 -39.21 19.61 13.49
C ASN A 412 -39.09 19.79 15.01
N LYS A 413 -37.94 19.49 15.60
CA LYS A 413 -37.87 19.08 17.00
C LYS A 413 -37.13 20.11 17.86
N GLU A 414 -36.94 19.75 19.13
CA GLU A 414 -36.55 20.68 20.18
C GLU A 414 -35.04 20.88 20.25
N GLY A 415 -34.65 22.14 20.32
CA GLY A 415 -33.38 22.52 20.90
C GLY A 415 -33.66 23.57 21.96
N THR A 416 -33.49 23.20 23.23
CA THR A 416 -34.01 24.01 24.32
C THR A 416 -33.06 25.16 24.64
N LEU A 417 -33.65 26.32 25.00
CA LEU A 417 -32.89 27.49 25.38
C LEU A 417 -32.10 27.24 26.66
N ALA A 418 -32.82 27.04 27.78
CA ALA A 418 -32.31 26.58 29.07
C ALA A 418 -30.89 26.99 29.44
N PHE A 419 -30.58 28.29 29.39
CA PHE A 419 -29.26 28.77 29.81
C PHE A 419 -29.34 30.12 30.52
N TYR A 420 -30.53 30.54 30.98
CA TYR A 420 -30.74 31.89 31.51
C TYR A 420 -30.27 32.92 30.50
N THR A 421 -30.60 32.69 29.24
CA THR A 421 -30.08 33.53 28.17
C THR A 421 -30.68 34.94 28.29
N PRO A 422 -29.87 35.99 28.18
CA PRO A 422 -28.41 36.14 28.08
C PRO A 422 -27.76 36.17 29.47
N ASP A 423 -26.44 35.99 29.53
CA ASP A 423 -25.70 36.02 30.79
C ASP A 423 -24.32 36.63 30.58
N ASP A 424 -23.69 36.99 31.69
CA ASP A 424 -22.30 37.40 31.68
C ASP A 424 -21.39 36.19 31.68
N ILE A 425 -20.30 36.28 30.93
CA ILE A 425 -19.36 35.18 30.75
C ILE A 425 -17.94 35.72 30.88
N THR A 426 -17.06 34.89 31.45
CA THR A 426 -15.69 35.27 31.71
C THR A 426 -14.78 34.71 30.63
N LEU A 427 -13.50 35.03 30.77
CA LEU A 427 -12.50 34.75 29.75
C LEU A 427 -11.15 34.32 30.31
N ASN A 428 -11.02 34.18 31.62
CA ASN A 428 -9.72 34.23 32.28
C ASN A 428 -8.90 32.94 32.13
N ASN A 429 -9.34 31.98 31.32
CA ASN A 429 -8.64 30.72 31.13
C ASN A 429 -8.22 30.53 29.67
N SER A 430 -7.97 31.62 28.95
CA SER A 430 -7.52 31.51 27.58
C SER A 430 -6.15 30.84 27.51
N VAL A 431 -5.86 30.24 26.36
CA VAL A 431 -4.63 29.48 26.17
C VAL A 431 -4.12 29.67 24.76
N ALA A 432 -2.86 29.27 24.56
CA ALA A 432 -2.25 29.11 23.25
C ALA A 432 -1.79 27.66 23.12
N LEU A 433 -1.77 27.17 21.88
CA LEU A 433 -1.62 25.74 21.62
C LEU A 433 -0.29 25.37 20.98
N ASP A 434 0.38 26.31 20.29
CA ASP A 434 1.65 26.01 19.63
C ASP A 434 2.82 26.34 20.55
N PRO A 435 3.83 25.47 20.61
CA PRO A 435 4.82 25.57 21.69
C PRO A 435 5.64 26.85 21.65
N ILE A 436 6.03 27.27 20.45
CA ILE A 436 6.87 28.44 20.30
C ILE A 436 6.19 29.68 20.86
N ASP A 437 4.86 29.75 20.72
CA ASP A 437 4.12 30.84 21.31
C ASP A 437 4.31 30.85 22.82
N ILE A 438 4.26 29.67 23.44
CA ILE A 438 4.47 29.58 24.88
C ILE A 438 5.89 29.98 25.22
N SER A 439 6.85 29.63 24.37
CA SER A 439 8.23 30.00 24.65
C SER A 439 8.40 31.50 24.64
N ILE A 440 7.75 32.15 23.68
CA ILE A 440 7.72 33.61 23.63
C ILE A 440 7.15 34.18 24.91
N GLU A 441 5.99 33.66 25.33
CA GLU A 441 5.30 34.19 26.49
C GLU A 441 6.13 34.03 27.75
N LEU A 442 6.72 32.86 27.93
CA LEU A 442 7.52 32.64 29.12
C LEU A 442 8.85 33.39 29.07
N ASN A 443 9.37 33.70 27.89
CA ASN A 443 10.54 34.56 27.83
C ASN A 443 10.19 35.96 28.29
N LYS A 444 9.05 36.46 27.84
CA LYS A 444 8.52 37.71 28.37
C LYS A 444 8.39 37.62 29.88
N VAL A 445 7.88 36.49 30.37
CA VAL A 445 7.69 36.31 31.79
C VAL A 445 9.02 36.31 32.53
N LYS A 446 10.08 35.78 31.91
CA LYS A 446 11.39 35.81 32.52
C LYS A 446 11.89 37.24 32.65
N SER A 447 11.75 38.01 31.57
CA SER A 447 12.16 39.41 31.64
C SER A 447 11.34 40.16 32.69
N ASP A 448 10.05 39.82 32.80
CA ASP A 448 9.19 40.50 33.76
C ASP A 448 9.55 40.13 35.18
N LEU A 449 9.93 38.87 35.40
CA LEU A 449 10.38 38.45 36.71
C LEU A 449 11.69 39.15 37.07
N GLU A 450 12.58 39.28 36.09
CA GLU A 450 13.83 39.99 36.29
C GLU A 450 13.63 41.50 36.39
N GLU A 451 12.44 42.00 36.08
CA GLU A 451 12.12 43.42 36.20
C GLU A 451 11.30 43.75 37.44
N SER A 452 10.58 42.79 38.01
CA SER A 452 9.56 43.11 39.01
C SER A 452 10.19 43.52 40.34
N LYS A 453 10.89 42.60 40.99
CA LYS A 453 11.48 42.82 42.31
C LYS A 453 13.00 42.87 42.27
N GLU A 454 13.59 43.13 41.10
CA GLU A 454 15.03 43.26 40.99
C GLU A 454 15.55 44.45 41.80
N ILE B 2 24.39 5.51 29.69
CA ILE B 2 25.52 4.59 29.59
C ILE B 2 25.71 3.84 30.91
N ASP B 3 25.45 4.54 32.02
CA ASP B 3 25.58 3.93 33.35
C ASP B 3 24.33 3.11 33.64
N ILE B 4 24.35 1.88 33.13
CA ILE B 4 23.21 0.98 33.29
C ILE B 4 22.97 0.69 34.76
N THR B 5 24.06 0.50 35.51
CA THR B 5 24.00 -0.03 36.87
C THR B 5 23.11 0.83 37.76
N LYS B 6 23.43 2.12 37.83
CA LYS B 6 22.66 3.02 38.67
C LYS B 6 21.30 3.35 38.09
N LEU B 7 21.07 3.00 36.81
CA LEU B 7 19.77 3.23 36.17
C LEU B 7 18.79 2.09 36.35
N GLN B 8 19.27 0.89 36.69
CA GLN B 8 18.37 -0.24 36.89
C GLN B 8 17.30 0.07 37.94
N HIS B 9 17.59 0.96 38.87
CA HIS B 9 16.73 1.23 40.01
C HIS B 9 15.57 2.16 39.70
N VAL B 10 15.47 2.69 38.49
CA VAL B 10 14.39 3.59 38.11
C VAL B 10 13.71 3.14 36.82
N GLY B 11 13.69 1.83 36.58
CA GLY B 11 12.90 1.26 35.52
C GLY B 11 13.63 1.02 34.22
N VAL B 12 14.87 1.50 34.11
CA VAL B 12 15.57 1.44 32.84
C VAL B 12 15.90 0.01 32.44
N LEU B 13 15.76 -0.27 31.16
CA LEU B 13 16.47 -1.35 30.49
C LEU B 13 17.42 -0.76 29.47
N VAL B 14 18.51 -1.50 29.21
CA VAL B 14 19.44 -1.16 28.15
C VAL B 14 19.87 -2.48 27.52
N ASN B 15 19.47 -2.71 26.26
CA ASN B 15 19.59 -4.03 25.67
C ASN B 15 21.05 -4.48 25.58
N SER B 16 21.84 -3.79 24.78
CA SER B 16 23.21 -4.23 24.52
C SER B 16 23.95 -3.13 23.78
N PRO B 17 25.28 -3.10 23.88
CA PRO B 17 26.06 -2.30 22.93
C PRO B 17 26.12 -2.97 21.57
N LYS B 18 25.81 -2.22 20.53
CA LYS B 18 25.93 -2.72 19.16
C LYS B 18 26.32 -1.57 18.26
N GLY B 19 27.39 -1.76 17.50
CA GLY B 19 27.96 -0.68 16.71
C GLY B 19 27.09 -0.30 15.53
N MET B 20 27.70 0.48 14.64
CA MET B 20 27.08 0.95 13.43
C MET B 20 27.94 0.56 12.23
N LYS B 21 27.29 0.51 11.08
CA LYS B 21 27.99 0.22 9.83
C LYS B 21 27.28 1.00 8.74
N ILE B 22 27.91 2.07 8.25
CA ILE B 22 27.23 3.05 7.43
C ILE B 22 27.85 3.12 6.03
N SER B 23 27.29 4.00 5.20
CA SER B 23 27.73 4.20 3.83
C SER B 23 28.62 5.43 3.74
N GLN B 24 29.85 5.25 3.28
CA GLN B 24 30.75 6.38 3.05
C GLN B 24 31.41 6.31 1.68
N ASN B 25 31.60 5.12 1.14
CA ASN B 25 32.08 4.91 -0.22
C ASN B 25 30.92 4.38 -1.04
N PHE B 26 30.55 5.12 -2.08
CA PHE B 26 29.25 4.99 -2.69
C PHE B 26 29.25 4.23 -4.00
N GLU B 27 30.27 4.42 -4.84
CA GLU B 27 30.44 3.66 -6.08
C GLU B 27 29.21 3.82 -6.98
N THR B 28 28.99 5.05 -7.43
CA THR B 28 27.88 5.32 -8.32
C THR B 28 28.01 4.51 -9.59
N ARG B 29 26.92 3.88 -9.98
CA ARG B 29 26.84 3.16 -11.24
C ARG B 29 25.64 3.67 -12.02
N TYR B 30 25.80 3.64 -13.33
CA TYR B 30 24.77 4.07 -14.26
C TYR B 30 24.20 2.84 -14.92
N LEU B 31 22.88 2.72 -14.89
CA LEU B 31 22.17 1.64 -15.54
C LEU B 31 21.20 2.23 -16.55
N ILE B 32 21.14 1.60 -17.70
CA ILE B 32 20.17 1.92 -18.74
C ILE B 32 19.20 0.76 -18.83
N LEU B 33 17.92 1.06 -19.00
CA LEU B 33 16.92 0.05 -19.26
C LEU B 33 16.57 0.11 -20.74
N SER B 34 16.77 -1.00 -21.42
CA SER B 34 16.33 -1.19 -22.78
C SER B 34 15.08 -2.06 -22.74
N LEU B 35 14.23 -1.83 -23.73
CA LEU B 35 12.90 -2.41 -23.75
C LEU B 35 12.70 -3.00 -25.13
N ILE B 36 11.47 -3.36 -25.47
CA ILE B 36 11.15 -4.20 -26.63
C ILE B 36 12.19 -5.32 -26.73
N PRO B 37 12.07 -6.35 -25.88
CA PRO B 37 12.81 -7.59 -26.10
C PRO B 37 12.82 -8.02 -27.54
N LYS B 38 14.01 -8.04 -28.10
CA LYS B 38 14.17 -8.42 -29.49
C LYS B 38 13.96 -9.91 -29.62
N ILE B 39 12.98 -10.29 -30.44
CA ILE B 39 12.86 -11.67 -30.86
C ILE B 39 14.20 -12.14 -31.38
N GLU B 40 14.53 -13.39 -31.07
CA GLU B 40 15.72 -14.02 -31.63
C GLU B 40 15.60 -13.94 -33.15
N ASP B 41 16.73 -14.01 -33.86
CA ASP B 41 16.79 -13.43 -35.20
C ASP B 41 15.89 -14.19 -36.17
N SER B 42 14.59 -13.95 -36.03
CA SER B 42 13.55 -14.55 -36.85
C SER B 42 12.65 -13.45 -37.39
N ASN B 43 11.51 -13.81 -37.98
CA ASN B 43 10.64 -12.86 -38.65
C ASN B 43 9.19 -13.28 -38.42
N SER B 44 8.27 -12.61 -39.12
CA SER B 44 6.89 -13.04 -39.28
C SER B 44 6.04 -12.83 -38.03
N CYS B 45 6.35 -11.81 -37.22
CA CYS B 45 5.52 -11.49 -36.06
C CYS B 45 5.87 -10.14 -35.43
N GLY B 46 4.83 -9.34 -35.16
CA GLY B 46 4.97 -8.04 -34.55
C GLY B 46 3.61 -7.41 -34.32
N ASP B 47 3.49 -6.59 -33.27
CA ASP B 47 2.20 -6.04 -32.85
C ASP B 47 2.42 -4.61 -32.32
N GLN B 48 1.31 -3.95 -31.98
CA GLN B 48 1.30 -2.52 -31.66
C GLN B 48 1.27 -2.25 -30.16
N GLN B 49 0.45 -2.98 -29.40
CA GLN B 49 0.49 -2.85 -27.95
C GLN B 49 1.74 -3.47 -27.34
N ILE B 50 2.60 -4.06 -28.17
CA ILE B 50 4.03 -4.17 -27.89
C ILE B 50 4.66 -2.79 -27.71
N LYS B 51 4.01 -1.73 -28.22
CA LYS B 51 4.56 -0.39 -28.23
C LYS B 51 3.66 0.65 -27.58
N GLN B 52 2.37 0.37 -27.40
CA GLN B 52 1.39 1.40 -27.05
C GLN B 52 1.78 2.11 -25.76
N TYR B 53 1.98 1.34 -24.70
CA TYR B 53 2.43 1.84 -23.41
C TYR B 53 3.68 2.70 -23.50
N LYS B 54 4.50 2.53 -24.54
CA LYS B 54 5.77 3.23 -24.59
C LYS B 54 5.58 4.74 -24.59
N ARG B 55 4.83 5.25 -25.58
CA ARG B 55 4.50 6.67 -25.60
C ARG B 55 3.90 7.09 -24.28
N LEU B 56 3.01 6.27 -23.75
CA LEU B 56 2.26 6.59 -22.54
C LEU B 56 3.19 6.90 -21.37
N LEU B 57 3.95 5.89 -20.93
CA LEU B 57 4.85 6.11 -19.81
C LEU B 57 5.96 7.10 -20.14
N ASP B 58 6.62 6.91 -21.28
CA ASP B 58 7.78 7.74 -21.59
C ASP B 58 7.38 9.21 -21.72
N ARG B 59 6.12 9.49 -22.08
CA ARG B 59 5.60 10.85 -22.14
C ARG B 59 5.13 11.34 -20.80
N LEU B 60 4.73 10.44 -19.89
CA LEU B 60 4.59 10.86 -18.51
C LEU B 60 5.92 11.33 -17.95
N ILE B 61 7.01 10.68 -18.35
CA ILE B 61 8.30 10.86 -17.69
C ILE B 61 9.09 12.01 -18.29
N ILE B 62 9.34 11.99 -19.60
CA ILE B 62 10.28 12.92 -20.22
C ILE B 62 9.96 14.39 -20.00
N PRO B 63 8.71 14.84 -19.80
CA PRO B 63 8.52 16.27 -19.49
C PRO B 63 9.08 16.68 -18.14
N LEU B 64 9.46 15.72 -17.30
CA LEU B 64 10.09 16.02 -16.02
C LEU B 64 11.57 16.31 -16.27
N TYR B 65 11.81 17.45 -16.90
CA TYR B 65 13.15 18.00 -17.10
C TYR B 65 13.26 19.44 -16.62
N ASP B 66 12.15 20.15 -16.48
CA ASP B 66 12.19 21.54 -16.07
C ASP B 66 12.86 21.74 -14.72
N GLY B 67 12.72 20.77 -13.82
CA GLY B 67 13.26 20.90 -12.48
C GLY B 67 14.66 20.34 -12.34
N LEU B 68 15.49 20.60 -13.34
CA LEU B 68 16.89 20.16 -13.37
C LEU B 68 17.87 21.31 -13.48
N LYS B 69 17.52 22.37 -14.20
CA LYS B 69 18.40 23.50 -14.43
C LYS B 69 18.50 24.44 -13.22
N LEU B 70 17.85 24.10 -12.11
CA LEU B 70 17.79 24.96 -10.94
C LEU B 70 19.14 25.05 -10.21
N GLN B 71 20.15 24.30 -10.65
CA GLN B 71 21.52 24.52 -10.17
C GLN B 71 22.05 25.90 -10.52
N LYS B 72 21.52 26.53 -11.57
CA LYS B 72 22.03 27.80 -12.09
C LYS B 72 23.45 27.61 -12.61
N THR B 106 18.77 20.88 4.43
CA THR B 106 18.46 20.05 3.28
C THR B 106 19.05 20.62 1.99
N SER B 107 20.12 19.98 1.52
CA SER B 107 20.78 20.31 0.25
C SER B 107 20.98 19.07 -0.61
N ALA B 108 20.07 18.10 -0.45
CA ALA B 108 20.02 16.98 -1.37
C ALA B 108 19.74 17.43 -2.78
N GLN B 109 19.16 18.62 -2.95
CA GLN B 109 19.01 19.23 -4.26
C GLN B 109 20.35 19.29 -4.98
N ILE B 110 21.39 19.73 -4.28
CA ILE B 110 22.68 19.91 -4.93
C ILE B 110 23.51 18.64 -4.89
N THR B 111 23.29 17.77 -3.89
CA THR B 111 23.83 16.42 -4.02
C THR B 111 23.35 15.78 -5.32
N ALA B 112 22.04 15.88 -5.57
CA ALA B 112 21.46 15.47 -6.83
C ALA B 112 22.11 16.18 -8.01
N ALA B 113 22.36 17.49 -7.87
CA ALA B 113 22.96 18.26 -8.95
C ALA B 113 24.33 17.72 -9.34
N VAL B 114 25.18 17.49 -8.34
CA VAL B 114 26.52 16.97 -8.58
C VAL B 114 26.43 15.59 -9.25
N ALA B 115 25.53 14.75 -8.75
CA ALA B 115 25.30 13.45 -9.37
C ALA B 115 24.95 13.60 -10.85
N LEU B 116 24.05 14.55 -11.15
CA LEU B 116 23.64 14.73 -12.53
C LEU B 116 24.76 15.29 -13.39
N VAL B 117 25.65 16.07 -12.80
CA VAL B 117 26.78 16.59 -13.56
C VAL B 117 27.70 15.45 -13.96
N GLU B 118 27.97 14.54 -13.03
CA GLU B 118 28.81 13.40 -13.37
C GLU B 118 28.14 12.55 -14.45
N ALA B 119 26.82 12.37 -14.34
CA ALA B 119 26.09 11.62 -15.35
C ALA B 119 26.19 12.29 -16.72
N LYS B 120 26.04 13.61 -16.75
CA LYS B 120 26.26 14.38 -17.96
C LYS B 120 27.64 14.09 -18.53
N GLN B 121 28.64 14.09 -17.67
CA GLN B 121 30.02 13.91 -18.14
C GLN B 121 30.20 12.54 -18.78
N ALA B 122 29.49 11.54 -18.29
CA ALA B 122 29.62 10.19 -18.87
C ALA B 122 28.62 9.90 -19.99
N LYS B 123 27.65 10.79 -20.21
CA LYS B 123 26.57 10.53 -21.16
C LYS B 123 27.08 10.19 -22.56
N SER B 124 28.27 10.65 -22.93
CA SER B 124 28.83 10.33 -24.23
C SER B 124 28.98 8.82 -24.40
N ASP B 125 29.75 8.20 -23.51
CA ASP B 125 29.91 6.76 -23.59
C ASP B 125 28.61 6.04 -23.30
N ILE B 126 27.73 6.64 -22.50
CA ILE B 126 26.39 6.05 -22.33
C ILE B 126 25.74 5.86 -23.70
N GLU B 127 25.72 6.92 -24.50
CA GLU B 127 25.06 6.85 -25.79
C GLU B 127 25.79 5.94 -26.74
N LYS B 128 27.13 5.94 -26.69
CA LYS B 128 27.89 5.04 -27.55
C LYS B 128 27.53 3.59 -27.27
N LEU B 129 27.48 3.23 -25.99
CA LEU B 129 27.09 1.87 -25.61
C LEU B 129 25.68 1.57 -26.11
N LYS B 130 24.74 2.47 -25.83
CA LYS B 130 23.35 2.30 -26.27
C LYS B 130 23.27 2.03 -27.76
N GLU B 131 24.03 2.78 -28.56
CA GLU B 131 24.10 2.54 -29.99
C GLU B 131 24.60 1.13 -30.28
N ALA B 132 25.62 0.69 -29.56
CA ALA B 132 26.14 -0.65 -29.80
C ALA B 132 25.11 -1.72 -29.47
N ILE B 133 24.41 -1.58 -28.34
CA ILE B 133 23.58 -2.67 -27.84
C ILE B 133 22.23 -2.73 -28.55
N ARG B 134 21.68 -1.59 -28.98
CA ARG B 134 20.30 -1.55 -29.44
C ARG B 134 20.01 -2.54 -30.56
N ASP B 135 20.63 -2.36 -31.71
CA ASP B 135 20.44 -3.29 -32.82
C ASP B 135 21.22 -4.58 -32.66
N THR B 136 21.97 -4.75 -31.57
CA THR B 136 22.69 -5.99 -31.35
C THR B 136 21.77 -7.15 -30.98
N ASN B 137 20.54 -6.85 -30.55
CA ASN B 137 19.42 -7.76 -30.32
C ASN B 137 19.81 -9.09 -29.65
N LYS B 138 20.81 -9.04 -28.79
CA LYS B 138 21.20 -10.14 -27.92
C LYS B 138 22.12 -9.51 -26.88
N ALA B 139 22.84 -10.32 -26.11
CA ALA B 139 23.76 -9.82 -25.10
C ALA B 139 22.98 -9.02 -24.06
N VAL B 140 22.14 -9.75 -23.34
CA VAL B 140 21.18 -9.17 -22.41
C VAL B 140 21.87 -8.28 -21.39
N GLN B 141 23.06 -8.66 -20.96
CA GLN B 141 23.82 -7.94 -19.95
C GLN B 141 25.23 -7.68 -20.47
N SER B 142 25.68 -6.44 -20.32
CA SER B 142 26.94 -5.96 -20.87
C SER B 142 27.94 -5.69 -19.76
N VAL B 143 29.17 -6.14 -19.97
CA VAL B 143 30.24 -6.09 -18.96
C VAL B 143 31.50 -5.47 -19.55
N CYS B 144 31.33 -4.51 -20.46
CA CYS B 144 32.43 -3.86 -21.17
C CYS B 144 33.58 -3.46 -20.25
N SER B 145 33.31 -2.62 -19.25
CA SER B 145 34.30 -2.24 -18.22
C SER B 145 35.41 -1.38 -18.80
N SER B 146 35.00 -0.29 -19.47
CA SER B 146 35.98 0.62 -20.05
C SER B 146 36.72 1.41 -18.97
N VAL B 147 35.98 2.06 -18.07
CA VAL B 147 36.54 2.90 -17.02
C VAL B 147 36.20 2.27 -15.67
N GLY B 148 34.91 2.19 -15.38
CA GLY B 148 34.38 1.41 -14.29
C GLY B 148 33.48 0.35 -14.86
N ASN B 149 32.69 -0.33 -14.03
CA ASN B 149 31.80 -1.38 -14.52
C ASN B 149 30.85 -0.83 -15.59
N CYS B 150 30.52 -1.68 -16.54
CA CYS B 150 29.73 -1.25 -17.69
C CYS B 150 28.30 -0.98 -17.28
N ILE B 151 27.64 -0.16 -18.07
CA ILE B 151 26.19 -0.10 -18.00
C ILE B 151 25.66 -1.44 -18.49
N VAL B 152 24.90 -2.11 -17.63
CA VAL B 152 24.55 -3.50 -17.93
C VAL B 152 23.54 -3.58 -19.06
N ALA B 153 22.72 -2.54 -19.22
CA ALA B 153 21.69 -2.51 -20.24
C ALA B 153 20.76 -3.71 -20.11
N ILE B 154 20.15 -3.79 -18.93
CA ILE B 154 19.19 -4.84 -18.65
C ILE B 154 18.05 -4.76 -19.65
N LYS B 155 17.99 -5.72 -20.56
CA LYS B 155 16.92 -5.82 -21.52
C LYS B 155 15.78 -6.57 -20.85
N SER B 156 14.55 -6.23 -21.20
CA SER B 156 13.41 -6.50 -20.33
C SER B 156 13.21 -7.99 -20.08
N VAL B 157 13.20 -8.81 -21.13
CA VAL B 157 12.66 -10.16 -21.05
C VAL B 157 13.54 -11.20 -21.73
N GLN B 158 14.71 -10.81 -22.26
CA GLN B 158 15.36 -11.63 -23.30
C GLN B 158 15.75 -13.02 -22.82
N ASP B 159 15.91 -13.24 -21.52
CA ASP B 159 16.15 -14.59 -21.05
C ASP B 159 14.93 -15.47 -21.30
N TYR B 160 13.77 -15.01 -20.83
CA TYR B 160 12.54 -15.72 -21.11
C TYR B 160 12.28 -15.79 -22.60
N VAL B 161 12.70 -14.78 -23.36
CA VAL B 161 12.45 -14.83 -24.79
C VAL B 161 13.31 -15.89 -25.45
N ASN B 162 14.53 -16.08 -24.95
CA ASN B 162 15.35 -17.18 -25.45
C ASN B 162 14.70 -18.51 -25.13
N LYS B 163 14.12 -18.62 -23.94
CA LYS B 163 13.35 -19.82 -23.61
C LYS B 163 12.10 -19.93 -24.48
N GLU B 164 11.61 -18.79 -24.97
CA GLU B 164 10.35 -18.71 -25.70
C GLU B 164 10.51 -19.08 -27.17
N ILE B 165 11.67 -18.81 -27.75
CA ILE B 165 11.82 -18.89 -29.20
C ILE B 165 11.54 -20.29 -29.70
N VAL B 166 11.92 -21.31 -28.95
CA VAL B 166 11.88 -22.67 -29.47
C VAL B 166 10.42 -23.12 -29.61
N PRO B 167 9.45 -22.62 -28.81
CA PRO B 167 8.08 -22.56 -29.34
C PRO B 167 7.97 -21.92 -30.71
N SER B 168 8.48 -20.69 -30.84
CA SER B 168 8.24 -19.89 -32.04
C SER B 168 8.91 -20.45 -33.28
N ILE B 169 9.77 -21.44 -33.15
CA ILE B 169 10.48 -22.00 -34.30
C ILE B 169 10.84 -23.44 -33.97
N ALA B 170 10.55 -24.33 -34.91
CA ALA B 170 10.76 -25.78 -34.81
C ALA B 170 9.74 -26.46 -33.90
N ARG B 171 8.87 -25.71 -33.23
CA ARG B 171 7.71 -26.26 -32.53
C ARG B 171 6.40 -25.74 -33.10
N LEU B 172 6.24 -24.43 -33.19
CA LEU B 172 5.00 -23.81 -33.63
C LEU B 172 5.34 -22.61 -34.48
N GLY B 173 4.31 -21.93 -34.98
CA GLY B 173 4.50 -20.65 -35.63
C GLY B 173 4.85 -19.60 -34.59
N CYS B 174 5.02 -18.36 -35.05
CA CYS B 174 5.30 -17.24 -34.16
C CYS B 174 4.02 -16.52 -33.76
N GLU B 175 2.84 -17.08 -34.05
CA GLU B 175 1.58 -16.42 -33.70
C GLU B 175 1.04 -16.87 -32.35
N ALA B 176 1.16 -18.16 -32.02
CA ALA B 176 1.02 -18.56 -30.62
C ALA B 176 2.07 -17.86 -29.76
N ALA B 177 3.26 -17.72 -30.31
CA ALA B 177 4.28 -16.92 -29.67
C ALA B 177 3.82 -15.49 -29.48
N GLY B 178 3.17 -14.91 -30.49
CA GLY B 178 2.67 -13.56 -30.36
C GLY B 178 1.65 -13.44 -29.25
N LEU B 179 0.77 -14.44 -29.14
CA LEU B 179 -0.18 -14.50 -28.05
C LEU B 179 0.53 -14.46 -26.70
N GLN B 180 1.40 -15.44 -26.48
CA GLN B 180 2.07 -15.58 -25.20
C GLN B 180 2.92 -14.36 -24.90
N LEU B 181 3.60 -13.85 -25.90
CA LEU B 181 4.51 -12.74 -25.71
C LEU B 181 3.75 -11.45 -25.44
N GLY B 182 2.64 -11.25 -26.13
CA GLY B 182 1.82 -10.08 -25.89
C GLY B 182 1.33 -10.04 -24.46
N ILE B 183 0.77 -11.16 -23.98
CA ILE B 183 0.22 -11.13 -22.63
C ILE B 183 1.33 -11.00 -21.60
N ALA B 184 2.48 -11.63 -21.86
CA ALA B 184 3.56 -11.56 -20.88
C ALA B 184 4.16 -10.16 -20.81
N LEU B 185 4.38 -9.54 -21.98
CA LEU B 185 4.91 -8.19 -22.02
C LEU B 185 3.96 -7.21 -21.37
N THR B 186 2.65 -7.40 -21.58
CA THR B 186 1.69 -6.54 -20.91
C THR B 186 1.77 -6.69 -19.40
N GLN B 187 1.90 -7.93 -18.93
CA GLN B 187 2.07 -8.16 -17.50
C GLN B 187 3.30 -7.44 -16.97
N HIS B 188 4.40 -7.55 -17.69
CA HIS B 188 5.64 -6.92 -17.24
C HIS B 188 5.48 -5.41 -17.18
N TYR B 189 4.74 -4.85 -18.13
CA TYR B 189 4.45 -3.43 -18.09
C TYR B 189 3.59 -3.06 -16.89
N SER B 190 2.56 -3.86 -16.63
CA SER B 190 1.71 -3.58 -15.48
C SER B 190 2.51 -3.62 -14.20
N GLU B 191 3.55 -4.45 -14.16
CA GLU B 191 4.40 -4.47 -12.98
C GLU B 191 5.33 -3.26 -12.95
N LEU B 192 5.75 -2.76 -14.11
CA LEU B 192 6.52 -1.53 -14.14
C LEU B 192 5.73 -0.39 -13.53
N THR B 193 4.47 -0.27 -13.94
CA THR B 193 3.70 0.92 -13.61
C THR B 193 3.49 1.09 -12.11
N ASN B 194 3.66 0.01 -11.35
CA ASN B 194 3.54 0.10 -9.90
C ASN B 194 4.54 1.08 -9.31
N CYS B 195 5.78 1.06 -9.79
CA CYS B 195 6.85 1.89 -9.23
C CYS B 195 7.71 2.57 -10.29
N PHE B 196 7.31 2.52 -11.55
CA PHE B 196 7.97 3.29 -12.61
C PHE B 196 9.43 2.88 -12.78
N GLY B 207 11.67 9.14 -7.22
CA GLY B 207 11.86 8.57 -5.90
C GLY B 207 11.51 7.09 -5.83
N ILE B 208 12.17 6.29 -6.66
CA ILE B 208 11.93 4.86 -6.73
C ILE B 208 12.75 4.17 -5.65
N LYS B 209 12.25 3.03 -5.19
CA LYS B 209 13.00 2.11 -4.34
C LYS B 209 13.58 1.00 -5.21
N LEU B 210 14.89 0.78 -5.09
CA LEU B 210 15.58 -0.06 -6.05
C LEU B 210 15.14 -1.51 -6.01
N GLN B 211 14.60 -1.97 -4.87
CA GLN B 211 14.21 -3.37 -4.79
C GLN B 211 13.04 -3.68 -5.72
N CYS B 212 12.23 -2.69 -6.07
CA CYS B 212 11.11 -2.96 -6.95
C CYS B 212 11.56 -3.12 -8.40
N ILE B 213 12.47 -2.24 -8.85
CA ILE B 213 13.05 -2.41 -10.16
C ILE B 213 13.90 -3.67 -10.21
N ALA B 214 14.40 -4.13 -9.06
CA ALA B 214 14.93 -5.48 -9.00
C ALA B 214 13.83 -6.50 -9.26
N SER B 215 12.74 -6.40 -8.51
CA SER B 215 11.63 -7.36 -8.60
C SER B 215 11.07 -7.45 -10.01
N LEU B 216 11.26 -6.42 -10.82
CA LEU B 216 11.00 -6.55 -12.25
C LEU B 216 11.78 -7.72 -12.82
N TYR B 217 13.07 -7.79 -12.53
CA TYR B 217 13.98 -8.80 -13.05
C TYR B 217 14.25 -9.78 -11.92
N ARG B 218 13.37 -10.75 -11.78
CA ARG B 218 13.29 -11.53 -10.55
C ARG B 218 14.56 -12.34 -10.35
N THR B 219 14.96 -13.07 -11.40
CA THR B 219 16.22 -13.79 -11.35
C THR B 219 17.40 -12.83 -11.29
N ASN B 220 17.36 -11.78 -12.12
CA ASN B 220 18.51 -10.93 -12.31
C ASN B 220 18.79 -10.02 -11.12
N ILE B 221 17.97 -10.07 -10.07
CA ILE B 221 18.25 -9.24 -8.89
C ILE B 221 19.62 -9.55 -8.34
N THR B 222 19.78 -10.75 -7.80
CA THR B 222 20.88 -11.02 -6.88
C THR B 222 22.21 -11.02 -7.60
N GLU B 223 22.21 -11.39 -8.89
CA GLU B 223 23.45 -11.48 -9.64
C GLU B 223 24.16 -10.13 -9.70
N ILE B 224 23.49 -9.15 -10.32
CA ILE B 224 24.10 -7.83 -10.46
C ILE B 224 24.19 -7.16 -9.10
N PHE B 225 23.13 -7.26 -8.29
CA PHE B 225 23.10 -6.61 -6.98
C PHE B 225 24.17 -7.15 -6.04
N THR B 226 24.73 -8.32 -6.36
CA THR B 226 25.81 -8.94 -5.60
C THR B 226 27.17 -8.62 -6.20
N THR B 227 27.30 -8.74 -7.52
CA THR B 227 28.58 -8.84 -8.18
C THR B 227 29.00 -7.60 -8.95
N SER B 228 28.18 -6.55 -8.99
CA SER B 228 28.64 -5.29 -9.56
C SER B 228 29.88 -4.81 -8.81
N THR B 229 29.73 -4.50 -7.52
CA THR B 229 30.86 -4.37 -6.61
C THR B 229 31.17 -5.75 -6.05
N VAL B 230 32.45 -6.11 -6.05
CA VAL B 230 32.84 -7.43 -5.57
C VAL B 230 32.52 -7.48 -4.07
N ASP B 231 31.49 -8.26 -3.72
CA ASP B 231 30.92 -8.26 -2.38
C ASP B 231 31.50 -9.42 -1.59
N LYS B 232 32.56 -9.14 -0.83
CA LYS B 232 33.10 -10.08 0.14
C LYS B 232 32.54 -9.85 1.53
N TYR B 233 31.91 -8.69 1.76
CA TYR B 233 31.10 -8.48 2.94
C TYR B 233 29.80 -9.27 2.80
N ASP B 234 29.06 -9.40 3.90
CA ASP B 234 27.80 -10.11 3.91
C ASP B 234 26.88 -9.58 2.84
N ILE B 235 26.48 -10.45 1.91
CA ILE B 235 25.52 -10.09 0.88
C ILE B 235 24.20 -9.67 1.51
N TYR B 236 23.87 -10.24 2.67
CA TYR B 236 22.58 -10.01 3.31
C TYR B 236 22.49 -8.60 3.89
N ASP B 237 23.57 -8.15 4.53
CA ASP B 237 23.68 -6.75 4.93
C ASP B 237 23.43 -5.82 3.74
N LEU B 238 24.02 -6.14 2.59
CA LEU B 238 23.75 -5.36 1.40
C LEU B 238 22.28 -5.48 0.99
N LEU B 239 21.69 -6.67 1.14
CA LEU B 239 20.31 -6.86 0.74
C LEU B 239 19.37 -5.95 1.51
N PHE B 240 19.70 -5.66 2.78
CA PHE B 240 18.81 -4.79 3.55
C PHE B 240 18.71 -3.40 2.94
N THR B 241 19.80 -2.89 2.39
CA THR B 241 19.83 -1.49 2.00
C THR B 241 18.94 -1.21 0.80
N GLU B 242 18.45 0.03 0.75
CA GLU B 242 17.62 0.54 -0.33
C GLU B 242 18.08 1.93 -0.75
N LYS B 245 18.23 7.89 -3.21
CA LYS B 245 17.89 6.54 -3.63
C LYS B 245 17.93 6.44 -5.16
N VAL B 246 17.59 5.26 -5.68
CA VAL B 246 17.61 5.04 -7.13
C VAL B 246 16.77 6.07 -7.84
N ARG B 247 17.18 6.43 -9.04
CA ARG B 247 16.72 7.66 -9.66
C ARG B 247 16.90 7.59 -11.16
N VAL B 248 16.14 8.43 -11.86
CA VAL B 248 16.29 8.66 -13.29
C VAL B 248 17.00 9.98 -13.50
N ILE B 249 17.83 10.04 -14.53
CA ILE B 249 18.55 11.25 -14.89
C ILE B 249 18.08 11.83 -16.22
N ASP B 250 17.65 10.99 -17.16
CA ASP B 250 17.15 11.41 -18.45
C ASP B 250 16.58 10.16 -19.11
N VAL B 251 16.16 10.28 -20.37
CA VAL B 251 15.42 9.21 -21.00
C VAL B 251 15.45 9.41 -22.50
N ASP B 252 15.40 8.29 -23.23
CA ASP B 252 15.23 8.28 -24.68
C ASP B 252 13.78 7.98 -24.99
N LEU B 253 13.34 8.49 -26.14
CA LEU B 253 11.95 8.39 -26.56
C LEU B 253 11.77 7.69 -27.89
N ASN B 254 12.79 7.66 -28.74
CA ASN B 254 12.64 7.04 -30.05
C ASN B 254 12.87 5.53 -29.97
N ASP B 255 13.85 5.11 -29.18
CA ASP B 255 14.00 3.71 -28.79
C ASP B 255 13.28 3.40 -27.49
N TYR B 256 12.91 4.41 -26.72
CA TYR B 256 12.21 4.23 -25.45
C TYR B 256 13.05 3.42 -24.48
N SER B 257 14.19 3.99 -24.10
CA SER B 257 15.06 3.46 -23.07
C SER B 257 15.15 4.43 -21.91
N ILE B 258 15.11 3.90 -20.69
CA ILE B 258 15.18 4.69 -19.47
C ILE B 258 16.59 4.58 -18.93
N THR B 259 17.10 5.68 -18.39
CA THR B 259 18.45 5.76 -17.84
C THR B 259 18.38 6.07 -16.35
N LEU B 260 19.13 5.32 -15.56
CA LEU B 260 19.13 5.45 -14.11
C LEU B 260 20.54 5.65 -13.60
N GLN B 261 20.63 6.34 -12.46
CA GLN B 261 21.90 6.59 -11.77
C GLN B 261 21.83 5.89 -10.43
N VAL B 262 22.45 4.72 -10.36
CA VAL B 262 22.39 3.89 -9.17
C VAL B 262 23.58 4.20 -8.28
N ARG B 263 23.32 4.33 -6.99
CA ARG B 263 24.35 4.27 -5.95
C ARG B 263 24.32 2.89 -5.31
N LEU B 264 25.50 2.41 -4.92
CA LEU B 264 25.67 1.02 -4.49
C LEU B 264 26.86 0.97 -3.53
N PRO B 265 26.69 1.47 -2.32
CA PRO B 265 27.85 1.80 -1.48
C PRO B 265 28.51 0.60 -0.81
N LEU B 266 29.60 0.92 -0.12
CA LEU B 266 30.33 0.03 0.78
C LEU B 266 29.96 0.35 2.22
N LEU B 267 30.18 -0.63 3.09
CA LEU B 267 29.89 -0.54 4.52
C LEU B 267 31.19 -0.46 5.29
N THR B 268 31.44 0.70 5.90
CA THR B 268 32.59 0.91 6.77
C THR B 268 32.11 1.01 8.21
N ARG B 269 32.54 0.07 9.03
CA ARG B 269 32.17 0.09 10.44
C ARG B 269 32.84 1.27 11.13
N LEU B 270 32.03 2.17 11.67
CA LEU B 270 32.53 3.14 12.64
C LEU B 270 32.70 2.45 13.99
N LEU B 271 33.76 2.82 14.70
CA LEU B 271 34.12 2.21 15.97
C LEU B 271 34.19 3.27 17.06
N ASN B 272 34.36 2.78 18.29
CA ASN B 272 34.20 3.60 19.49
C ASN B 272 32.82 4.26 19.53
N THR B 273 31.82 3.58 18.98
CA THR B 273 30.45 4.07 19.03
C THR B 273 29.51 2.88 18.96
N GLN B 274 28.67 2.75 19.98
CA GLN B 274 27.78 1.62 20.14
C GLN B 274 26.37 2.12 20.34
N ILE B 275 25.42 1.47 19.69
CA ILE B 275 24.01 1.81 19.78
C ILE B 275 23.40 1.07 20.96
N TYR B 276 22.53 1.76 21.68
CA TYR B 276 21.75 1.21 22.77
C TYR B 276 20.26 1.34 22.46
N LYS B 277 19.51 0.34 22.86
CA LYS B 277 18.05 0.42 22.93
C LYS B 277 17.67 0.77 24.36
N VAL B 278 16.49 1.37 24.51
CA VAL B 278 16.02 1.83 25.81
C VAL B 278 14.57 1.43 25.97
N ASP B 279 14.23 0.99 27.19
CA ASP B 279 12.86 0.58 27.52
C ASP B 279 12.65 0.92 28.99
N SER B 280 11.77 1.90 29.25
CA SER B 280 11.48 2.36 30.58
C SER B 280 10.16 1.78 31.07
N ILE B 281 9.97 1.78 32.38
CA ILE B 281 8.75 1.32 33.01
C ILE B 281 8.39 2.26 34.15
N SER B 282 7.27 1.95 34.79
CA SER B 282 6.70 2.80 35.81
C SER B 282 7.54 2.79 37.08
N TYR B 283 7.23 3.74 37.95
CA TYR B 283 7.49 3.59 39.37
C TYR B 283 6.64 4.62 40.11
N ASN B 284 6.28 4.27 41.34
CA ASN B 284 5.19 4.90 42.06
C ASN B 284 5.70 5.83 43.13
N ILE B 285 4.95 6.91 43.37
CA ILE B 285 5.29 7.93 44.35
C ILE B 285 3.98 8.43 44.96
N GLN B 286 3.83 8.25 46.27
CA GLN B 286 2.64 8.71 46.99
C GLN B 286 1.36 8.14 46.36
N ASN B 287 1.48 6.94 45.79
CA ASN B 287 0.44 6.40 44.92
C ASN B 287 0.18 7.33 43.73
N ARG B 288 1.27 7.73 43.08
CA ARG B 288 1.22 8.38 41.77
C ARG B 288 2.25 7.69 40.89
N GLU B 289 1.76 7.05 39.84
CA GLU B 289 2.58 6.22 38.96
C GLU B 289 3.16 7.10 37.87
N TRP B 290 4.44 7.47 37.99
CA TRP B 290 5.11 8.32 37.01
C TRP B 290 6.26 7.56 36.35
N TYR B 291 6.48 7.87 35.07
CA TYR B 291 7.51 7.24 34.25
C TYR B 291 8.59 8.25 33.88
N ILE B 292 9.50 7.81 33.03
CA ILE B 292 10.68 8.56 32.64
C ILE B 292 10.72 8.64 31.12
N PRO B 293 10.49 9.81 30.50
CA PRO B 293 10.49 9.85 29.04
C PRO B 293 11.90 9.78 28.50
N LEU B 294 12.10 8.90 27.51
CA LEU B 294 13.38 8.80 26.82
C LEU B 294 13.13 8.29 25.42
N PRO B 295 14.08 8.51 24.50
CA PRO B 295 13.88 8.03 23.13
C PRO B 295 13.91 6.53 23.04
N SER B 296 13.60 6.05 21.83
CA SER B 296 13.66 4.63 21.53
C SER B 296 15.08 4.10 21.58
N HIS B 297 16.07 4.96 21.35
CA HIS B 297 17.46 4.53 21.25
C HIS B 297 18.35 5.64 21.77
N ILE B 298 19.55 5.23 22.20
CA ILE B 298 20.63 6.15 22.54
C ILE B 298 21.93 5.48 22.15
N MET B 299 23.02 6.25 22.18
CA MET B 299 24.30 5.78 21.71
C MET B 299 25.39 6.61 22.35
N THR B 300 26.64 6.19 22.12
CA THR B 300 27.81 6.79 22.75
C THR B 300 28.83 7.08 21.65
N LYS B 301 28.71 8.23 20.99
CA LYS B 301 29.61 8.52 19.88
C LYS B 301 31.00 8.81 20.44
N GLY B 302 31.99 8.05 19.95
CA GLY B 302 33.33 8.16 20.49
C GLY B 302 33.33 7.78 21.95
N ALA B 303 33.48 8.77 22.81
CA ALA B 303 33.30 8.60 24.24
C ALA B 303 32.25 9.54 24.81
N PHE B 304 31.66 10.40 23.99
CA PHE B 304 30.52 11.20 24.40
C PHE B 304 29.23 10.44 24.10
N LEU B 305 28.10 11.04 24.45
CA LEU B 305 26.80 10.38 24.45
C LEU B 305 25.88 11.07 23.44
N GLY B 306 24.62 10.67 23.46
CA GLY B 306 23.60 11.33 22.66
C GLY B 306 22.54 10.35 22.22
N GLY B 307 21.44 10.91 21.74
CA GLY B 307 20.34 10.11 21.26
C GLY B 307 20.71 9.31 20.04
N ALA B 308 19.78 8.49 19.55
CA ALA B 308 20.02 7.65 18.39
C ALA B 308 18.71 7.47 17.65
N ASP B 309 18.78 7.61 16.32
CA ASP B 309 17.62 7.45 15.44
C ASP B 309 17.96 6.37 14.43
N VAL B 310 17.73 5.12 14.83
CA VAL B 310 17.85 3.98 13.92
C VAL B 310 16.52 3.63 13.28
N LYS B 311 15.55 4.56 13.34
CA LYS B 311 14.33 4.43 12.54
C LYS B 311 14.66 4.29 11.06
N GLU B 312 15.75 4.95 10.63
CA GLU B 312 16.22 4.82 9.26
C GLU B 312 16.56 3.38 8.92
N CYS B 313 17.15 2.65 9.87
CA CYS B 313 17.94 1.47 9.56
C CYS B 313 17.47 0.23 10.31
N ILE B 314 18.07 -0.88 9.90
CA ILE B 314 17.70 -2.23 10.32
C ILE B 314 18.65 -2.68 11.43
N GLU B 315 18.09 -3.36 12.42
CA GLU B 315 18.89 -3.95 13.47
C GLU B 315 19.81 -5.02 12.91
N ALA B 316 20.77 -5.43 13.72
CA ALA B 316 21.64 -6.55 13.42
C ALA B 316 22.08 -7.15 14.74
N PHE B 317 23.13 -7.95 14.71
CA PHE B 317 23.70 -8.48 15.94
C PHE B 317 24.74 -7.53 16.53
N SER B 318 25.33 -6.67 15.71
CA SER B 318 26.21 -5.61 16.22
C SER B 318 26.09 -4.32 15.43
N SER B 319 25.07 -4.16 14.61
CA SER B 319 25.14 -3.20 13.51
C SER B 319 23.77 -2.59 13.22
N TYR B 320 23.82 -1.43 12.58
CA TYR B 320 22.64 -0.62 12.29
C TYR B 320 22.94 0.13 10.99
N ILE B 321 22.34 -0.31 9.89
CA ILE B 321 22.81 0.08 8.55
C ILE B 321 22.05 1.34 8.15
N CYS B 322 22.54 2.49 8.64
CA CYS B 322 22.03 3.82 8.29
C CYS B 322 23.13 4.71 7.72
N PRO B 323 22.97 5.29 6.52
CA PRO B 323 23.95 6.29 6.06
C PRO B 323 24.15 7.44 7.03
N SER B 324 23.07 8.08 7.45
CA SER B 324 23.19 9.21 8.35
C SER B 324 23.66 8.75 9.71
N ASP B 325 24.41 9.63 10.38
CA ASP B 325 24.90 9.37 11.73
C ASP B 325 24.06 10.16 12.71
N PRO B 326 22.94 9.62 13.19
CA PRO B 326 22.10 10.37 14.14
C PRO B 326 22.84 10.59 15.45
N GLY B 327 22.97 11.84 15.83
CA GLY B 327 23.66 12.23 17.04
C GLY B 327 22.89 13.32 17.75
N PHE B 328 21.57 13.25 17.68
CA PHE B 328 20.75 14.40 18.04
C PHE B 328 20.91 14.77 19.50
N VAL B 329 21.52 15.94 19.72
CA VAL B 329 21.79 16.40 21.07
C VAL B 329 20.49 16.58 21.82
N LEU B 330 20.52 16.26 23.10
CA LEU B 330 19.40 16.45 24.00
C LEU B 330 19.86 17.28 25.19
N ASN B 331 18.92 17.58 26.07
CA ASN B 331 19.18 18.50 27.17
C ASN B 331 20.29 18.00 28.06
N HIS B 332 21.22 18.91 28.40
CA HIS B 332 22.26 18.59 29.37
C HIS B 332 21.68 18.10 30.68
N GLU B 333 20.54 18.67 31.08
CA GLU B 333 19.82 18.23 32.27
C GLU B 333 19.46 16.75 32.17
N MET B 334 18.99 16.32 31.00
CA MET B 334 18.62 14.92 30.81
C MET B 334 19.84 14.02 30.94
N GLU B 335 20.85 14.25 30.11
CA GLU B 335 22.02 13.38 30.07
C GLU B 335 22.83 13.42 31.36
N SER B 336 22.59 14.40 32.24
CA SER B 336 23.23 14.34 33.55
C SER B 336 22.89 13.04 34.28
N CYS B 337 21.70 12.51 34.06
CA CYS B 337 21.32 11.23 34.65
C CYS B 337 22.05 10.08 34.00
N LEU B 338 22.05 10.06 32.67
CA LEU B 338 22.67 8.95 31.94
C LEU B 338 24.16 8.88 32.24
N SER B 339 24.79 10.05 32.40
CA SER B 339 26.17 10.09 32.86
C SER B 339 26.29 9.53 34.27
N GLY B 340 25.23 9.65 35.07
CA GLY B 340 25.21 9.08 36.41
C GLY B 340 24.48 9.93 37.44
N ASN B 341 24.41 11.25 37.21
CA ASN B 341 23.80 12.15 38.19
C ASN B 341 22.29 11.99 38.13
N ILE B 342 21.81 10.90 38.73
CA ILE B 342 20.42 10.51 38.58
C ILE B 342 19.45 11.48 39.23
N SER B 343 19.89 12.24 40.21
CA SER B 343 18.97 13.03 41.00
C SER B 343 18.44 14.25 40.29
N GLN B 344 18.65 14.40 38.99
CA GLN B 344 18.12 15.49 38.19
C GLN B 344 17.52 14.93 36.89
N CYS B 345 16.65 13.91 37.02
CA CYS B 345 15.94 13.32 35.90
C CYS B 345 14.56 13.94 35.73
N PRO B 346 13.95 13.79 34.55
CA PRO B 346 12.57 14.22 34.35
C PRO B 346 11.60 13.09 34.68
N ARG B 347 10.32 13.44 34.64
CA ARG B 347 9.24 12.51 34.99
C ARG B 347 8.05 12.82 34.11
N THR B 348 6.96 12.10 34.33
CA THR B 348 5.71 12.37 33.62
C THR B 348 4.62 11.45 34.17
N THR B 349 3.39 11.93 34.16
CA THR B 349 2.26 11.11 34.54
C THR B 349 1.99 10.06 33.47
N VAL B 350 1.75 8.84 33.92
CA VAL B 350 1.68 7.69 33.01
C VAL B 350 0.33 7.64 32.33
N THR B 351 0.34 7.22 31.06
CA THR B 351 -0.89 6.85 30.36
C THR B 351 -0.48 5.86 29.25
N SER B 352 -0.62 4.58 29.54
CA SER B 352 -0.20 3.52 28.64
C SER B 352 -1.02 2.27 28.98
N ASP B 353 -0.58 1.14 28.46
CA ASP B 353 -1.16 -0.15 28.81
C ASP B 353 -0.41 -0.67 30.04
N ILE B 354 -0.59 -1.94 30.40
CA ILE B 354 -0.11 -2.46 31.67
C ILE B 354 1.33 -2.96 31.59
N VAL B 355 1.63 -3.79 30.58
CA VAL B 355 2.86 -4.58 30.55
C VAL B 355 4.12 -3.69 30.55
N PRO B 356 4.07 -2.39 30.16
CA PRO B 356 5.22 -1.51 30.49
C PRO B 356 5.38 -1.18 31.97
N ARG B 357 4.64 -1.84 32.85
CA ARG B 357 4.84 -1.75 34.28
C ARG B 357 5.63 -2.92 34.87
N TYR B 358 5.98 -3.92 34.05
CA TYR B 358 6.84 -5.00 34.50
C TYR B 358 7.63 -5.56 33.33
N ALA B 359 8.84 -6.02 33.62
CA ALA B 359 9.68 -6.64 32.60
C ALA B 359 10.93 -7.21 33.26
N PHE B 360 11.69 -7.97 32.47
CA PHE B 360 12.86 -8.70 32.92
C PHE B 360 14.09 -7.81 32.97
N VAL B 361 15.04 -8.21 33.83
CA VAL B 361 16.42 -7.75 33.72
C VAL B 361 17.33 -8.94 34.00
N ASN B 362 17.81 -9.59 32.95
CA ASN B 362 18.70 -10.74 33.06
C ASN B 362 18.12 -11.81 33.99
N GLY B 363 16.98 -12.35 33.57
CA GLY B 363 16.28 -13.33 34.38
C GLY B 363 15.49 -12.72 35.52
N GLY B 364 16.18 -12.04 36.43
CA GLY B 364 15.50 -11.46 37.57
C GLY B 364 14.60 -10.31 37.14
N VAL B 365 13.38 -10.31 37.61
CA VAL B 365 12.36 -9.42 37.11
C VAL B 365 12.40 -8.13 37.90
N VAL B 366 12.02 -7.03 37.24
CA VAL B 366 11.91 -5.72 37.84
C VAL B 366 10.59 -5.12 37.42
N ALA B 367 9.92 -4.47 38.36
CA ALA B 367 8.59 -3.93 38.09
C ALA B 367 8.15 -3.08 39.26
N ASN B 368 7.01 -2.43 39.07
CA ASN B 368 6.22 -1.91 40.16
C ASN B 368 5.43 -3.05 40.78
N CYS B 369 5.60 -3.25 42.08
CA CYS B 369 4.94 -4.31 42.83
C CYS B 369 3.56 -3.91 43.31
N ILE B 370 2.92 -2.94 42.66
CA ILE B 370 1.64 -2.38 43.10
C ILE B 370 0.58 -2.53 42.01
N THR B 371 0.90 -2.18 40.77
CA THR B 371 0.03 -2.52 39.66
C THR B 371 0.17 -3.98 39.24
N THR B 372 1.14 -4.69 39.80
CA THR B 372 1.31 -6.11 39.55
C THR B 372 1.91 -6.69 40.82
N THR B 373 1.07 -7.26 41.67
CA THR B 373 1.48 -7.64 43.01
C THR B 373 2.55 -8.72 42.96
N CYS B 374 3.76 -8.36 43.35
CA CYS B 374 4.90 -9.27 43.26
C CYS B 374 4.70 -10.51 44.11
N THR B 375 4.54 -11.65 43.44
CA THR B 375 4.32 -12.94 44.08
C THR B 375 5.47 -13.84 43.69
N CYS B 376 6.58 -13.73 44.43
CA CYS B 376 7.60 -14.76 44.38
C CYS B 376 7.09 -16.00 45.09
N ASN B 377 7.34 -17.16 44.50
CA ASN B 377 6.90 -18.41 45.10
C ASN B 377 7.88 -18.87 46.16
N GLY B 378 8.15 -17.98 47.13
CA GLY B 378 9.07 -18.24 48.22
C GLY B 378 8.57 -17.87 49.61
N ILE B 379 7.31 -18.10 49.99
CA ILE B 379 6.32 -18.93 49.31
C ILE B 379 5.41 -17.94 48.56
N GLY B 380 4.57 -18.43 47.64
CA GLY B 380 3.70 -17.56 46.88
C GLY B 380 2.81 -16.71 47.75
N ASN B 381 3.12 -15.43 47.85
CA ASN B 381 2.37 -14.50 48.65
C ASN B 381 2.72 -13.09 48.21
N ARG B 382 1.85 -12.15 48.56
CA ARG B 382 2.01 -10.78 48.08
C ARG B 382 3.20 -10.10 48.74
N ILE B 383 3.92 -9.33 47.94
CA ILE B 383 5.16 -8.67 48.37
C ILE B 383 4.95 -7.18 48.12
N ASN B 384 4.47 -6.48 49.14
CA ASN B 384 4.19 -5.05 49.03
C ASN B 384 5.44 -4.24 49.37
N GLN B 385 5.42 -2.99 48.97
CA GLN B 385 6.58 -2.11 49.03
C GLN B 385 6.56 -1.29 50.31
N PRO B 386 7.66 -0.58 50.59
CA PRO B 386 7.55 0.63 51.39
C PRO B 386 6.93 1.74 50.56
N PRO B 387 6.20 2.67 51.18
CA PRO B 387 5.75 3.84 50.41
C PRO B 387 6.89 4.69 49.91
N ASP B 388 8.08 4.58 50.51
CA ASP B 388 9.23 5.35 50.04
C ASP B 388 9.59 5.00 48.60
N GLN B 389 9.61 3.71 48.29
CA GLN B 389 10.07 3.24 46.99
C GLN B 389 8.92 3.26 45.97
N GLY B 390 9.29 2.95 44.73
CA GLY B 390 8.33 2.77 43.65
C GLY B 390 8.42 1.37 43.06
N VAL B 391 9.58 0.74 43.19
CA VAL B 391 9.82 -0.60 42.66
C VAL B 391 10.70 -1.35 43.65
N LYS B 392 10.97 -2.62 43.33
CA LYS B 392 11.86 -3.46 44.11
C LYS B 392 12.60 -4.38 43.17
N ILE B 393 13.93 -4.38 43.26
CA ILE B 393 14.77 -5.21 42.41
C ILE B 393 14.88 -6.56 43.10
N ILE B 394 13.99 -7.46 42.73
CA ILE B 394 13.89 -8.77 43.37
C ILE B 394 14.80 -9.74 42.64
N THR B 395 15.46 -10.60 43.40
CA THR B 395 16.66 -11.31 42.93
C THR B 395 16.59 -12.77 43.35
N HIS B 396 17.71 -13.47 43.19
CA HIS B 396 17.82 -14.91 43.38
C HIS B 396 17.91 -15.21 44.88
N LYS B 397 16.81 -14.94 45.57
CA LYS B 397 16.70 -15.10 47.01
C LYS B 397 16.00 -16.40 47.39
N GLU B 398 14.76 -16.55 46.93
CA GLU B 398 14.04 -17.82 47.03
C GLU B 398 13.32 -18.18 45.73
N CYS B 399 13.24 -17.26 44.77
CA CYS B 399 12.45 -17.46 43.56
C CYS B 399 13.11 -18.54 42.75
N ASN B 400 12.54 -19.76 42.80
CA ASN B 400 13.04 -20.87 42.00
C ASN B 400 12.41 -20.87 40.61
N THR B 401 11.09 -20.69 40.55
CA THR B 401 10.39 -20.56 39.28
C THR B 401 9.09 -19.82 39.57
N ILE B 402 9.08 -18.53 39.26
CA ILE B 402 8.01 -17.65 39.70
C ILE B 402 6.78 -17.83 38.81
N GLY B 403 5.62 -17.55 39.39
CA GLY B 403 4.34 -17.75 38.73
C GLY B 403 3.40 -16.58 38.92
N ILE B 404 3.95 -15.37 39.03
CA ILE B 404 3.12 -14.18 39.15
C ILE B 404 2.21 -14.08 37.93
N ASN B 405 1.02 -13.53 38.14
CA ASN B 405 0.05 -13.33 37.06
C ASN B 405 -0.31 -14.63 36.35
N GLY B 406 -0.20 -15.76 37.05
CA GLY B 406 -0.57 -17.05 36.49
C GLY B 406 0.44 -17.67 35.55
N MET B 407 1.50 -16.96 35.17
CA MET B 407 2.45 -17.44 34.17
C MET B 407 3.68 -17.99 34.90
N LEU B 408 3.81 -19.32 34.90
CA LEU B 408 4.89 -20.01 35.59
C LEU B 408 6.12 -20.07 34.71
N PHE B 409 7.24 -19.58 35.23
CA PHE B 409 8.49 -19.61 34.48
C PHE B 409 9.66 -19.56 35.44
N ASN B 410 10.87 -19.64 34.89
CA ASN B 410 12.07 -19.99 35.63
C ASN B 410 12.99 -18.81 35.92
N THR B 411 13.67 -18.94 37.06
CA THR B 411 14.63 -18.00 37.64
C THR B 411 16.07 -18.38 37.29
N ASN B 412 17.02 -18.05 38.19
CA ASN B 412 18.46 -17.94 37.95
C ASN B 412 18.78 -16.65 37.25
N LYS B 413 18.38 -15.56 37.90
CA LYS B 413 18.91 -14.23 37.57
C LYS B 413 20.43 -14.26 37.50
N GLU B 414 20.98 -13.37 36.68
CA GLU B 414 22.41 -13.11 36.62
C GLU B 414 22.76 -11.64 36.65
N GLY B 415 21.83 -10.73 36.34
CA GLY B 415 22.12 -9.32 36.36
C GLY B 415 22.32 -8.81 37.76
N THR B 416 23.56 -8.55 38.12
CA THR B 416 23.98 -8.54 39.52
C THR B 416 23.52 -7.24 40.19
N LEU B 417 24.09 -6.93 41.35
CA LEU B 417 23.64 -5.84 42.22
C LEU B 417 22.20 -6.11 42.69
N ALA B 418 22.10 -7.13 43.54
CA ALA B 418 20.91 -7.35 44.34
C ALA B 418 20.89 -6.35 45.50
N PHE B 419 20.63 -5.10 45.15
CA PHE B 419 20.59 -4.04 46.13
C PHE B 419 19.61 -2.97 45.68
N TYR B 420 18.85 -2.46 46.64
CA TYR B 420 17.76 -1.52 46.37
C TYR B 420 18.34 -0.12 46.19
N THR B 421 17.46 0.88 46.20
CA THR B 421 17.85 2.28 46.02
C THR B 421 17.27 3.16 47.13
N PRO B 422 18.09 3.71 48.02
CA PRO B 422 17.67 4.89 48.77
C PRO B 422 18.18 6.14 48.07
N ASP B 423 17.33 7.16 48.01
CA ASP B 423 17.71 8.41 47.36
C ASP B 423 17.03 9.58 48.06
N ASP B 424 17.44 10.76 47.65
CA ASP B 424 16.73 11.98 48.01
C ASP B 424 15.29 11.88 47.55
N ILE B 425 14.44 12.73 48.14
CA ILE B 425 13.11 12.94 47.60
C ILE B 425 13.35 13.83 46.39
N THR B 426 13.57 13.18 45.25
CA THR B 426 14.21 13.79 44.09
C THR B 426 13.21 14.01 42.96
N LEU B 427 12.02 14.46 43.32
CA LEU B 427 10.88 14.59 42.43
C LEU B 427 10.84 15.95 41.74
N ASN B 428 12.02 16.55 41.55
CA ASN B 428 12.10 17.96 41.18
C ASN B 428 11.47 18.25 39.83
N ASN B 429 11.86 17.51 38.79
CA ASN B 429 11.43 17.82 37.43
C ASN B 429 10.15 17.06 37.14
N SER B 430 9.04 17.62 37.60
CA SER B 430 7.72 17.03 37.39
C SER B 430 7.06 17.62 36.15
N VAL B 431 7.73 17.45 35.02
CA VAL B 431 7.31 18.07 33.77
C VAL B 431 6.03 17.43 33.25
N ALA B 432 5.45 18.07 32.24
CA ALA B 432 4.31 17.54 31.51
C ALA B 432 4.65 17.53 30.02
N LEU B 433 4.11 16.55 29.32
CA LEU B 433 4.44 16.34 27.91
C LEU B 433 3.55 17.16 26.98
N ASP B 434 2.23 16.97 27.05
CA ASP B 434 1.31 17.66 26.17
C ASP B 434 1.34 19.17 26.45
N PRO B 435 1.42 20.03 25.43
CA PRO B 435 1.63 21.46 25.71
C PRO B 435 0.43 22.14 26.35
N ILE B 436 -0.76 21.57 26.23
CA ILE B 436 -1.96 22.21 26.75
C ILE B 436 -1.85 22.38 28.25
N ASP B 437 -1.48 21.29 28.94
CA ASP B 437 -1.35 21.35 30.38
C ASP B 437 -0.32 22.40 30.78
N ILE B 438 0.73 22.57 29.98
CA ILE B 438 1.73 23.57 30.29
C ILE B 438 1.16 24.95 30.11
N SER B 439 0.29 25.12 29.10
CA SER B 439 -0.33 26.41 28.87
C SER B 439 -1.21 26.81 30.04
N ILE B 440 -2.02 25.87 30.52
CA ILE B 440 -2.87 26.21 31.67
C ILE B 440 -2.02 26.41 32.91
N GLU B 441 -0.95 25.64 33.04
CA GLU B 441 -0.05 25.77 34.17
C GLU B 441 0.55 27.17 34.23
N LEU B 442 1.13 27.61 33.12
CA LEU B 442 1.72 28.93 33.07
C LEU B 442 0.68 30.03 33.12
N ASN B 443 -0.56 29.76 32.70
CA ASN B 443 -1.58 30.78 32.83
C ASN B 443 -2.03 30.94 34.26
N LYS B 444 -2.06 29.85 35.02
CA LYS B 444 -2.18 29.96 36.46
C LYS B 444 -1.01 30.74 37.03
N VAL B 445 0.19 30.49 36.52
CA VAL B 445 1.36 31.26 36.93
C VAL B 445 1.17 32.73 36.61
N LYS B 446 0.55 33.03 35.47
CA LYS B 446 0.32 34.40 35.07
C LYS B 446 -0.68 35.08 35.99
N SER B 447 -1.76 34.40 36.33
CA SER B 447 -2.68 34.92 37.33
C SER B 447 -1.95 35.16 38.65
N ASP B 448 -1.11 34.21 39.05
CA ASP B 448 -0.39 34.32 40.32
C ASP B 448 0.51 35.55 40.33
N LEU B 449 1.35 35.69 39.31
CA LEU B 449 2.28 36.80 39.29
C LEU B 449 1.55 38.12 39.13
N GLU B 450 0.44 38.13 38.37
CA GLU B 450 -0.26 39.40 38.14
C GLU B 450 -0.99 39.86 39.40
N GLU B 451 -1.57 38.95 40.16
CA GLU B 451 -2.23 39.34 41.40
C GLU B 451 -1.24 39.59 42.53
N SER B 452 -0.04 39.00 42.46
CA SER B 452 0.96 39.16 43.50
C SER B 452 1.94 40.30 43.23
N LYS B 453 1.94 40.85 42.01
CA LYS B 453 2.88 41.92 41.66
C LYS B 453 2.45 43.25 42.26
N GLU B 454 1.16 43.44 42.52
CA GLU B 454 0.66 44.71 43.00
C GLU B 454 1.27 45.11 44.34
N ILE C 2 9.92 42.93 4.52
CA ILE C 2 10.65 42.13 3.54
C ILE C 2 11.98 42.80 3.25
N ASP C 3 12.88 42.78 4.23
CA ASP C 3 14.22 43.32 4.06
C ASP C 3 15.17 42.18 3.69
N ILE C 4 14.98 41.71 2.46
CA ILE C 4 15.70 40.57 1.94
C ILE C 4 17.20 40.80 1.98
N THR C 5 17.62 42.06 1.79
CA THR C 5 19.04 42.39 1.86
C THR C 5 19.62 42.16 3.24
N LYS C 6 18.78 42.07 4.26
CA LYS C 6 19.19 41.65 5.59
C LYS C 6 18.93 40.19 5.86
N LEU C 7 17.86 39.64 5.30
CA LEU C 7 17.57 38.22 5.47
C LEU C 7 18.70 37.37 4.91
N GLN C 8 19.28 37.81 3.80
CA GLN C 8 20.47 37.16 3.29
C GLN C 8 21.58 37.13 4.34
N HIS C 9 21.68 38.17 5.16
CA HIS C 9 22.76 38.29 6.11
C HIS C 9 22.49 37.57 7.43
N VAL C 10 21.23 37.32 7.78
CA VAL C 10 20.91 36.59 8.99
C VAL C 10 20.53 35.14 8.75
N GLY C 11 20.27 34.75 7.51
CA GLY C 11 20.14 33.34 7.15
C GLY C 11 18.89 33.05 6.37
N VAL C 12 17.80 33.72 6.75
CA VAL C 12 16.53 33.42 6.11
C VAL C 12 16.58 33.84 4.65
N LEU C 13 15.86 33.10 3.83
CA LEU C 13 15.87 33.27 2.40
C LEU C 13 14.45 33.34 1.90
N VAL C 14 14.28 33.97 0.73
CA VAL C 14 12.99 34.13 0.10
C VAL C 14 13.16 33.73 -1.35
N ASN C 15 12.85 32.47 -1.65
CA ASN C 15 13.07 31.88 -2.96
C ASN C 15 11.75 31.74 -3.70
N SER C 16 11.76 32.09 -4.97
CA SER C 16 10.72 31.72 -5.91
C SER C 16 9.35 32.32 -5.55
N PRO C 17 9.21 33.65 -5.56
CA PRO C 17 7.89 34.25 -5.34
C PRO C 17 6.93 33.95 -6.47
N LYS C 18 5.82 33.30 -6.13
CA LYS C 18 4.81 32.85 -7.07
C LYS C 18 3.47 33.54 -6.79
N GLY C 19 2.49 33.28 -7.65
CA GLY C 19 1.15 33.79 -7.48
C GLY C 19 0.25 32.82 -6.76
N MET C 20 -1.05 33.16 -6.74
CA MET C 20 -2.04 32.34 -6.07
C MET C 20 -3.38 32.47 -6.78
N LYS C 21 -4.15 31.39 -6.75
CA LYS C 21 -5.48 31.36 -7.33
C LYS C 21 -6.31 30.35 -6.55
N ILE C 22 -7.64 30.54 -6.59
CA ILE C 22 -8.58 29.67 -5.88
C ILE C 22 -9.76 29.39 -6.78
N SER C 23 -10.20 28.12 -6.81
CA SER C 23 -11.45 27.73 -7.44
C SER C 23 -12.49 27.54 -6.35
N GLN C 24 -13.05 28.66 -5.87
CA GLN C 24 -14.04 28.61 -4.81
C GLN C 24 -15.41 28.11 -5.27
N ASN C 25 -15.57 27.81 -6.55
CA ASN C 25 -16.86 27.40 -7.07
C ASN C 25 -17.06 25.89 -6.92
N PHE C 26 -18.28 25.46 -7.21
CA PHE C 26 -18.75 24.12 -6.89
C PHE C 26 -19.55 23.57 -8.06
N GLU C 27 -19.01 23.70 -9.27
CA GLU C 27 -19.69 23.14 -10.43
C GLU C 27 -19.54 21.63 -10.41
N THR C 28 -20.68 20.94 -10.40
CA THR C 28 -20.74 19.48 -10.28
C THR C 28 -21.43 18.88 -11.50
N ARG C 29 -20.94 17.72 -11.92
CA ARG C 29 -21.60 16.89 -12.91
C ARG C 29 -21.47 15.45 -12.47
N TYR C 30 -22.46 14.63 -12.84
CA TYR C 30 -22.64 13.31 -12.24
C TYR C 30 -22.25 12.26 -13.27
N LEU C 31 -21.25 11.46 -12.93
CA LEU C 31 -20.63 10.52 -13.83
C LEU C 31 -20.38 9.26 -13.04
N ILE C 32 -20.81 8.12 -13.57
CA ILE C 32 -21.08 6.93 -12.78
C ILE C 32 -20.29 5.76 -13.36
N LEU C 33 -20.53 4.58 -12.81
CA LEU C 33 -19.79 3.38 -13.14
C LEU C 33 -20.69 2.33 -13.79
N SER C 34 -20.04 1.45 -14.53
CA SER C 34 -20.65 0.23 -15.06
C SER C 34 -19.51 -0.78 -15.13
N LEU C 35 -19.78 -2.01 -14.71
CA LEU C 35 -18.74 -2.96 -14.34
C LEU C 35 -18.93 -4.31 -14.99
N ILE C 36 -19.76 -4.40 -16.03
CA ILE C 36 -20.15 -5.65 -16.65
C ILE C 36 -19.98 -5.51 -18.16
N PRO C 37 -18.84 -5.85 -18.73
CA PRO C 37 -18.60 -5.60 -20.16
C PRO C 37 -19.34 -6.52 -21.12
N LYS C 38 -19.06 -6.40 -22.42
CA LYS C 38 -19.80 -7.09 -23.48
C LYS C 38 -19.27 -8.49 -23.73
N ILE C 39 -20.12 -9.26 -24.42
CA ILE C 39 -19.70 -10.50 -25.09
C ILE C 39 -20.62 -10.71 -26.28
N GLU C 40 -20.13 -11.45 -27.28
CA GLU C 40 -20.91 -11.90 -28.42
C GLU C 40 -21.73 -13.13 -28.02
N ASP C 41 -22.22 -13.90 -29.00
CA ASP C 41 -22.84 -15.21 -28.78
C ASP C 41 -22.14 -15.95 -27.65
N SER C 42 -22.95 -16.48 -26.72
CA SER C 42 -22.64 -16.48 -25.30
C SER C 42 -21.24 -16.99 -24.98
N ASN C 43 -20.37 -16.07 -24.59
CA ASN C 43 -19.02 -16.46 -24.17
C ASN C 43 -19.04 -16.85 -22.70
N SER C 44 -19.29 -15.88 -21.80
CA SER C 44 -19.38 -16.06 -20.36
C SER C 44 -18.29 -16.94 -19.79
N CYS C 45 -17.11 -16.90 -20.39
CA CYS C 45 -16.14 -17.98 -20.21
C CYS C 45 -15.62 -17.98 -18.78
N GLY C 46 -15.53 -16.81 -18.17
CA GLY C 46 -15.22 -16.68 -16.75
C GLY C 46 -15.93 -15.51 -16.10
N ASP C 47 -16.94 -14.95 -16.77
CA ASP C 47 -17.60 -13.76 -16.27
C ASP C 47 -18.43 -14.01 -15.02
N GLN C 48 -18.70 -15.27 -14.69
CA GLN C 48 -19.41 -15.61 -13.47
C GLN C 48 -18.48 -15.80 -12.30
N GLN C 49 -17.22 -16.10 -12.55
CA GLN C 49 -16.22 -16.27 -11.51
C GLN C 49 -15.85 -14.94 -10.83
N ILE C 50 -16.29 -13.80 -11.38
CA ILE C 50 -15.81 -12.49 -10.98
C ILE C 50 -16.90 -11.62 -10.40
N LYS C 51 -18.17 -11.89 -10.73
CA LYS C 51 -19.20 -10.94 -10.35
C LYS C 51 -19.73 -11.18 -8.94
N GLN C 52 -19.79 -12.43 -8.47
CA GLN C 52 -20.08 -12.65 -7.06
C GLN C 52 -18.95 -12.10 -6.21
N TYR C 53 -17.74 -12.21 -6.74
CA TYR C 53 -16.54 -11.62 -6.15
C TYR C 53 -16.65 -10.10 -6.08
N LYS C 54 -17.20 -9.48 -7.11
CA LYS C 54 -17.36 -8.04 -7.09
C LYS C 54 -18.48 -7.65 -6.13
N ARG C 55 -19.49 -8.51 -5.99
CA ARG C 55 -20.50 -8.34 -4.96
C ARG C 55 -19.86 -8.45 -3.58
N LEU C 56 -18.85 -9.31 -3.44
CA LEU C 56 -18.17 -9.41 -2.17
C LEU C 56 -17.43 -8.12 -1.85
N LEU C 57 -16.99 -7.40 -2.88
CA LEU C 57 -16.52 -6.04 -2.59
C LEU C 57 -17.68 -5.15 -2.14
N ASP C 58 -18.73 -5.04 -2.96
CA ASP C 58 -19.83 -4.10 -2.70
C ASP C 58 -20.59 -4.38 -1.40
N ARG C 59 -20.39 -5.56 -0.82
CA ARG C 59 -20.89 -5.91 0.50
C ARG C 59 -20.69 -4.78 1.49
N LEU C 60 -19.49 -4.22 1.50
CA LEU C 60 -19.12 -3.22 2.49
C LEU C 60 -19.11 -1.86 1.79
N ILE C 61 -20.00 -1.72 0.81
CA ILE C 61 -20.33 -0.46 0.16
C ILE C 61 -21.80 -0.13 0.21
N ILE C 62 -22.68 -1.11 0.33
CA ILE C 62 -24.12 -0.81 0.32
C ILE C 62 -24.60 0.01 1.52
N PRO C 63 -24.27 -0.28 2.79
CA PRO C 63 -24.97 0.40 3.89
C PRO C 63 -24.76 1.90 3.92
N LEU C 64 -25.50 2.54 4.84
CA LEU C 64 -25.65 3.98 4.88
C LEU C 64 -26.31 4.37 6.19
N TYR C 65 -26.08 5.62 6.60
CA TYR C 65 -26.86 6.25 7.67
C TYR C 65 -26.43 7.71 7.78
N ASP C 66 -27.21 8.47 8.55
CA ASP C 66 -26.91 9.87 8.82
C ASP C 66 -25.67 10.00 9.69
N THR C 106 -23.17 18.24 12.37
CA THR C 106 -21.79 18.27 11.88
C THR C 106 -21.68 19.18 10.66
N SER C 107 -20.70 20.08 10.71
CA SER C 107 -20.59 21.15 9.74
C SER C 107 -19.97 20.71 8.42
N ALA C 108 -19.74 19.41 8.24
CA ALA C 108 -19.43 18.83 6.94
C ALA C 108 -20.49 17.84 6.50
N GLN C 109 -21.18 17.19 7.43
CA GLN C 109 -22.32 16.38 7.08
C GLN C 109 -23.45 17.23 6.53
N ILE C 110 -23.58 18.46 7.03
CA ILE C 110 -24.56 19.37 6.44
C ILE C 110 -24.28 19.54 4.96
N THR C 111 -23.03 19.66 4.57
CA THR C 111 -22.71 19.78 3.15
C THR C 111 -22.98 18.47 2.44
N ALA C 112 -22.43 17.39 2.98
CA ALA C 112 -22.53 16.06 2.41
C ALA C 112 -23.95 15.53 2.34
N ALA C 113 -24.90 16.19 3.00
CA ALA C 113 -26.31 15.86 2.87
C ALA C 113 -27.11 16.92 2.14
N VAL C 114 -26.73 18.20 2.18
CA VAL C 114 -27.49 19.23 1.49
C VAL C 114 -27.25 19.15 0.00
N ALA C 115 -25.99 18.99 -0.41
CA ALA C 115 -25.73 18.73 -1.82
C ALA C 115 -26.50 17.52 -2.28
N LEU C 116 -26.49 16.48 -1.46
CA LEU C 116 -27.07 15.20 -1.84
C LEU C 116 -28.58 15.28 -1.94
N VAL C 117 -29.23 16.04 -1.05
CA VAL C 117 -30.68 16.11 -1.08
C VAL C 117 -31.15 17.08 -2.15
N GLU C 118 -30.40 18.17 -2.38
CA GLU C 118 -30.73 19.05 -3.49
C GLU C 118 -30.59 18.32 -4.82
N ALA C 119 -29.69 17.33 -4.88
CA ALA C 119 -29.47 16.55 -6.09
C ALA C 119 -30.13 15.18 -6.07
N LYS C 120 -30.85 14.83 -5.00
CA LYS C 120 -31.57 13.57 -4.98
C LYS C 120 -32.60 13.50 -6.10
N GLN C 121 -33.13 14.65 -6.50
CA GLN C 121 -33.97 14.93 -7.67
C GLN C 121 -33.25 14.56 -8.95
N ALA C 122 -32.02 15.05 -9.12
CA ALA C 122 -31.24 14.69 -10.30
C ALA C 122 -30.86 13.21 -10.27
N LYS C 123 -30.70 12.65 -9.07
CA LYS C 123 -30.44 11.22 -8.96
C LYS C 123 -31.63 10.44 -9.47
N SER C 124 -32.83 10.81 -9.02
CA SER C 124 -34.05 10.18 -9.52
C SER C 124 -34.18 10.36 -11.03
N ASP C 125 -33.71 11.49 -11.54
CA ASP C 125 -33.73 11.69 -12.99
C ASP C 125 -32.81 10.71 -13.69
N ILE C 126 -31.55 10.63 -13.25
CA ILE C 126 -30.57 9.78 -13.92
C ILE C 126 -30.88 8.31 -13.69
N GLU C 127 -31.75 7.98 -12.74
CA GLU C 127 -32.18 6.58 -12.60
C GLU C 127 -32.74 6.04 -13.90
N LYS C 128 -33.61 6.82 -14.55
CA LYS C 128 -34.23 6.39 -15.80
C LYS C 128 -33.17 6.17 -16.87
N LEU C 129 -32.29 7.15 -17.01
CA LEU C 129 -31.27 7.08 -18.06
C LEU C 129 -30.27 5.98 -17.76
N LYS C 130 -29.99 5.75 -16.47
CA LYS C 130 -29.16 4.64 -16.04
C LYS C 130 -29.76 3.32 -16.50
N GLU C 131 -31.07 3.17 -16.31
CA GLU C 131 -31.76 1.98 -16.79
C GLU C 131 -31.63 1.86 -18.30
N ALA C 132 -31.72 2.99 -18.99
CA ALA C 132 -31.61 2.97 -20.46
C ALA C 132 -30.21 2.53 -20.89
N ILE C 133 -29.17 3.01 -20.21
CA ILE C 133 -27.80 2.90 -20.70
C ILE C 133 -27.00 1.80 -20.04
N ARG C 134 -27.59 1.02 -19.13
CA ARG C 134 -26.90 -0.15 -18.60
C ARG C 134 -26.48 -1.09 -19.73
N ASP C 135 -27.33 -1.23 -20.74
CA ASP C 135 -27.04 -2.02 -21.92
C ASP C 135 -26.70 -1.08 -23.06
N THR C 136 -25.82 -1.54 -23.95
CA THR C 136 -25.21 -0.67 -24.93
C THR C 136 -24.96 -1.44 -26.21
N ASN C 137 -24.48 -0.72 -27.22
CA ASN C 137 -23.85 -1.29 -28.40
C ASN C 137 -22.34 -1.05 -28.41
N LYS C 138 -21.88 -0.02 -27.71
CA LYS C 138 -20.45 0.28 -27.59
C LYS C 138 -20.07 0.58 -26.15
N ALA C 139 -18.76 0.64 -25.93
CA ALA C 139 -18.23 0.96 -24.61
C ALA C 139 -18.71 2.32 -24.14
N VAL C 140 -18.38 3.35 -24.91
CA VAL C 140 -18.36 4.71 -24.41
C VAL C 140 -19.48 5.49 -25.08
N GLN C 141 -20.65 5.49 -24.46
CA GLN C 141 -21.84 6.10 -25.03
C GLN C 141 -22.82 6.41 -23.91
N SER C 142 -23.12 7.69 -23.74
CA SER C 142 -24.18 8.13 -22.85
C SER C 142 -24.49 9.58 -23.18
N VAL C 143 -25.77 9.93 -23.11
CA VAL C 143 -26.25 11.19 -23.67
C VAL C 143 -27.32 11.76 -22.75
N CYS C 144 -27.24 13.05 -22.49
CA CYS C 144 -28.27 13.78 -21.78
C CYS C 144 -28.29 15.23 -22.24
N SER C 145 -29.45 15.86 -22.05
CA SER C 145 -29.66 17.26 -22.38
C SER C 145 -29.41 18.09 -21.12
N SER C 146 -29.85 19.35 -21.12
CA SER C 146 -29.69 20.22 -19.95
C SER C 146 -28.21 20.39 -19.62
N VAL C 147 -27.55 21.23 -20.43
CA VAL C 147 -26.24 21.02 -21.03
C VAL C 147 -25.32 20.12 -20.21
N GLY C 148 -25.34 20.28 -18.88
CA GLY C 148 -24.75 19.32 -17.97
C GLY C 148 -24.91 17.87 -18.36
N ASN C 149 -23.82 17.13 -18.28
CA ASN C 149 -23.73 15.78 -18.79
C ASN C 149 -24.28 14.78 -17.79
N CYS C 150 -24.36 13.52 -18.24
CA CYS C 150 -24.61 12.39 -17.36
C CYS C 150 -23.75 11.22 -17.83
N ILE C 151 -22.63 11.52 -18.48
CA ILE C 151 -21.88 10.54 -19.24
C ILE C 151 -21.12 9.67 -18.26
N VAL C 152 -21.29 8.35 -18.40
CA VAL C 152 -20.84 7.42 -17.38
C VAL C 152 -19.34 7.19 -17.55
N ALA C 153 -18.74 6.57 -16.52
CA ALA C 153 -17.30 6.34 -16.57
C ALA C 153 -16.94 5.45 -17.73
N ILE C 154 -17.21 4.15 -17.67
CA ILE C 154 -17.81 3.34 -18.73
C ILE C 154 -17.64 1.88 -18.32
N LYS C 155 -18.38 0.96 -18.94
CA LYS C 155 -18.11 -0.47 -18.78
C LYS C 155 -16.60 -0.69 -18.84
N SER C 156 -16.05 -1.15 -17.73
CA SER C 156 -14.77 -0.67 -17.24
C SER C 156 -13.63 -0.80 -18.24
N VAL C 157 -13.44 -2.00 -18.77
CA VAL C 157 -12.35 -2.29 -19.69
C VAL C 157 -12.87 -2.55 -21.09
N GLN C 158 -14.04 -1.97 -21.41
CA GLN C 158 -14.69 -2.32 -22.66
C GLN C 158 -13.90 -1.82 -23.86
N ASP C 159 -13.04 -0.82 -23.66
CA ASP C 159 -12.09 -0.42 -24.69
C ASP C 159 -11.19 -1.59 -25.08
N TYR C 160 -10.46 -2.13 -24.10
CA TYR C 160 -9.58 -3.25 -24.38
C TYR C 160 -10.37 -4.45 -24.86
N VAL C 161 -11.63 -4.57 -24.45
CA VAL C 161 -12.44 -5.69 -24.94
C VAL C 161 -12.77 -5.52 -26.41
N ASN C 162 -13.07 -4.29 -26.84
CA ASN C 162 -13.31 -4.04 -28.25
C ASN C 162 -12.05 -4.26 -29.07
N LYS C 163 -10.88 -4.07 -28.46
CA LYS C 163 -9.65 -4.50 -29.11
C LYS C 163 -9.53 -6.02 -29.14
N GLU C 164 -9.81 -6.67 -28.02
CA GLU C 164 -9.73 -8.12 -27.86
C GLU C 164 -10.66 -8.88 -28.80
N ILE C 165 -11.74 -8.26 -29.24
CA ILE C 165 -12.82 -9.00 -29.88
C ILE C 165 -12.34 -9.70 -31.16
N VAL C 166 -11.65 -8.98 -32.02
CA VAL C 166 -11.43 -9.46 -33.38
C VAL C 166 -10.45 -10.63 -33.42
N PRO C 167 -9.55 -10.84 -32.45
CA PRO C 167 -8.99 -12.19 -32.28
C PRO C 167 -10.05 -13.26 -32.11
N SER C 168 -10.90 -13.10 -31.08
CA SER C 168 -11.75 -14.17 -30.59
C SER C 168 -12.66 -14.72 -31.66
N ILE C 169 -12.95 -13.94 -32.69
CA ILE C 169 -13.52 -14.46 -33.93
C ILE C 169 -12.41 -14.56 -34.95
N ALA C 170 -12.39 -15.66 -35.67
CA ALA C 170 -11.49 -15.89 -36.80
C ALA C 170 -10.04 -16.16 -36.43
N ARG C 171 -9.63 -16.07 -35.15
CA ARG C 171 -8.24 -16.38 -34.81
C ARG C 171 -8.03 -17.15 -33.52
N LEU C 172 -8.92 -17.11 -32.54
CA LEU C 172 -8.60 -17.49 -31.16
C LEU C 172 -9.73 -18.32 -30.56
N GLY C 173 -9.62 -18.59 -29.26
CA GLY C 173 -10.46 -19.52 -28.52
C GLY C 173 -11.36 -18.79 -27.52
N CYS C 174 -12.51 -19.38 -27.22
CA CYS C 174 -13.24 -19.04 -26.01
C CYS C 174 -12.31 -19.17 -24.83
N GLU C 175 -11.52 -20.24 -24.82
CA GLU C 175 -10.59 -20.51 -23.74
C GLU C 175 -9.56 -19.39 -23.62
N ALA C 176 -8.93 -19.05 -24.73
CA ALA C 176 -7.86 -18.05 -24.70
C ALA C 176 -8.41 -16.65 -24.49
N ALA C 177 -9.57 -16.36 -25.08
CA ALA C 177 -10.19 -15.07 -24.89
C ALA C 177 -10.64 -14.89 -23.44
N GLY C 178 -11.24 -15.92 -22.87
CA GLY C 178 -11.59 -15.89 -21.46
C GLY C 178 -10.38 -15.82 -20.57
N LEU C 179 -9.28 -16.45 -20.99
CA LEU C 179 -8.03 -16.34 -20.25
C LEU C 179 -7.56 -14.90 -20.18
N GLN C 180 -7.40 -14.28 -21.35
CA GLN C 180 -7.07 -12.86 -21.43
C GLN C 180 -8.04 -12.03 -20.61
N LEU C 181 -9.33 -12.30 -20.75
CA LEU C 181 -10.35 -11.48 -20.13
C LEU C 181 -10.30 -11.61 -18.62
N GLY C 182 -10.09 -12.83 -18.14
CA GLY C 182 -10.03 -13.06 -16.71
C GLY C 182 -8.83 -12.41 -16.08
N ILE C 183 -7.66 -12.57 -16.71
CA ILE C 183 -6.47 -11.94 -16.15
C ILE C 183 -6.64 -10.42 -16.18
N ALA C 184 -7.24 -9.89 -17.24
CA ALA C 184 -7.43 -8.45 -17.34
C ALA C 184 -8.36 -7.94 -16.27
N LEU C 185 -9.50 -8.61 -16.09
CA LEU C 185 -10.47 -8.14 -15.13
C LEU C 185 -9.97 -8.31 -13.70
N THR C 186 -9.11 -9.30 -13.47
CA THR C 186 -8.55 -9.45 -12.13
C THR C 186 -7.52 -8.36 -11.83
N GLN C 187 -6.68 -8.04 -12.82
CA GLN C 187 -5.85 -6.84 -12.72
C GLN C 187 -6.72 -5.65 -12.36
N HIS C 188 -7.83 -5.50 -13.07
CA HIS C 188 -8.68 -4.35 -12.87
C HIS C 188 -9.32 -4.37 -11.49
N TYR C 189 -9.64 -5.56 -11.00
CA TYR C 189 -10.25 -5.66 -9.67
C TYR C 189 -9.28 -5.19 -8.60
N SER C 190 -8.05 -5.66 -8.67
CA SER C 190 -7.06 -5.22 -7.69
C SER C 190 -6.82 -3.72 -7.81
N GLU C 191 -6.72 -3.24 -9.05
CA GLU C 191 -6.53 -1.82 -9.31
C GLU C 191 -7.71 -1.01 -8.81
N LEU C 192 -8.88 -1.62 -8.77
CA LEU C 192 -10.06 -0.99 -8.20
C LEU C 192 -10.01 -1.01 -6.69
N THR C 193 -9.67 -2.16 -6.13
CA THR C 193 -9.80 -2.38 -4.71
C THR C 193 -8.84 -1.49 -3.94
N ASN C 194 -7.67 -1.21 -4.54
CA ASN C 194 -6.72 -0.33 -3.86
C ASN C 194 -7.31 1.06 -3.65
N CYS C 195 -8.04 1.58 -4.64
CA CYS C 195 -8.76 2.83 -4.44
C CYS C 195 -9.80 2.68 -3.34
N PHE C 196 -10.75 1.74 -3.52
CA PHE C 196 -11.86 1.63 -2.58
C PHE C 196 -12.25 0.14 -2.41
N GLY C 197 -11.66 -0.48 -1.41
CA GLY C 197 -12.13 -1.78 -0.98
C GLY C 197 -13.49 -1.74 -0.28
N ASP C 198 -13.74 -0.69 0.52
CA ASP C 198 -14.69 -0.77 1.62
C ASP C 198 -15.38 0.56 1.91
N ASN C 199 -16.53 0.46 2.61
CA ASN C 199 -17.14 1.59 3.30
C ASN C 199 -16.31 2.21 4.42
N ILE C 200 -16.05 1.45 5.49
CA ILE C 200 -16.20 1.99 6.84
C ILE C 200 -15.27 3.18 7.02
N GLY C 201 -15.72 4.12 7.86
CA GLY C 201 -15.38 5.53 7.68
C GLY C 201 -13.88 5.77 7.56
N SER C 202 -13.57 6.87 6.87
CA SER C 202 -12.23 7.37 6.62
C SER C 202 -11.52 6.63 5.49
N LEU C 203 -12.18 5.65 4.86
CA LEU C 203 -11.67 5.10 3.61
C LEU C 203 -12.19 5.89 2.41
N GLN C 204 -13.47 6.23 2.41
CA GLN C 204 -14.00 7.04 1.32
C GLN C 204 -13.38 8.44 1.28
N GLU C 205 -12.95 8.96 2.44
CA GLU C 205 -12.40 10.31 2.47
C GLU C 205 -11.09 10.39 1.69
N LYS C 206 -10.20 9.42 1.90
CA LYS C 206 -9.00 9.27 1.08
C LYS C 206 -9.13 7.92 0.39
N GLY C 207 -10.11 7.89 -0.51
CA GLY C 207 -10.42 6.78 -1.38
C GLY C 207 -10.73 7.31 -2.75
N ILE C 208 -12.03 7.39 -3.04
CA ILE C 208 -12.69 7.48 -4.34
C ILE C 208 -12.19 8.62 -5.26
N LYS C 209 -11.32 9.52 -4.74
CA LYS C 209 -10.89 10.75 -5.41
C LYS C 209 -10.72 10.61 -6.93
N LEU C 210 -11.17 11.66 -7.63
CA LEU C 210 -11.33 11.57 -9.08
C LEU C 210 -10.04 11.22 -9.77
N GLN C 211 -8.92 11.67 -9.23
CA GLN C 211 -7.64 11.36 -9.87
C GLN C 211 -7.24 9.92 -9.61
N CYS C 212 -7.76 9.31 -8.55
CA CYS C 212 -7.51 7.87 -8.34
C CYS C 212 -8.41 7.06 -9.25
N ILE C 213 -9.63 7.53 -9.49
CA ILE C 213 -10.46 6.88 -10.51
C ILE C 213 -9.84 7.06 -11.89
N ALA C 214 -9.21 8.21 -12.12
CA ALA C 214 -8.48 8.41 -13.36
C ALA C 214 -7.32 7.44 -13.45
N SER C 215 -6.62 7.20 -12.34
CA SER C 215 -5.57 6.20 -12.33
C SER C 215 -6.13 4.80 -12.60
N LEU C 216 -7.34 4.55 -12.11
CA LEU C 216 -7.99 3.27 -12.36
C LEU C 216 -8.26 3.08 -13.85
N TYR C 217 -8.80 4.10 -14.50
CA TYR C 217 -9.11 4.05 -15.93
C TYR C 217 -8.04 4.72 -16.79
N ARG C 218 -6.82 4.88 -16.25
CA ARG C 218 -5.77 5.69 -16.84
C ARG C 218 -5.52 5.35 -18.31
N THR C 219 -5.32 4.07 -18.61
CA THR C 219 -5.07 3.63 -19.98
C THR C 219 -6.20 4.07 -20.90
N ASN C 220 -7.41 4.12 -20.37
CA ASN C 220 -8.56 4.51 -21.17
C ASN C 220 -8.65 6.02 -21.31
N ILE C 221 -8.35 6.75 -20.24
CA ILE C 221 -8.85 8.11 -20.06
C ILE C 221 -7.73 9.16 -20.21
N THR C 222 -6.50 8.74 -20.48
CA THR C 222 -5.39 9.69 -20.63
C THR C 222 -5.72 10.79 -21.65
N GLU C 223 -6.39 10.44 -22.74
CA GLU C 223 -6.71 11.43 -23.76
C GLU C 223 -7.96 12.22 -23.40
N ILE C 224 -8.99 11.53 -22.88
CA ILE C 224 -10.35 12.10 -22.83
C ILE C 224 -10.79 12.51 -21.45
N PHE C 225 -9.89 12.56 -20.46
CA PHE C 225 -10.29 13.10 -19.15
C PHE C 225 -10.79 14.52 -19.26
N THR C 226 -10.03 15.36 -19.96
CA THR C 226 -10.44 16.75 -20.17
C THR C 226 -11.74 16.83 -20.95
N THR C 227 -11.97 15.87 -21.85
CA THR C 227 -13.11 15.97 -22.75
C THR C 227 -14.38 15.41 -22.14
N SER C 228 -14.26 14.50 -21.17
CA SER C 228 -15.42 13.94 -20.49
C SER C 228 -16.30 15.06 -19.94
N THR C 229 -15.68 16.08 -19.38
CA THR C 229 -16.36 17.31 -19.01
C THR C 229 -16.08 18.36 -20.06
N VAL C 230 -16.98 19.34 -20.17
CA VAL C 230 -16.92 20.30 -21.27
C VAL C 230 -15.80 21.32 -21.05
N ASP C 231 -15.49 21.63 -19.79
CA ASP C 231 -14.55 22.70 -19.50
C ASP C 231 -13.16 22.38 -20.02
N LYS C 232 -12.46 23.41 -20.49
CA LYS C 232 -11.11 23.31 -21.00
C LYS C 232 -10.26 24.38 -20.35
N TYR C 233 -9.00 24.06 -20.09
CA TYR C 233 -8.07 25.02 -19.53
C TYR C 233 -6.66 24.49 -19.73
N ASP C 234 -5.68 25.30 -19.37
CA ASP C 234 -4.27 24.89 -19.40
C ASP C 234 -4.06 23.61 -18.60
N ILE C 235 -2.89 23.00 -18.83
CA ILE C 235 -2.57 21.69 -18.27
C ILE C 235 -2.75 21.67 -16.76
N TYR C 236 -2.36 22.75 -16.10
CA TYR C 236 -1.78 22.59 -14.79
C TYR C 236 -2.84 22.43 -13.71
N ASP C 237 -3.87 23.27 -13.75
CA ASP C 237 -4.73 23.48 -12.59
C ASP C 237 -6.09 22.86 -12.86
N LEU C 238 -6.86 23.32 -13.85
CA LEU C 238 -8.24 22.85 -13.99
C LEU C 238 -8.29 21.58 -14.83
N LEU C 239 -7.48 21.54 -15.89
CA LEU C 239 -7.29 20.30 -16.63
C LEU C 239 -6.74 19.20 -15.73
N PHE C 240 -5.95 19.60 -14.73
CA PHE C 240 -5.43 18.65 -13.75
C PHE C 240 -6.49 18.25 -12.74
N THR C 241 -7.38 19.17 -12.38
CA THR C 241 -8.46 18.91 -11.42
C THR C 241 -7.87 18.49 -10.09
N GLU C 242 -7.27 19.48 -9.43
CA GLU C 242 -6.37 19.25 -8.32
C GLU C 242 -6.95 18.39 -7.19
N SER C 243 -6.50 17.13 -7.16
CA SER C 243 -6.65 16.19 -6.04
C SER C 243 -8.00 16.28 -5.33
N ILE C 244 -9.06 16.35 -6.11
CA ILE C 244 -10.38 16.61 -5.53
C ILE C 244 -10.98 15.31 -5.01
N LYS C 245 -12.01 15.46 -4.17
CA LYS C 245 -12.69 14.34 -3.52
C LYS C 245 -14.14 14.31 -3.97
N VAL C 246 -14.65 13.10 -4.21
CA VAL C 246 -16.01 12.89 -4.64
C VAL C 246 -16.62 11.77 -3.81
N ARG C 247 -17.93 11.83 -3.61
CA ARG C 247 -18.63 10.95 -2.69
C ARG C 247 -19.66 10.13 -3.46
N VAL C 248 -19.72 8.84 -3.14
CA VAL C 248 -20.66 7.92 -3.77
C VAL C 248 -22.01 8.13 -3.10
N ILE C 249 -22.97 8.63 -3.89
CA ILE C 249 -24.26 9.01 -3.33
C ILE C 249 -25.26 7.87 -3.45
N ASP C 250 -25.11 7.02 -4.47
CA ASP C 250 -25.96 5.84 -4.61
C ASP C 250 -25.16 4.70 -5.21
N VAL C 251 -25.55 3.48 -4.83
CA VAL C 251 -24.92 2.24 -5.29
C VAL C 251 -26.01 1.25 -5.64
N ASP C 252 -25.74 0.43 -6.66
CA ASP C 252 -26.68 -0.58 -7.15
C ASP C 252 -26.04 -1.94 -6.95
N LEU C 253 -26.36 -2.61 -5.83
CA LEU C 253 -25.92 -3.98 -5.62
C LEU C 253 -26.38 -4.89 -6.74
N ASN C 254 -27.59 -4.64 -7.26
CA ASN C 254 -28.23 -5.62 -8.11
C ASN C 254 -27.56 -5.67 -9.47
N ASP C 255 -27.04 -4.53 -9.95
CA ASP C 255 -26.45 -4.43 -11.27
C ASP C 255 -25.02 -3.89 -11.25
N TYR C 256 -24.40 -3.81 -10.08
CA TYR C 256 -22.95 -3.60 -9.97
C TYR C 256 -22.53 -2.27 -10.58
N SER C 257 -23.07 -1.20 -10.03
CA SER C 257 -22.79 0.15 -10.48
C SER C 257 -22.83 1.10 -9.31
N ILE C 258 -22.08 2.19 -9.41
CA ILE C 258 -21.93 3.18 -8.36
C ILE C 258 -22.25 4.54 -8.96
N THR C 259 -23.01 5.35 -8.22
CA THR C 259 -23.43 6.68 -8.66
C THR C 259 -22.53 7.73 -7.99
N LEU C 260 -21.66 8.35 -8.77
CA LEU C 260 -20.69 9.32 -8.26
C LEU C 260 -21.04 10.72 -8.74
N GLN C 261 -21.14 11.64 -7.79
CA GLN C 261 -21.29 13.06 -8.07
C GLN C 261 -19.88 13.63 -8.17
N VAL C 262 -19.44 13.87 -9.39
CA VAL C 262 -18.12 14.42 -9.60
C VAL C 262 -18.16 15.92 -9.43
N ARG C 263 -17.33 16.42 -8.53
CA ARG C 263 -17.18 17.85 -8.33
C ARG C 263 -16.09 18.35 -9.26
N LEU C 264 -16.19 19.62 -9.67
CA LEU C 264 -15.39 20.08 -10.79
C LEU C 264 -15.24 21.60 -10.77
N PRO C 265 -14.22 22.15 -10.11
CA PRO C 265 -14.23 23.59 -9.83
C PRO C 265 -14.08 24.50 -11.04
N LEU C 266 -14.31 25.79 -10.80
CA LEU C 266 -14.08 26.86 -11.76
C LEU C 266 -13.10 27.84 -11.15
N LEU C 267 -12.06 28.18 -11.88
CA LEU C 267 -10.92 28.91 -11.35
C LEU C 267 -10.94 30.36 -11.80
N THR C 268 -10.43 31.22 -10.92
CA THR C 268 -10.28 32.63 -11.23
C THR C 268 -9.23 33.23 -10.30
N ARG C 269 -8.46 34.18 -10.82
CA ARG C 269 -7.32 34.72 -10.10
C ARG C 269 -7.76 35.43 -8.83
N LEU C 270 -6.77 35.67 -7.97
CA LEU C 270 -6.90 36.57 -6.83
C LEU C 270 -5.75 37.56 -6.92
N LEU C 271 -6.07 38.81 -7.19
CA LEU C 271 -5.06 39.81 -7.47
C LEU C 271 -4.65 40.56 -6.20
N ASN C 272 -3.52 41.23 -6.28
CA ASN C 272 -2.89 41.85 -5.11
C ASN C 272 -2.68 40.82 -4.01
N THR C 273 -2.25 39.62 -4.42
CA THR C 273 -1.95 38.56 -3.46
C THR C 273 -0.86 37.68 -4.08
N GLN C 274 0.38 37.88 -3.63
CA GLN C 274 1.54 37.17 -4.12
C GLN C 274 2.16 36.38 -2.97
N ILE C 275 3.30 35.75 -3.25
CA ILE C 275 4.02 34.93 -2.29
C ILE C 275 5.48 35.33 -2.27
N TYR C 276 6.07 35.23 -1.09
CA TYR C 276 7.50 35.34 -0.89
C TYR C 276 7.90 34.05 -0.17
N LYS C 277 8.02 32.97 -0.93
CA LYS C 277 8.17 31.63 -0.38
C LYS C 277 9.52 31.46 0.30
N VAL C 278 9.59 30.53 1.24
CA VAL C 278 10.57 30.56 2.33
C VAL C 278 11.36 29.26 2.43
N ASP C 279 12.63 29.39 2.82
CA ASP C 279 13.46 28.29 3.29
C ASP C 279 14.59 28.84 4.14
N SER C 280 14.91 28.14 5.22
CA SER C 280 15.91 28.57 6.20
C SER C 280 17.18 27.74 6.08
N ILE C 281 18.23 28.21 6.77
CA ILE C 281 19.54 27.56 6.79
C ILE C 281 20.08 27.59 8.22
N SER C 282 21.32 27.12 8.36
CA SER C 282 22.03 27.21 9.61
C SER C 282 22.60 28.62 9.80
N TYR C 283 23.14 28.86 10.98
CA TYR C 283 23.69 30.17 11.31
C TYR C 283 24.54 30.00 12.56
N ASN C 284 25.85 30.20 12.43
CA ASN C 284 26.71 30.02 13.60
C ASN C 284 26.58 31.19 14.56
N ILE C 285 26.90 30.90 15.81
CA ILE C 285 26.91 31.87 16.89
C ILE C 285 27.79 31.31 17.99
N GLN C 286 28.74 32.12 18.46
CA GLN C 286 29.66 31.74 19.54
C GLN C 286 30.33 30.39 19.29
N ASN C 287 30.58 30.08 18.01
CA ASN C 287 31.06 28.79 17.52
C ASN C 287 30.00 27.70 17.59
N ARG C 288 28.81 28.01 18.10
CA ARG C 288 27.69 27.09 18.10
C ARG C 288 26.75 27.42 16.94
N GLU C 289 26.03 26.41 16.49
CA GLU C 289 25.17 26.49 15.32
C GLU C 289 23.71 26.57 15.80
N TRP C 290 23.07 27.70 15.57
CA TRP C 290 21.63 27.87 15.77
C TRP C 290 20.97 28.09 14.43
N TYR C 291 19.65 28.31 14.46
CA TYR C 291 18.89 28.57 13.25
C TYR C 291 17.66 29.38 13.62
N ILE C 292 16.76 29.52 12.66
CA ILE C 292 15.47 30.14 12.84
C ILE C 292 14.46 29.34 12.03
N PRO C 293 13.31 28.94 12.60
CA PRO C 293 12.33 28.19 11.81
C PRO C 293 11.30 29.08 11.16
N LEU C 294 10.77 28.60 10.05
CA LEU C 294 9.68 29.26 9.34
C LEU C 294 8.92 28.20 8.58
N PRO C 295 7.75 28.55 8.02
CA PRO C 295 7.01 27.57 7.22
C PRO C 295 7.72 27.18 5.94
N SER C 296 7.06 26.32 5.17
CA SER C 296 7.54 25.94 3.84
C SER C 296 7.03 26.87 2.76
N HIS C 297 5.93 27.58 3.01
CA HIS C 297 5.35 28.50 2.06
C HIS C 297 4.67 29.61 2.85
N ILE C 298 4.60 30.79 2.25
CA ILE C 298 3.84 31.91 2.83
C ILE C 298 3.03 32.60 1.74
N MET C 299 2.39 33.70 2.09
CA MET C 299 1.64 34.49 1.12
C MET C 299 1.46 35.90 1.66
N THR C 300 1.51 36.87 0.76
CA THR C 300 1.30 38.27 1.07
C THR C 300 0.16 38.79 0.20
N LYS C 301 -0.57 39.80 0.69
CA LYS C 301 -1.60 40.44 -0.11
C LYS C 301 -1.69 41.91 0.27
N GLY C 302 -1.01 42.75 -0.50
CA GLY C 302 -1.16 44.19 -0.38
C GLY C 302 -0.56 44.75 0.89
N ALA C 303 -1.19 44.42 2.01
CA ALA C 303 -0.69 44.77 3.34
C ALA C 303 -0.78 43.65 4.34
N PHE C 304 -1.55 42.60 4.07
CA PHE C 304 -1.66 41.43 4.92
C PHE C 304 -0.82 40.29 4.36
N LEU C 305 -0.56 39.30 5.21
CA LEU C 305 0.24 38.16 4.81
C LEU C 305 -0.03 37.01 5.76
N GLY C 306 0.65 35.90 5.53
CA GLY C 306 0.51 34.73 6.37
C GLY C 306 1.31 33.58 5.80
N GLY C 307 1.66 32.65 6.69
CA GLY C 307 2.47 31.52 6.31
C GLY C 307 1.63 30.38 5.76
N ALA C 308 0.89 30.66 4.68
CA ALA C 308 -0.25 29.85 4.29
C ALA C 308 0.11 28.38 4.07
N ASP C 309 -0.66 27.51 4.70
CA ASP C 309 -0.51 26.07 4.55
C ASP C 309 -0.95 25.67 3.14
N VAL C 310 -0.08 24.93 2.45
CA VAL C 310 -0.35 24.52 1.08
C VAL C 310 -0.13 23.03 0.87
N LYS C 311 -0.35 22.22 1.90
CA LYS C 311 -0.27 20.77 1.73
C LYS C 311 -1.30 20.28 0.73
N GLU C 312 -2.54 20.75 0.86
CA GLU C 312 -3.62 20.41 -0.06
C GLU C 312 -3.70 21.42 -1.21
N CYS C 313 -2.55 21.69 -1.80
CA CYS C 313 -2.39 22.85 -2.66
C CYS C 313 -1.13 22.67 -3.47
N ILE C 314 -1.27 22.59 -4.76
CA ILE C 314 -0.18 22.18 -5.64
C ILE C 314 0.54 23.40 -6.20
N GLU C 315 1.87 23.30 -6.27
CA GLU C 315 2.74 24.41 -6.66
C GLU C 315 3.04 24.35 -8.15
N ALA C 316 3.26 25.54 -8.74
CA ALA C 316 3.21 25.70 -10.19
C ALA C 316 4.37 26.57 -10.66
N PHE C 317 4.36 26.85 -11.96
CA PHE C 317 5.44 27.60 -12.58
C PHE C 317 5.40 29.06 -12.17
N SER C 318 4.21 29.62 -12.00
CA SER C 318 4.07 31.03 -11.61
C SER C 318 3.00 31.27 -10.56
N SER C 319 2.12 30.32 -10.28
CA SER C 319 1.01 30.58 -9.37
C SER C 319 0.46 29.25 -8.90
N TYR C 320 0.48 29.01 -7.59
CA TYR C 320 -0.06 27.79 -7.06
C TYR C 320 -1.55 27.94 -6.78
N ILE C 321 -2.18 26.83 -6.40
CA ILE C 321 -3.62 26.68 -6.44
C ILE C 321 -4.07 26.05 -5.13
N CYS C 322 -4.54 26.88 -4.21
CA CYS C 322 -5.22 26.38 -3.02
C CYS C 322 -6.73 26.36 -3.27
N PRO C 323 -7.47 25.36 -2.78
CA PRO C 323 -8.93 25.39 -2.96
C PRO C 323 -9.60 26.46 -2.14
N SER C 324 -8.96 26.92 -1.07
CA SER C 324 -9.46 28.02 -0.27
C SER C 324 -8.29 28.73 0.36
N ASP C 325 -8.46 30.02 0.60
CA ASP C 325 -7.38 30.88 1.06
C ASP C 325 -6.95 30.44 2.46
N PRO C 326 -5.73 29.96 2.67
CA PRO C 326 -5.32 29.58 4.03
C PRO C 326 -5.17 30.80 4.93
N GLY C 327 -5.05 30.52 6.22
CA GLY C 327 -5.14 31.52 7.27
C GLY C 327 -4.09 31.34 8.32
N PHE C 328 -2.91 30.89 7.91
CA PHE C 328 -1.83 30.65 8.85
C PHE C 328 -1.35 32.00 9.35
N VAL C 329 -2.05 32.53 10.35
CA VAL C 329 -1.88 33.92 10.79
C VAL C 329 -1.14 33.92 12.11
N LEU C 330 -0.26 34.90 12.27
CA LEU C 330 0.94 34.77 13.07
C LEU C 330 1.10 35.94 14.03
N ASN C 331 2.19 35.87 14.79
CA ASN C 331 2.47 36.84 15.84
C ASN C 331 2.84 38.20 15.27
N HIS C 332 2.47 39.25 16.00
CA HIS C 332 3.03 40.57 15.71
C HIS C 332 4.54 40.55 15.81
N GLU C 333 5.07 39.78 16.77
CA GLU C 333 6.50 39.70 16.94
C GLU C 333 7.17 39.11 15.72
N MET C 334 6.64 37.99 15.22
CA MET C 334 7.25 37.37 14.06
C MET C 334 6.97 38.15 12.79
N GLU C 335 5.86 38.91 12.77
CA GLU C 335 5.65 39.85 11.68
C GLU C 335 6.75 40.88 11.63
N SER C 336 7.11 41.43 12.80
CA SER C 336 8.21 42.38 12.86
C SER C 336 9.51 41.72 12.43
N CYS C 337 9.77 40.50 12.93
CA CYS C 337 10.92 39.71 12.50
C CYS C 337 11.00 39.62 10.99
N LEU C 338 9.87 39.38 10.35
CA LEU C 338 9.82 39.30 8.89
C LEU C 338 10.16 40.64 8.27
N SER C 339 9.38 41.66 8.60
CA SER C 339 9.30 42.88 7.80
C SER C 339 9.41 44.11 8.68
N GLY C 340 10.44 44.16 9.52
CA GLY C 340 10.62 45.30 10.39
C GLY C 340 11.76 45.08 11.36
N ASN C 341 11.48 45.22 12.65
CA ASN C 341 12.52 45.21 13.67
C ASN C 341 13.06 43.79 13.77
N ILE C 342 13.94 43.46 12.82
CA ILE C 342 14.41 42.10 12.63
C ILE C 342 15.22 41.60 13.82
N SER C 343 15.71 42.51 14.66
CA SER C 343 16.36 42.09 15.89
C SER C 343 15.41 41.34 16.80
N GLN C 344 14.10 41.50 16.62
CA GLN C 344 13.09 40.75 17.36
C GLN C 344 12.87 39.35 16.79
N CYS C 345 13.75 38.84 15.94
CA CYS C 345 13.60 37.49 15.45
C CYS C 345 13.96 36.46 16.52
N PRO C 346 13.40 35.26 16.45
CA PRO C 346 13.83 34.19 17.35
C PRO C 346 15.13 33.56 16.85
N ARG C 347 15.56 32.52 17.57
CA ARG C 347 16.79 31.83 17.27
C ARG C 347 16.82 30.52 18.05
N THR C 348 17.11 29.41 17.37
CA THR C 348 16.92 28.08 17.94
C THR C 348 18.04 27.17 17.49
N THR C 349 18.15 26.03 18.19
CA THR C 349 19.30 25.16 18.09
C THR C 349 19.05 24.07 17.06
N VAL C 350 19.85 24.05 16.00
CA VAL C 350 19.79 22.93 15.07
C VAL C 350 20.15 21.67 15.83
N THR C 351 19.54 20.58 15.42
CA THR C 351 20.03 19.27 15.83
C THR C 351 20.09 18.23 14.71
N SER C 352 19.20 18.28 13.72
CA SER C 352 19.11 17.17 12.78
C SER C 352 20.21 17.20 11.73
N ASP C 353 20.23 18.24 10.90
CA ASP C 353 20.98 18.24 9.65
C ASP C 353 21.79 19.52 9.50
N ILE C 354 22.86 19.42 8.72
CA ILE C 354 23.64 20.58 8.29
C ILE C 354 23.00 21.09 7.00
N VAL C 355 22.11 22.07 7.15
CA VAL C 355 21.31 22.59 6.04
C VAL C 355 22.12 23.39 5.02
N PRO C 356 23.24 24.05 5.38
CA PRO C 356 24.11 24.63 4.35
C PRO C 356 24.58 23.62 3.32
N ARG C 357 25.25 24.14 2.28
CA ARG C 357 25.56 23.52 1.00
C ARG C 357 24.36 23.57 0.04
N TYR C 358 23.16 23.91 0.50
CA TYR C 358 22.19 24.62 -0.34
C TYR C 358 22.26 26.09 0.03
N ALA C 359 23.41 26.64 -0.29
CA ALA C 359 23.75 28.02 -0.03
C ALA C 359 23.98 28.67 -1.39
N PHE C 360 22.89 29.11 -2.00
CA PHE C 360 22.90 29.68 -3.34
C PHE C 360 21.79 30.71 -3.43
N VAL C 361 22.15 31.98 -3.51
CA VAL C 361 21.20 33.09 -3.51
C VAL C 361 21.56 33.99 -4.68
N ASN C 362 20.80 33.89 -5.76
CA ASN C 362 20.98 34.75 -6.92
C ASN C 362 22.38 34.60 -7.50
N GLY C 363 22.83 33.36 -7.62
CA GLY C 363 24.18 33.06 -8.04
C GLY C 363 25.17 33.00 -6.91
N GLY C 364 24.97 33.82 -5.88
CA GLY C 364 25.92 33.92 -4.79
C GLY C 364 25.94 32.70 -3.91
N VAL C 365 26.46 32.85 -2.69
CA VAL C 365 26.50 31.77 -1.72
C VAL C 365 26.27 32.33 -0.32
N VAL C 366 25.45 31.62 0.45
CA VAL C 366 25.06 32.03 1.78
C VAL C 366 25.05 30.82 2.70
N ALA C 367 26.10 30.63 3.48
CA ALA C 367 26.24 29.40 4.26
C ALA C 367 27.05 29.68 5.50
N ASN C 368 27.15 28.65 6.34
CA ASN C 368 27.63 28.78 7.71
C ASN C 368 29.12 28.42 7.77
N CYS C 369 29.90 29.14 6.97
CA CYS C 369 31.30 28.77 6.78
C CYS C 369 32.19 29.09 7.97
N ILE C 370 31.66 29.71 9.03
CA ILE C 370 32.47 29.87 10.24
C ILE C 370 32.85 28.52 10.81
N THR C 371 31.95 27.54 10.71
CA THR C 371 32.22 26.17 11.12
C THR C 371 32.30 25.19 9.96
N THR C 372 31.41 25.30 8.97
CA THR C 372 31.49 24.45 7.79
C THR C 372 32.45 25.11 6.80
N THR C 373 33.74 25.05 7.15
CA THR C 373 34.77 25.88 6.52
C THR C 373 34.78 25.72 5.02
N CYS C 374 35.12 26.82 4.33
CA CYS C 374 34.99 26.95 2.90
C CYS C 374 36.27 27.51 2.32
N THR C 375 36.37 27.49 0.99
CA THR C 375 37.59 27.84 0.29
C THR C 375 37.24 28.51 -1.02
N CYS C 376 37.91 29.61 -1.33
CA CYS C 376 37.87 30.20 -2.67
C CYS C 376 39.15 29.85 -3.42
N ASN C 377 39.23 28.59 -3.86
CA ASN C 377 40.37 28.13 -4.65
C ASN C 377 40.23 28.77 -6.03
N GLY C 378 40.57 30.06 -6.07
CA GLY C 378 40.33 30.93 -7.20
C GLY C 378 39.10 31.76 -6.90
N ILE C 379 39.21 33.01 -6.41
CA ILE C 379 40.44 33.74 -6.14
C ILE C 379 41.02 33.33 -4.78
N GLY C 380 42.00 32.44 -4.85
CA GLY C 380 42.67 31.74 -3.75
C GLY C 380 42.83 32.38 -2.39
N ASN C 381 42.28 31.69 -1.40
CA ASN C 381 42.53 31.90 0.03
C ASN C 381 41.81 30.76 0.75
N ARG C 382 41.80 30.81 2.07
CA ARG C 382 40.79 30.12 2.86
C ARG C 382 39.84 31.15 3.41
N ILE C 383 38.55 30.82 3.43
CA ILE C 383 37.55 31.77 3.86
C ILE C 383 37.63 31.94 5.37
N ASN C 384 37.55 33.18 5.82
CA ASN C 384 38.08 33.57 7.11
C ASN C 384 37.02 33.30 8.18
N GLN C 385 37.26 33.79 9.41
CA GLN C 385 36.46 33.43 10.59
C GLN C 385 36.10 34.66 11.40
N PRO C 386 35.19 35.49 10.89
CA PRO C 386 34.64 36.58 11.71
C PRO C 386 33.74 36.02 12.79
N PRO C 387 34.19 36.01 14.06
CA PRO C 387 33.47 35.20 15.06
C PRO C 387 32.04 35.62 15.31
N ASP C 388 31.74 36.91 15.20
CA ASP C 388 30.36 37.37 15.33
C ASP C 388 29.48 36.89 14.20
N GLN C 389 30.07 36.45 13.10
CA GLN C 389 29.33 36.10 11.91
C GLN C 389 28.70 34.73 12.06
N GLY C 390 27.57 34.55 11.38
CA GLY C 390 26.98 33.24 11.19
C GLY C 390 26.94 32.89 9.72
N VAL C 391 26.89 33.89 8.85
CA VAL C 391 26.95 33.66 7.41
C VAL C 391 27.66 34.81 6.72
N LYS C 392 28.76 34.48 6.06
CA LYS C 392 29.31 35.38 5.07
C LYS C 392 28.40 35.42 3.85
N ILE C 393 28.60 36.44 3.03
CA ILE C 393 27.98 36.51 1.71
C ILE C 393 29.09 36.80 0.71
N ILE C 394 29.16 35.99 -0.33
CA ILE C 394 30.28 36.04 -1.27
C ILE C 394 29.69 36.21 -2.66
N THR C 395 30.09 37.26 -3.35
CA THR C 395 29.55 37.60 -4.64
C THR C 395 30.32 36.91 -5.77
N HIS C 396 29.66 36.84 -6.93
CA HIS C 396 30.31 36.33 -8.12
C HIS C 396 31.50 37.18 -8.51
N LYS C 397 31.42 38.49 -8.28
CA LYS C 397 32.54 39.36 -8.57
C LYS C 397 33.64 39.20 -7.53
N GLU C 398 33.28 38.92 -6.28
CA GLU C 398 34.28 38.70 -5.24
C GLU C 398 35.09 37.44 -5.53
N CYS C 399 34.43 36.28 -5.59
CA CYS C 399 35.08 35.01 -5.83
C CYS C 399 34.56 34.44 -7.13
N ASN C 400 35.46 34.22 -8.09
CA ASN C 400 35.07 33.75 -9.41
C ASN C 400 34.83 32.25 -9.48
N THR C 401 35.15 31.50 -8.42
CA THR C 401 34.61 30.16 -8.24
C THR C 401 34.85 29.75 -6.81
N ILE C 402 33.77 29.43 -6.09
CA ILE C 402 33.84 29.18 -4.65
C ILE C 402 33.95 27.68 -4.41
N GLY C 403 34.71 27.32 -3.38
CA GLY C 403 34.72 25.97 -2.87
C GLY C 403 33.91 25.85 -1.59
N ILE C 404 33.63 24.60 -1.26
CA ILE C 404 32.84 24.19 -0.11
C ILE C 404 33.70 23.14 0.58
N ASN C 405 33.07 22.19 1.27
CA ASN C 405 33.71 21.00 1.82
C ASN C 405 34.72 20.29 0.90
N GLY C 406 34.81 20.64 -0.40
CA GLY C 406 35.86 20.12 -1.26
C GLY C 406 35.52 19.92 -2.74
N MET C 407 34.45 20.53 -3.22
CA MET C 407 34.13 20.59 -4.64
C MET C 407 34.14 22.04 -5.13
N LEU C 408 34.18 22.18 -6.45
CA LEU C 408 34.49 23.47 -7.08
C LEU C 408 33.77 23.55 -8.42
N PHE C 409 32.75 24.40 -8.50
CA PHE C 409 32.07 24.69 -9.76
C PHE C 409 31.62 26.15 -9.71
N ASN C 410 30.86 26.57 -10.72
CA ASN C 410 30.32 27.91 -10.76
C ASN C 410 28.98 27.90 -11.49
N THR C 411 28.03 28.68 -10.96
CA THR C 411 26.65 28.60 -11.45
C THR C 411 26.48 29.37 -12.76
N ASN C 412 26.57 30.70 -12.69
CA ASN C 412 26.40 31.57 -13.86
C ASN C 412 27.61 32.46 -14.13
N LYS C 413 28.11 33.29 -13.20
CA LYS C 413 27.57 33.59 -11.86
C LYS C 413 27.07 35.03 -11.74
N GLU C 414 26.96 35.73 -12.87
CA GLU C 414 26.69 37.16 -12.87
C GLU C 414 25.21 37.41 -12.65
N GLY C 415 24.84 37.62 -11.38
CA GLY C 415 23.48 37.93 -10.98
C GLY C 415 23.34 39.33 -10.42
N THR C 416 22.76 39.46 -9.22
CA THR C 416 22.51 40.79 -8.65
C THR C 416 22.40 40.63 -7.13
N LEU C 417 23.44 41.08 -6.42
CA LEU C 417 23.47 40.96 -4.97
C LEU C 417 24.67 41.72 -4.43
N ALA C 418 24.56 42.16 -3.18
CA ALA C 418 25.61 43.00 -2.59
C ALA C 418 25.54 42.89 -1.08
N PHE C 419 26.68 43.19 -0.45
CA PHE C 419 26.77 43.19 1.01
C PHE C 419 28.07 43.81 1.45
N TYR C 420 28.01 44.64 2.49
CA TYR C 420 29.21 45.08 3.19
C TYR C 420 29.01 45.26 4.70
N THR C 421 27.86 44.87 5.26
CA THR C 421 27.38 45.45 6.51
C THR C 421 27.58 44.53 7.71
N PRO C 422 28.62 44.67 8.52
CA PRO C 422 28.66 43.95 9.80
C PRO C 422 27.59 44.47 10.75
N ASP C 423 27.14 43.60 11.65
CA ASP C 423 26.01 43.88 12.50
C ASP C 423 26.18 43.24 13.87
N ASP C 424 25.71 43.92 14.89
CA ASP C 424 25.54 43.36 16.22
C ASP C 424 24.08 43.51 16.62
N ILE C 425 23.52 42.45 17.20
CA ILE C 425 22.08 42.21 17.19
C ILE C 425 21.62 41.86 18.60
N THR C 426 20.43 42.33 18.95
CA THR C 426 19.83 42.02 20.24
C THR C 426 19.47 40.53 20.32
N LEU C 427 19.45 40.01 21.55
CA LEU C 427 19.41 38.58 21.82
C LEU C 427 18.21 38.17 22.66
N ASN C 428 17.13 38.96 22.60
CA ASN C 428 16.05 38.85 23.58
C ASN C 428 14.87 38.02 23.07
N ASN C 429 15.11 37.04 22.20
CA ASN C 429 14.08 36.11 21.76
C ASN C 429 14.62 34.69 21.63
N SER C 430 15.41 34.25 22.60
CA SER C 430 15.86 32.87 22.63
C SER C 430 14.70 31.97 23.02
N VAL C 431 14.42 30.97 22.19
CA VAL C 431 13.32 30.04 22.38
C VAL C 431 13.80 28.63 22.09
N ALA C 432 12.90 27.67 22.28
CA ALA C 432 13.14 26.27 21.99
C ALA C 432 11.83 25.67 21.49
N LEU C 433 11.83 24.36 21.29
CA LEU C 433 10.64 23.65 20.81
C LEU C 433 10.34 22.41 21.63
N ASP C 434 11.36 21.83 22.26
CA ASP C 434 11.18 20.54 22.90
C ASP C 434 10.34 20.71 24.17
N PRO C 435 9.15 20.10 24.25
CA PRO C 435 8.25 20.42 25.37
C PRO C 435 8.86 20.13 26.72
N ILE C 436 9.70 19.10 26.77
CA ILE C 436 10.47 18.81 27.98
C ILE C 436 11.28 20.04 28.38
N ASP C 437 11.97 20.63 27.41
CA ASP C 437 12.83 21.77 27.71
C ASP C 437 12.00 22.98 28.14
N ILE C 438 10.87 23.21 27.47
CA ILE C 438 9.99 24.30 27.89
C ILE C 438 9.55 24.09 29.33
N SER C 439 9.11 22.87 29.63
CA SER C 439 8.63 22.56 30.97
C SER C 439 9.73 22.73 32.00
N ILE C 440 10.95 22.35 31.65
CA ILE C 440 12.05 22.43 32.61
C ILE C 440 12.39 23.88 32.89
N GLU C 441 12.44 24.72 31.86
CA GLU C 441 12.66 26.13 32.11
C GLU C 441 11.51 26.73 32.91
N LEU C 442 10.29 26.23 32.70
CA LEU C 442 9.17 26.71 33.49
C LEU C 442 9.31 26.31 34.94
N ASN C 443 9.80 25.10 35.21
CA ASN C 443 9.98 24.67 36.58
C ASN C 443 11.13 25.42 37.24
N LYS C 444 12.14 25.78 36.47
CA LYS C 444 13.19 26.65 36.97
C LYS C 444 12.62 28.00 37.37
N VAL C 445 11.74 28.54 36.53
CA VAL C 445 11.10 29.80 36.86
C VAL C 445 10.18 29.63 38.06
N LYS C 446 9.55 28.46 38.20
CA LYS C 446 8.76 28.19 39.39
C LYS C 446 9.62 28.28 40.64
N SER C 447 10.79 27.65 40.60
CA SER C 447 11.71 27.71 41.73
C SER C 447 12.05 29.15 42.06
N ASP C 448 12.41 29.92 41.04
CA ASP C 448 12.81 31.31 41.26
C ASP C 448 11.67 32.14 41.83
N LEU C 449 10.48 32.03 41.25
CA LEU C 449 9.36 32.83 41.71
C LEU C 449 8.89 32.38 43.08
N GLU C 450 9.06 31.11 43.43
CA GLU C 450 8.71 30.67 44.77
C GLU C 450 9.67 31.24 45.80
N GLU C 451 10.96 31.26 45.48
CA GLU C 451 11.92 31.97 46.34
C GLU C 451 11.51 33.42 46.50
N SER C 452 11.15 34.09 45.40
CA SER C 452 10.84 35.51 45.46
C SER C 452 9.57 35.76 46.27
N LYS C 453 8.54 34.95 46.06
CA LYS C 453 7.25 35.17 46.71
C LYS C 453 7.23 34.68 48.14
N GLU C 454 8.20 33.86 48.55
CA GLU C 454 8.49 33.71 49.97
C GLU C 454 9.27 34.90 50.49
N TRP C 455 10.05 35.55 49.62
CA TRP C 455 10.89 36.67 50.02
C TRP C 455 10.22 38.00 49.65
N VAL D 1 3.88 -40.18 -45.48
CA VAL D 1 4.82 -41.25 -45.17
C VAL D 1 4.02 -42.53 -44.89
N GLN D 2 4.43 -43.35 -43.92
CA GLN D 2 3.78 -44.63 -43.65
C GLN D 2 3.88 -44.93 -42.18
N LEU D 3 2.74 -45.18 -41.54
CA LEU D 3 2.69 -45.75 -40.21
C LEU D 3 2.08 -47.14 -40.30
N GLN D 4 2.26 -47.93 -39.23
CA GLN D 4 1.85 -49.32 -39.30
C GLN D 4 1.84 -49.87 -37.88
N GLU D 5 0.76 -50.57 -37.54
CA GLU D 5 0.55 -51.05 -36.18
C GLU D 5 1.04 -52.48 -36.03
N SER D 6 1.00 -52.98 -34.79
CA SER D 6 1.42 -54.35 -34.53
C SER D 6 1.00 -54.74 -33.11
N GLY D 7 0.66 -56.01 -32.95
CA GLY D 7 0.40 -56.59 -31.66
C GLY D 7 -0.82 -57.49 -31.66
N PRO D 8 -1.08 -58.16 -30.53
CA PRO D 8 -2.23 -59.07 -30.48
C PRO D 8 -3.57 -58.33 -30.51
N GLY D 9 -4.66 -59.08 -30.51
CA GLY D 9 -5.99 -58.52 -30.65
C GLY D 9 -7.02 -59.18 -29.76
N LEU D 10 -6.61 -59.63 -28.58
CA LEU D 10 -7.51 -60.33 -27.67
C LEU D 10 -6.99 -60.13 -26.26
N VAL D 11 -7.86 -59.64 -25.38
CA VAL D 11 -7.48 -59.38 -23.99
C VAL D 11 -8.67 -59.69 -23.08
N LYS D 12 -8.42 -60.46 -22.04
CA LYS D 12 -9.38 -60.80 -21.01
C LYS D 12 -9.50 -59.63 -20.02
N PRO D 13 -10.64 -59.48 -19.34
CA PRO D 13 -10.96 -58.20 -18.74
C PRO D 13 -10.12 -57.87 -17.52
N SER D 14 -10.04 -56.58 -17.24
CA SER D 14 -9.30 -56.04 -16.09
C SER D 14 -7.85 -56.49 -16.08
N GLU D 15 -7.26 -56.61 -17.28
CA GLU D 15 -5.88 -56.96 -17.47
C GLU D 15 -5.12 -55.78 -18.07
N THR D 16 -3.84 -56.01 -18.36
CA THR D 16 -2.99 -55.04 -19.02
C THR D 16 -3.07 -55.21 -20.53
N LEU D 17 -2.90 -54.11 -21.25
CA LEU D 17 -2.89 -54.10 -22.71
C LEU D 17 -1.79 -53.19 -23.19
N SER D 18 -1.19 -53.55 -24.33
CA SER D 18 -0.09 -52.79 -24.90
C SER D 18 0.07 -53.21 -26.35
N LEU D 19 0.11 -52.23 -27.25
CA LEU D 19 0.28 -52.48 -28.68
C LEU D 19 1.20 -51.43 -29.25
N THR D 20 1.87 -51.80 -30.34
CA THR D 20 2.98 -51.02 -30.88
C THR D 20 2.59 -50.41 -32.22
N CYS D 21 3.33 -49.37 -32.60
CA CYS D 21 3.08 -48.68 -33.84
C CYS D 21 4.39 -48.03 -34.29
N THR D 22 4.72 -48.23 -35.56
CA THR D 22 6.03 -47.93 -36.08
C THR D 22 5.91 -47.34 -37.47
N VAL D 23 6.86 -46.48 -37.80
CA VAL D 23 6.87 -45.83 -39.11
C VAL D 23 7.65 -46.70 -40.09
N SER D 24 7.42 -46.45 -41.37
CA SER D 24 8.20 -47.00 -42.46
C SER D 24 8.57 -45.79 -43.33
N GLY D 25 9.65 -45.12 -42.94
CA GLY D 25 10.06 -43.86 -43.55
C GLY D 25 9.87 -42.71 -42.59
N GLY D 26 10.02 -41.50 -43.13
CA GLY D 26 9.87 -40.31 -42.34
C GLY D 26 11.08 -40.04 -41.47
N SER D 27 10.84 -39.38 -40.33
CA SER D 27 11.91 -38.92 -39.46
C SER D 27 11.34 -38.67 -38.07
N VAL D 28 11.76 -39.48 -37.11
CA VAL D 28 11.31 -39.32 -35.73
C VAL D 28 12.11 -38.22 -35.04
N SER D 29 11.67 -37.86 -33.85
CA SER D 29 12.34 -36.95 -32.91
C SER D 29 12.17 -35.50 -33.30
N SER D 30 11.57 -35.20 -34.45
CA SER D 30 11.35 -33.83 -34.89
C SER D 30 9.98 -33.31 -34.54
N TYR D 31 9.05 -34.17 -34.12
CA TYR D 31 7.68 -33.78 -33.83
C TYR D 31 7.03 -34.93 -33.07
N TYR D 32 5.71 -34.87 -32.92
CA TYR D 32 4.95 -35.74 -32.05
C TYR D 32 4.37 -36.92 -32.84
N TRP D 33 3.60 -37.74 -32.14
CA TRP D 33 2.55 -38.56 -32.73
C TRP D 33 1.38 -38.57 -31.75
N SER D 34 0.32 -39.33 -32.06
CA SER D 34 -0.77 -39.43 -31.10
C SER D 34 -1.63 -40.64 -31.41
N TRP D 35 -2.55 -40.93 -30.49
CA TRP D 35 -3.38 -42.14 -30.53
C TRP D 35 -4.84 -41.75 -30.52
N ILE D 36 -5.61 -42.39 -31.39
CA ILE D 36 -7.03 -42.16 -31.52
C ILE D 36 -7.68 -43.53 -31.59
N ARG D 37 -8.87 -43.65 -31.02
CA ARG D 37 -9.64 -44.89 -31.09
C ARG D 37 -11.09 -44.59 -31.39
N GLN D 38 -11.81 -45.64 -31.74
CA GLN D 38 -13.26 -45.53 -31.77
C GLN D 38 -13.86 -46.91 -31.58
N PRO D 39 -15.03 -47.03 -30.97
CA PRO D 39 -15.76 -48.28 -31.01
C PRO D 39 -16.12 -48.64 -32.44
N PRO D 40 -16.41 -49.91 -32.72
CA PRO D 40 -16.80 -50.29 -34.08
C PRO D 40 -18.11 -49.66 -34.50
N GLY D 41 -18.97 -49.33 -33.55
CA GLY D 41 -20.26 -48.74 -33.86
C GLY D 41 -20.22 -47.25 -34.15
N LYS D 42 -19.85 -46.45 -33.15
CA LYS D 42 -20.10 -45.02 -33.18
C LYS D 42 -19.00 -44.25 -32.45
N GLY D 43 -18.81 -43.00 -32.87
CA GLY D 43 -17.98 -42.06 -32.15
C GLY D 43 -16.55 -42.05 -32.62
N LEU D 44 -15.76 -41.19 -31.97
CA LEU D 44 -14.33 -41.13 -32.21
C LEU D 44 -13.71 -40.39 -31.05
N GLU D 45 -12.88 -41.08 -30.26
CA GLU D 45 -12.43 -40.62 -28.97
C GLU D 45 -10.91 -40.56 -28.94
N TRP D 46 -10.38 -39.38 -28.66
CA TRP D 46 -8.95 -39.21 -28.54
C TRP D 46 -8.46 -39.72 -27.20
N ILE D 47 -7.33 -40.42 -27.23
CA ILE D 47 -6.78 -41.03 -26.03
C ILE D 47 -5.72 -40.10 -25.47
N GLY D 48 -4.68 -39.88 -26.25
CA GLY D 48 -3.56 -39.09 -25.79
C GLY D 48 -2.49 -38.98 -26.86
N ASN D 49 -1.63 -38.00 -26.67
CA ASN D 49 -0.52 -37.76 -27.57
C ASN D 49 0.76 -38.41 -27.03
N ILE D 50 1.77 -38.44 -27.89
CA ILE D 50 3.13 -38.79 -27.51
C ILE D 50 4.04 -37.75 -28.11
N TYR D 51 4.98 -37.28 -27.32
CA TYR D 51 5.95 -36.29 -27.76
C TYR D 51 7.34 -36.88 -27.61
N TYR D 52 8.21 -36.58 -28.58
CA TYR D 52 9.47 -37.31 -28.69
C TYR D 52 10.39 -37.09 -27.49
N SER D 53 10.18 -36.03 -26.72
CA SER D 53 10.95 -35.78 -25.52
C SER D 53 10.38 -36.48 -24.29
N GLY D 54 9.63 -37.56 -24.49
CA GLY D 54 9.03 -38.27 -23.39
C GLY D 54 7.99 -37.45 -22.65
N THR D 55 7.03 -36.90 -23.40
CA THR D 55 5.91 -36.17 -22.82
C THR D 55 4.62 -36.64 -23.45
N THR D 56 3.61 -36.84 -22.61
CA THR D 56 2.31 -37.34 -23.03
C THR D 56 1.23 -36.51 -22.36
N LYS D 57 0.10 -36.38 -23.05
CA LYS D 57 -1.01 -35.60 -22.57
C LYS D 57 -2.29 -36.30 -23.01
N TYR D 58 -3.21 -36.49 -22.06
CA TYR D 58 -4.29 -37.46 -22.17
C TYR D 58 -5.64 -36.78 -21.98
N ASN D 59 -6.67 -37.42 -22.53
CA ASN D 59 -8.03 -36.97 -22.36
C ASN D 59 -8.51 -37.38 -20.97
N PRO D 60 -8.88 -36.43 -20.09
CA PRO D 60 -9.28 -36.83 -18.73
C PRO D 60 -10.56 -37.64 -18.65
N SER D 61 -11.26 -37.84 -19.77
CA SER D 61 -12.30 -38.86 -19.80
C SER D 61 -11.73 -40.24 -19.50
N LEU D 62 -10.44 -40.44 -19.78
CA LEU D 62 -9.71 -41.64 -19.43
C LEU D 62 -8.54 -41.29 -18.51
N LYS D 63 -8.80 -40.42 -17.53
CA LYS D 63 -7.75 -39.90 -16.66
C LYS D 63 -7.14 -41.00 -15.80
N SER D 64 -5.82 -40.96 -15.64
CA SER D 64 -5.07 -41.83 -14.74
C SER D 64 -5.38 -43.30 -14.99
N ARG D 65 -5.22 -43.71 -16.25
CA ARG D 65 -5.48 -45.08 -16.65
C ARG D 65 -4.40 -45.63 -17.57
N VAL D 66 -3.59 -44.76 -18.17
CA VAL D 66 -2.93 -45.03 -19.44
C VAL D 66 -1.51 -44.48 -19.43
N THR D 67 -0.68 -45.03 -20.30
CA THR D 67 0.66 -44.49 -20.54
C THR D 67 1.06 -44.79 -21.97
N ILE D 68 1.78 -43.86 -22.59
CA ILE D 68 2.25 -43.99 -23.96
C ILE D 68 3.77 -43.89 -23.93
N SER D 69 4.41 -44.60 -24.85
CA SER D 69 5.84 -44.81 -24.84
C SER D 69 6.52 -44.11 -26.01
N VAL D 70 7.84 -44.08 -25.95
CA VAL D 70 8.70 -43.49 -26.98
C VAL D 70 9.70 -44.55 -27.43
N ASP D 71 10.12 -44.45 -28.69
CA ASP D 71 11.22 -45.28 -29.15
C ASP D 71 11.89 -44.55 -30.32
N VAL D 72 13.01 -43.91 -30.04
CA VAL D 72 13.65 -43.05 -31.02
C VAL D 72 14.52 -43.86 -31.98
N SER D 73 15.11 -44.95 -31.50
CA SER D 73 16.02 -45.73 -32.33
C SER D 73 15.26 -46.57 -33.34
N LYS D 74 14.34 -47.40 -32.85
CA LYS D 74 13.50 -48.21 -33.73
C LYS D 74 12.40 -47.40 -34.42
N ASN D 75 12.28 -46.11 -34.12
CA ASN D 75 11.35 -45.21 -34.80
C ASN D 75 9.90 -45.62 -34.55
N GLN D 76 9.58 -45.95 -33.29
CA GLN D 76 8.26 -46.47 -32.96
C GLN D 76 7.78 -45.89 -31.64
N PHE D 77 6.60 -46.35 -31.22
CA PHE D 77 5.98 -45.93 -29.98
C PHE D 77 4.77 -46.82 -29.75
N SER D 78 4.38 -46.96 -28.49
CA SER D 78 3.40 -47.98 -28.13
C SER D 78 2.59 -47.51 -26.94
N LEU D 79 1.65 -48.37 -26.55
CA LEU D 79 0.69 -48.08 -25.51
C LEU D 79 0.89 -49.04 -24.35
N ASN D 80 0.41 -48.63 -23.18
CA ASN D 80 0.42 -49.48 -21.99
C ASN D 80 -0.65 -48.97 -21.05
N LEU D 81 -1.73 -49.74 -20.92
CA LEU D 81 -2.82 -49.39 -20.01
C LEU D 81 -3.26 -50.62 -19.24
N ILE D 82 -3.98 -50.37 -18.15
CA ILE D 82 -4.16 -51.37 -17.09
C ILE D 82 -5.63 -51.69 -16.82
N SER D 83 -6.52 -50.74 -17.03
CA SER D 83 -7.94 -50.91 -16.72
C SER D 83 -8.63 -51.32 -18.02
N VAL D 84 -8.31 -52.52 -18.47
CA VAL D 84 -8.75 -52.99 -19.80
C VAL D 84 -10.10 -53.67 -19.57
N THR D 85 -11.15 -52.86 -19.55
CA THR D 85 -12.49 -53.39 -19.45
C THR D 85 -12.93 -53.94 -20.80
N ALA D 86 -14.20 -54.35 -20.87
CA ALA D 86 -14.76 -54.91 -22.09
C ALA D 86 -15.44 -53.87 -22.96
N ALA D 87 -15.93 -52.79 -22.36
CA ALA D 87 -16.61 -51.76 -23.13
C ALA D 87 -15.69 -50.98 -24.05
N ASP D 88 -14.37 -51.15 -23.92
CA ASP D 88 -13.42 -50.51 -24.81
C ASP D 88 -13.15 -51.34 -26.06
N THR D 89 -14.01 -52.32 -26.35
CA THR D 89 -13.91 -53.06 -27.60
C THR D 89 -14.03 -52.08 -28.76
N ALA D 90 -12.99 -52.01 -29.58
CA ALA D 90 -12.78 -50.81 -30.37
C ALA D 90 -11.74 -51.10 -31.45
N VAL D 91 -11.30 -50.02 -32.11
CA VAL D 91 -10.14 -50.05 -32.99
C VAL D 91 -9.30 -48.84 -32.62
N TYR D 92 -7.97 -49.02 -32.75
CA TYR D 92 -6.96 -48.10 -32.22
C TYR D 92 -6.06 -47.66 -33.36
N PHE D 93 -6.37 -46.53 -33.99
CA PHE D 93 -5.58 -46.01 -35.09
C PHE D 93 -4.30 -45.36 -34.54
N CYS D 94 -3.50 -44.82 -35.46
CA CYS D 94 -2.30 -44.06 -35.14
C CYS D 94 -2.33 -42.72 -35.86
N ALA D 95 -1.65 -41.75 -35.29
CA ALA D 95 -1.59 -40.40 -35.82
C ALA D 95 -0.16 -40.04 -36.20
N ARG D 96 -0.08 -39.13 -37.17
CA ARG D 96 1.18 -38.45 -37.48
C ARG D 96 0.81 -37.15 -38.18
N GLN D 97 0.84 -36.04 -37.45
CA GLN D 97 0.42 -34.75 -37.98
C GLN D 97 1.42 -33.69 -37.55
N VAL D 98 1.17 -32.45 -37.96
CA VAL D 98 2.21 -31.44 -38.11
C VAL D 98 1.66 -30.07 -37.73
N LYS D 99 2.58 -29.11 -37.67
CA LYS D 99 2.33 -27.80 -37.08
C LYS D 99 1.22 -27.04 -37.80
N SER D 100 0.52 -26.22 -37.03
CA SER D 100 -0.22 -25.10 -37.59
C SER D 100 -0.49 -24.12 -36.46
N GLY D 101 0.23 -23.00 -36.46
CA GLY D 101 -0.16 -21.86 -35.66
C GLY D 101 -0.28 -22.05 -34.17
N TRP D 102 -1.53 -22.08 -33.70
CA TRP D 102 -1.84 -21.81 -32.30
C TRP D 102 -1.31 -22.92 -31.41
N PHE D 103 -1.86 -24.13 -31.55
CA PHE D 103 -1.27 -25.36 -31.07
C PHE D 103 -1.63 -26.41 -32.10
N VAL D 104 -1.00 -27.57 -31.99
CA VAL D 104 -0.87 -28.47 -33.14
C VAL D 104 -1.83 -29.63 -32.99
N GLN D 105 -2.33 -30.10 -34.13
CA GLN D 105 -3.45 -31.02 -34.18
C GLN D 105 -3.04 -32.41 -34.64
N PRO D 106 -3.29 -33.47 -33.86
CA PRO D 106 -3.21 -34.83 -34.39
C PRO D 106 -4.52 -35.37 -34.93
N PHE D 107 -4.40 -36.28 -35.89
CA PHE D 107 -5.52 -36.85 -36.63
C PHE D 107 -5.10 -38.20 -37.20
N ASP D 108 -5.97 -38.80 -38.00
CA ASP D 108 -5.63 -39.92 -38.85
C ASP D 108 -4.65 -39.47 -39.94
N TYR D 109 -3.48 -40.11 -40.00
CA TYR D 109 -2.56 -39.91 -41.12
C TYR D 109 -2.26 -41.22 -41.82
N TRP D 110 -1.90 -42.26 -41.08
CA TRP D 110 -1.82 -43.61 -41.62
C TRP D 110 -2.10 -44.60 -40.50
N GLY D 111 -3.14 -45.39 -40.68
CA GLY D 111 -3.38 -46.57 -39.86
C GLY D 111 -4.48 -47.38 -40.49
N GLN D 112 -4.21 -48.66 -40.74
CA GLN D 112 -5.20 -49.50 -41.42
C GLN D 112 -6.26 -50.00 -40.44
N GLY D 113 -5.90 -50.13 -39.16
CA GLY D 113 -6.80 -50.61 -38.15
C GLY D 113 -6.14 -51.58 -37.20
N ALA D 114 -6.26 -51.29 -35.91
CA ALA D 114 -5.78 -52.18 -34.86
C ALA D 114 -6.95 -53.06 -34.42
N LEU D 115 -6.96 -54.29 -34.91
CA LEU D 115 -8.11 -55.15 -34.72
C LEU D 115 -8.17 -55.64 -33.29
N VAL D 116 -8.93 -54.93 -32.45
CA VAL D 116 -9.11 -55.32 -31.06
C VAL D 116 -10.44 -56.05 -30.92
N THR D 117 -10.41 -57.19 -30.24
CA THR D 117 -11.61 -57.94 -29.89
C THR D 117 -11.36 -58.52 -28.49
N VAL D 118 -11.73 -57.75 -27.48
CA VAL D 118 -11.64 -58.19 -26.10
C VAL D 118 -12.76 -59.18 -25.82
N SER D 119 -12.69 -59.88 -24.69
CA SER D 119 -13.63 -60.95 -24.43
C SER D 119 -13.50 -61.36 -22.96
N SER D 120 -14.42 -62.21 -22.53
CA SER D 120 -14.48 -62.68 -21.14
C SER D 120 -13.52 -63.83 -20.91
N GLN E 1 -17.47 -28.18 -28.64
CA GLN E 1 -17.99 -29.47 -29.09
C GLN E 1 -18.67 -29.34 -30.45
N MET E 2 -18.67 -30.43 -31.21
CA MET E 2 -19.11 -30.44 -32.61
C MET E 2 -20.19 -31.47 -32.83
N THR E 3 -20.74 -31.42 -34.04
CA THR E 3 -21.86 -32.24 -34.45
C THR E 3 -21.91 -32.21 -35.97
N GLN E 4 -23.01 -32.70 -36.54
CA GLN E 4 -23.14 -32.82 -37.98
C GLN E 4 -24.56 -32.50 -38.39
N SER E 5 -24.68 -31.73 -39.49
CA SER E 5 -26.00 -31.23 -39.88
C SER E 5 -26.83 -32.35 -40.50
N PRO E 6 -26.41 -33.01 -41.58
CA PRO E 6 -27.06 -34.26 -41.97
C PRO E 6 -26.29 -35.45 -41.41
N PRO E 7 -26.97 -36.49 -40.91
CA PRO E 7 -26.27 -37.77 -40.71
C PRO E 7 -26.09 -38.56 -42.00
N SER E 8 -26.62 -38.09 -43.12
CA SER E 8 -26.48 -38.77 -44.40
C SER E 8 -27.06 -37.89 -45.48
N LEU E 9 -26.62 -38.11 -46.72
CA LEU E 9 -27.08 -37.35 -47.87
C LEU E 9 -27.16 -38.28 -49.07
N SER E 10 -28.40 -38.60 -49.47
CA SER E 10 -28.66 -39.40 -50.66
C SER E 10 -28.54 -38.50 -51.89
N ALA E 11 -27.30 -38.10 -52.16
CA ALA E 11 -26.99 -37.14 -53.22
C ALA E 11 -26.50 -37.86 -54.46
N TYR E 12 -27.20 -37.65 -55.57
CA TYR E 12 -26.79 -38.22 -56.84
C TYR E 12 -25.72 -37.34 -57.49
N VAL E 13 -24.98 -37.94 -58.42
CA VAL E 13 -23.87 -37.24 -59.06
C VAL E 13 -24.39 -36.04 -59.84
N GLY E 14 -23.63 -34.96 -59.79
CA GLY E 14 -23.92 -33.76 -60.56
C GLY E 14 -24.75 -32.74 -59.81
N ASP E 15 -24.31 -32.34 -58.61
CA ASP E 15 -24.94 -31.24 -57.91
C ASP E 15 -24.00 -30.73 -56.83
N ARG E 16 -24.27 -29.52 -56.37
CA ARG E 16 -23.57 -29.00 -55.20
C ARG E 16 -24.04 -29.73 -53.96
N VAL E 17 -23.09 -30.02 -53.08
CA VAL E 17 -23.36 -30.77 -51.86
C VAL E 17 -22.44 -30.23 -50.79
N THR E 18 -22.99 -30.01 -49.60
CA THR E 18 -22.27 -29.25 -48.60
C THR E 18 -22.83 -29.60 -47.23
N ILE E 19 -22.49 -28.78 -46.24
CA ILE E 19 -22.52 -29.16 -44.84
C ILE E 19 -22.64 -27.88 -44.04
N THR E 20 -23.08 -28.01 -42.79
CA THR E 20 -23.04 -26.90 -41.84
C THR E 20 -22.69 -27.48 -40.47
N CYS E 21 -21.40 -27.55 -40.17
CA CYS E 21 -20.98 -27.85 -38.82
C CYS E 21 -21.02 -26.59 -37.99
N ARG E 22 -21.67 -26.65 -36.83
CA ARG E 22 -21.82 -25.51 -35.95
C ARG E 22 -21.03 -25.77 -34.68
N ALA E 23 -20.21 -24.81 -34.31
CA ALA E 23 -19.35 -24.95 -33.16
C ALA E 23 -20.10 -24.68 -31.87
N SER E 24 -19.81 -25.47 -30.85
CA SER E 24 -20.54 -25.45 -29.58
C SER E 24 -19.53 -25.79 -28.48
N GLN E 25 -18.91 -24.78 -27.86
CA GLN E 25 -19.12 -23.34 -28.06
C GLN E 25 -18.68 -22.85 -29.43
N ALA E 26 -19.50 -21.96 -29.98
CA ALA E 26 -19.16 -21.22 -31.19
C ALA E 26 -17.79 -20.56 -31.04
N ILE E 27 -16.88 -20.82 -31.98
CA ILE E 27 -15.52 -20.31 -31.87
C ILE E 27 -14.76 -20.43 -33.17
N ALA E 28 -13.71 -19.61 -33.32
CA ALA E 28 -12.86 -19.51 -34.49
C ALA E 28 -12.12 -20.79 -34.83
N ASN E 29 -11.15 -21.20 -34.01
CA ASN E 29 -10.03 -22.00 -34.50
C ASN E 29 -10.53 -23.32 -35.04
N TYR E 30 -9.72 -23.89 -35.93
CA TYR E 30 -10.28 -24.47 -37.13
C TYR E 30 -10.29 -25.98 -37.06
N LEU E 31 -10.97 -26.55 -38.04
CA LEU E 31 -11.47 -27.90 -38.00
C LEU E 31 -10.91 -28.66 -39.19
N ALA E 32 -10.34 -29.83 -38.93
CA ALA E 32 -9.72 -30.64 -39.96
C ALA E 32 -10.77 -31.64 -40.42
N TRP E 33 -11.50 -31.27 -41.45
CA TRP E 33 -12.27 -32.24 -42.19
C TRP E 33 -11.35 -33.32 -42.69
N PHE E 34 -11.65 -34.55 -42.28
CA PHE E 34 -11.04 -35.74 -42.81
C PHE E 34 -12.12 -36.76 -43.14
N GLN E 35 -11.86 -37.50 -44.21
CA GLN E 35 -12.68 -38.64 -44.59
C GLN E 35 -12.10 -39.91 -43.99
N GLN E 36 -12.93 -40.68 -43.31
CA GLN E 36 -12.64 -42.07 -43.01
C GLN E 36 -13.38 -42.92 -44.01
N LYS E 37 -12.66 -43.88 -44.58
CA LYS E 37 -13.20 -44.83 -45.54
C LYS E 37 -13.12 -46.21 -44.91
N PRO E 38 -14.23 -46.84 -44.52
CA PRO E 38 -14.13 -48.18 -43.92
C PRO E 38 -13.62 -49.18 -44.95
N GLY E 39 -12.59 -49.93 -44.55
CA GLY E 39 -11.90 -50.86 -45.41
C GLY E 39 -10.47 -50.48 -45.70
N LYS E 40 -10.09 -49.24 -45.45
CA LYS E 40 -8.74 -48.76 -45.72
C LYS E 40 -8.32 -47.84 -44.58
N ALA E 41 -7.16 -47.19 -44.73
CA ALA E 41 -6.60 -46.33 -43.70
C ALA E 41 -7.03 -44.88 -43.95
N PRO E 42 -7.50 -44.15 -42.93
CA PRO E 42 -7.88 -42.75 -43.14
C PRO E 42 -6.69 -41.81 -43.27
N LYS E 43 -7.01 -40.53 -43.53
CA LYS E 43 -6.02 -39.48 -43.66
C LYS E 43 -6.70 -38.12 -43.48
N SER E 44 -5.90 -37.13 -43.08
CA SER E 44 -6.39 -35.78 -42.86
C SER E 44 -6.38 -34.98 -44.16
N LEU E 45 -7.45 -34.21 -44.38
CA LEU E 45 -7.72 -33.59 -45.68
C LEU E 45 -7.61 -32.07 -45.68
N ILE E 46 -8.39 -31.35 -44.87
CA ILE E 46 -8.45 -29.89 -44.95
C ILE E 46 -7.96 -29.32 -43.63
N TYR E 47 -6.67 -29.03 -43.53
CA TYR E 47 -6.15 -28.39 -42.34
C TYR E 47 -6.44 -26.90 -42.40
N ALA E 48 -7.23 -26.44 -41.43
CA ALA E 48 -7.48 -25.01 -41.19
C ALA E 48 -8.42 -24.40 -42.23
N ALA E 49 -9.39 -25.18 -42.68
CA ALA E 49 -10.67 -24.78 -43.26
C ALA E 49 -10.63 -24.27 -44.70
N SER E 50 -9.46 -23.98 -45.28
CA SER E 50 -9.35 -23.89 -46.73
C SER E 50 -8.05 -24.41 -47.29
N THR E 51 -7.01 -24.59 -46.46
CA THR E 51 -5.72 -25.05 -46.93
C THR E 51 -5.79 -26.58 -47.08
N LEU E 52 -6.49 -26.99 -48.11
CA LEU E 52 -6.57 -28.41 -48.44
C LEU E 52 -5.18 -28.97 -48.71
N GLN E 53 -5.01 -30.24 -48.38
CA GLN E 53 -3.71 -30.88 -48.27
C GLN E 53 -3.04 -30.96 -49.65
N SER E 54 -1.79 -31.40 -49.64
CA SER E 54 -1.08 -31.70 -50.88
C SER E 54 -1.79 -32.82 -51.63
N GLY E 55 -1.98 -32.62 -52.93
CA GLY E 55 -2.40 -33.67 -53.82
C GLY E 55 -3.90 -33.90 -53.88
N VAL E 56 -4.65 -33.48 -52.86
CA VAL E 56 -6.10 -33.60 -52.97
C VAL E 56 -6.59 -32.65 -54.06
N PRO E 57 -7.57 -33.02 -54.89
CA PRO E 57 -7.98 -32.12 -55.97
C PRO E 57 -8.62 -30.85 -55.42
N SER E 58 -8.79 -29.89 -56.32
CA SER E 58 -9.44 -28.63 -55.99
C SER E 58 -10.96 -28.73 -55.94
N ARG E 59 -11.53 -29.92 -56.14
CA ARG E 59 -12.98 -30.07 -56.09
C ARG E 59 -13.52 -29.69 -54.72
N PHE E 60 -12.84 -30.10 -53.66
CA PHE E 60 -13.24 -29.74 -52.31
C PHE E 60 -12.77 -28.33 -51.99
N SER E 61 -13.57 -27.60 -51.23
CA SER E 61 -13.06 -26.42 -50.57
C SER E 61 -13.98 -26.06 -49.41
N GLY E 62 -13.44 -25.26 -48.51
CA GLY E 62 -14.14 -24.92 -47.27
C GLY E 62 -14.25 -23.42 -47.12
N SER E 63 -15.42 -22.96 -46.68
CA SER E 63 -15.73 -21.53 -46.68
C SER E 63 -16.48 -21.18 -45.42
N GLY E 64 -15.82 -20.46 -44.52
CA GLY E 64 -16.46 -19.97 -43.31
C GLY E 64 -15.43 -19.78 -42.22
N SER E 65 -15.94 -19.42 -41.04
CA SER E 65 -15.12 -19.27 -39.85
C SER E 65 -16.03 -19.01 -38.66
N GLY E 66 -15.59 -19.48 -37.51
CA GLY E 66 -16.22 -19.10 -36.25
C GLY E 66 -17.32 -20.05 -35.84
N THR E 67 -18.52 -19.51 -35.64
CA THR E 67 -19.59 -20.26 -34.99
C THR E 67 -19.98 -21.48 -35.79
N ASP E 68 -19.81 -21.44 -37.10
CA ASP E 68 -20.14 -22.58 -37.94
C ASP E 68 -19.29 -22.50 -39.19
N PHE E 69 -19.50 -23.47 -40.08
CA PHE E 69 -18.61 -23.63 -41.22
C PHE E 69 -19.22 -24.61 -42.20
N THR E 70 -18.91 -24.42 -43.48
CA THR E 70 -19.56 -25.13 -44.56
C THR E 70 -18.59 -25.43 -45.69
N LEU E 71 -19.05 -26.31 -46.56
CA LEU E 71 -18.29 -26.93 -47.64
C LEU E 71 -18.64 -26.27 -48.98
N THR E 72 -17.89 -26.66 -50.00
CA THR E 72 -18.15 -26.21 -51.37
C THR E 72 -17.58 -27.27 -52.30
N ILE E 73 -18.46 -27.96 -53.02
CA ILE E 73 -18.09 -29.01 -53.95
C ILE E 73 -18.99 -28.94 -55.18
N SER E 74 -18.42 -29.27 -56.34
CA SER E 74 -19.19 -29.56 -57.53
C SER E 74 -18.46 -30.65 -58.30
N SER E 75 -19.07 -31.10 -59.40
CA SER E 75 -18.47 -32.10 -60.28
C SER E 75 -18.18 -33.39 -59.51
N LEU E 76 -19.28 -34.03 -59.11
CA LEU E 76 -19.19 -35.16 -58.19
C LEU E 76 -18.80 -36.44 -58.93
N GLN E 77 -18.21 -37.36 -58.17
CA GLN E 77 -17.79 -38.66 -58.69
C GLN E 77 -17.91 -39.66 -57.55
N PRO E 78 -18.08 -40.95 -57.85
CA PRO E 78 -18.44 -41.90 -56.78
C PRO E 78 -17.32 -42.21 -55.82
N GLU E 79 -16.06 -42.01 -56.21
CA GLU E 79 -14.95 -42.41 -55.35
C GLU E 79 -14.94 -41.68 -54.01
N ASP E 80 -15.58 -40.51 -53.92
CA ASP E 80 -15.82 -39.86 -52.64
C ASP E 80 -17.10 -40.45 -52.05
N PHE E 81 -16.96 -41.69 -51.56
CA PHE E 81 -18.01 -42.44 -50.89
C PHE E 81 -17.41 -42.91 -49.58
N ALA E 82 -17.44 -42.03 -48.59
CA ALA E 82 -16.74 -42.27 -47.34
C ALA E 82 -17.27 -41.31 -46.30
N THR E 83 -17.28 -41.77 -45.05
CA THR E 83 -17.86 -41.00 -43.97
C THR E 83 -16.87 -39.92 -43.54
N TYR E 84 -17.28 -38.66 -43.62
CA TYR E 84 -16.41 -37.57 -43.23
C TYR E 84 -16.69 -37.22 -41.78
N TYR E 85 -15.87 -36.34 -41.24
CA TYR E 85 -16.11 -35.83 -39.90
C TYR E 85 -15.68 -34.36 -39.86
N CYS E 86 -15.74 -33.78 -38.68
CA CYS E 86 -15.25 -32.43 -38.45
C CYS E 86 -14.80 -32.37 -37.00
N HIS E 87 -14.46 -31.18 -36.53
CA HIS E 87 -13.47 -31.11 -35.48
C HIS E 87 -13.48 -29.75 -34.78
N GLN E 88 -12.93 -29.72 -33.57
CA GLN E 88 -12.79 -28.52 -32.76
C GLN E 88 -11.48 -28.64 -32.00
N TYR E 89 -10.48 -27.87 -32.42
CA TYR E 89 -9.16 -28.01 -31.81
C TYR E 89 -9.05 -27.28 -30.49
N ASN E 90 -9.40 -26.00 -30.44
CA ASN E 90 -8.97 -25.17 -29.32
C ASN E 90 -9.87 -25.29 -28.09
N THR E 91 -10.18 -26.52 -27.72
CA THR E 91 -10.63 -26.90 -26.39
C THR E 91 -10.01 -28.29 -26.28
N TYR E 92 -8.87 -28.36 -25.59
CA TYR E 92 -7.80 -29.31 -25.83
C TYR E 92 -8.21 -30.74 -26.15
N PRO E 93 -9.25 -31.30 -25.52
CA PRO E 93 -9.70 -32.63 -25.95
C PRO E 93 -10.22 -32.56 -27.37
N ILE E 94 -9.69 -33.44 -28.19
CA ILE E 94 -9.69 -33.28 -29.63
C ILE E 94 -11.01 -33.83 -30.15
N THR E 95 -12.02 -32.97 -30.10
CA THR E 95 -13.41 -33.35 -30.32
C THR E 95 -13.64 -33.77 -31.77
N PHE E 96 -14.71 -34.54 -31.98
CA PHE E 96 -15.17 -34.91 -33.30
C PHE E 96 -16.69 -34.77 -33.32
N GLY E 97 -17.31 -35.32 -34.35
CA GLY E 97 -18.76 -35.29 -34.50
C GLY E 97 -19.31 -36.68 -34.73
N GLN E 98 -20.61 -36.77 -34.96
CA GLN E 98 -21.25 -38.07 -35.05
C GLN E 98 -20.88 -38.76 -36.36
N GLY E 99 -21.06 -38.08 -37.48
CA GLY E 99 -20.63 -38.58 -38.77
C GLY E 99 -21.60 -38.21 -39.87
N THR E 100 -21.10 -38.24 -41.11
CA THR E 100 -21.87 -37.96 -42.31
C THR E 100 -21.73 -39.13 -43.27
N ARG E 101 -22.65 -40.08 -43.20
CA ARG E 101 -22.64 -41.20 -44.15
C ARG E 101 -23.25 -40.72 -45.45
N LEU E 102 -22.40 -40.18 -46.32
CA LEU E 102 -22.82 -39.90 -47.67
C LEU E 102 -23.25 -41.18 -48.38
N GLU E 103 -24.24 -41.05 -49.26
CA GLU E 103 -24.69 -42.15 -50.10
C GLU E 103 -24.89 -41.61 -51.50
N ILE E 104 -23.99 -41.98 -52.40
CA ILE E 104 -24.14 -41.69 -53.82
C ILE E 104 -25.33 -42.48 -54.35
N LYS E 105 -25.79 -42.13 -55.56
CA LYS E 105 -27.04 -42.66 -56.08
C LYS E 105 -26.88 -43.11 -57.53
N ARG E 106 -28.01 -43.45 -58.17
CA ARG E 106 -28.03 -43.93 -59.55
C ARG E 106 -27.20 -45.21 -59.66
N ARG E 107 -27.66 -46.25 -58.96
CA ARG E 107 -26.89 -47.48 -58.88
C ARG E 107 -26.88 -48.18 -60.24
N THR E 108 -25.70 -48.69 -60.60
CA THR E 108 -25.49 -49.31 -61.90
C THR E 108 -25.65 -50.81 -61.82
#